data_2XQY
#
_entry.id   2XQY
#
_cell.length_a   82.310
_cell.length_b   100.630
_cell.length_c   161.830
_cell.angle_alpha   90.00
_cell.angle_beta   94.02
_cell.angle_gamma   90.00
#
_symmetry.space_group_name_H-M   'P 1 21 1'
#
loop_
_entity.id
_entity.type
_entity.pdbx_description
1 polymer 'ENVELOPE GLYCOPROTEIN H'
2 polymer 'A13-D6.3 MONOCLONAL ANTIBODY'
3 polymer 'A13-D6.3 MONOCLONAL ANTIBODY'
4 branched 2-acetamido-2-deoxy-beta-D-glucopyranose-(1-4)-2-acetamido-2-deoxy-beta-D-glucopyranose
5 non-polymer 2-acetamido-2-deoxy-beta-D-glucopyranose
6 water water
#
loop_
_entity_poly.entity_id
_entity_poly.type
_entity_poly.pdbx_seq_one_letter_code
_entity_poly.pdbx_strand_id
1 'polypeptide(L)'
;RSQRPRERPRLSGPPSGAELVAFDAPGVRRTYTTAAVWPAEVAVLADAEARCPAAVFNVTLGEAFLGLRVALRSFLPLEV
IISAERMRMIAPPALGSDLEPPGPPAGRFHVYTLGFLSDGAMHQTMRDVAAYVHESDDYLAQLSAAHAAALAAVVQPGPY
YFYRAAVRLGVAAFVFSEAARRDRRASAPALLRVESDARLLSRLLMRAAGCPAGFAGLFDGRAERVPVAPADQLRAAWTF
GEDPAPRLDLARATVAEAYRRSVRGKPFDQQALFFAVALLLRAGGPGDARETLLRTTAMCTAERAAAAAELTRAALSPTA
AWNEPFSLLDVLSPCAVSLRRDLGGDATLANLGAAARLALAPAGAPGAAAATDEGAEEEEEDPVARAAPEIPAEALLALP
LRGGASFVFTRRRPDCGPAYTLGGVDIANPLVLAIVSNDSAACDYTDRMPESQHLPATDNPSVCVYCDCVFVRYSSAGTI
LETVLIESKDMEEQLMAGANSTIPSFNPTLHGGDVKALMLFPNGTVVDLLSFTSTFEDDDDKAGWSHPQFEKGGGSGGGS
GGGSWSHPQFEK
;
A,E
2 'polypeptide(L)'
;RSKLLDQVQLQQPGAELVKPGASVKMSCKASGYSFTSYWMNWVKQRPGRGLEWIGRIDPSDNETHYNQDFKDKVTLTVDK
SSSTVYIQLSSLTSEDSAVYYCGRLGYVYGFDYWGQGTTLTVSSAKTTAPSVYPLAPVCGDTTGSSVTLGCLVKGYFPEP
VTLTWNSGSLSSGVHTFPAVLQSDLYTLSSSVTVTSSTWPSQSITCNVAHPASSTKVDKKIEPRASDDDDKAGWSHPQFE
KGGGSGGGSGGGSWSHPQFEK
;
G,J
3 'polypeptide(L)'
;RSDIVLTQSPASLALSLGQRATISCRASKSVSTSGYSYMYWYQQKPGQPPKLLIYLASNLESGVPARFSGSGSGTDFTLN
IHPVEEEDAATYYCQHSRELPWTFGGGTKLEINRADAAPTVSIFPPSSEQLTSGGASVVCFLNNFYPKDINVKWKIDGSE
RQNGVLNSWTDQDSKDSTYSMSSTLTLTKDEYERHNSYTCEATHKTSTSPIVKSFNRNEC
;
K,L
#
# COMPACT_ATOMS: atom_id res chain seq x y z
N GLY A 27 35.47 -2.41 67.15
CA GLY A 27 35.67 -1.99 65.77
C GLY A 27 35.46 -0.51 65.54
N VAL A 28 36.48 0.16 64.98
CA VAL A 28 36.49 1.59 64.63
C VAL A 28 35.55 1.87 63.43
N ARG A 29 34.57 2.79 63.61
CA ARG A 29 33.58 3.13 62.58
C ARG A 29 34.17 3.99 61.47
N ARG A 30 34.21 3.46 60.24
CA ARG A 30 34.78 4.17 59.08
C ARG A 30 33.88 3.98 57.87
N THR A 31 33.90 4.95 56.94
CA THR A 31 33.17 4.78 55.69
C THR A 31 34.05 4.09 54.64
N TYR A 32 33.46 3.14 53.91
CA TYR A 32 34.12 2.37 52.86
C TYR A 32 33.74 2.95 51.51
N THR A 33 34.70 3.59 50.83
CA THR A 33 34.48 4.26 49.54
C THR A 33 35.29 3.59 48.42
N THR A 34 34.61 3.21 47.34
CA THR A 34 35.16 2.56 46.16
C THR A 34 35.18 3.57 44.99
N ALA A 35 36.27 3.62 44.26
CA ALA A 35 36.36 4.38 43.01
C ALA A 35 36.41 3.42 41.84
N ALA A 36 35.65 3.72 40.77
CA ALA A 36 35.67 2.97 39.52
C ALA A 36 35.93 3.94 38.37
N VAL A 37 37.02 3.74 37.64
CA VAL A 37 37.44 4.62 36.54
C VAL A 37 37.20 3.90 35.23
N TRP A 38 36.31 4.43 34.36
CA TRP A 38 36.16 3.90 33.00
C TRP A 38 37.54 3.86 32.30
N PRO A 39 37.99 2.66 31.81
CA PRO A 39 39.39 2.52 31.36
C PRO A 39 39.79 3.09 29.98
N ALA A 40 38.90 3.81 29.31
CA ALA A 40 39.24 4.57 28.10
C ALA A 40 38.85 6.02 28.33
N GLU A 41 39.61 6.95 27.76
CA GLU A 41 39.22 8.36 27.73
C GLU A 41 37.97 8.51 26.87
N VAL A 42 37.08 9.40 27.31
CA VAL A 42 35.82 9.61 26.64
C VAL A 42 35.93 10.90 25.82
N ALA A 43 35.65 10.83 24.51
CA ALA A 43 35.48 12.03 23.69
C ALA A 43 34.07 12.59 23.94
N VAL A 44 33.95 13.47 24.93
CA VAL A 44 32.69 14.05 25.44
C VAL A 44 32.06 14.95 24.40
N LEU A 45 30.79 14.67 24.11
CA LEU A 45 29.98 15.39 23.14
C LEU A 45 28.96 16.30 23.82
N ALA A 46 28.35 15.83 24.92
CA ALA A 46 27.36 16.55 25.70
C ALA A 46 27.27 15.99 27.10
N ASP A 47 26.96 16.85 28.07
CA ASP A 47 26.57 16.46 29.41
C ASP A 47 25.50 17.38 29.98
N ALA A 48 24.72 16.87 30.93
CA ALA A 48 23.66 17.59 31.62
C ALA A 48 23.47 16.99 33.01
N GLU A 49 23.19 17.83 33.99
CA GLU A 49 22.85 17.37 35.33
C GLU A 49 21.74 18.24 35.93
N ALA A 50 20.76 17.57 36.56
CA ALA A 50 19.78 18.23 37.43
C ALA A 50 20.03 17.67 38.82
N ARG A 51 20.07 18.53 39.84
CA ARG A 51 20.48 18.12 41.18
C ARG A 51 19.84 18.99 42.24
N CYS A 52 19.20 18.34 43.23
CA CYS A 52 18.73 18.96 44.46
C CYS A 52 18.92 17.97 45.64
N PRO A 53 18.69 18.31 46.93
CA PRO A 53 18.83 17.26 47.98
C PRO A 53 17.96 16.01 47.82
N ALA A 54 16.80 16.12 47.14
CA ALA A 54 15.89 15.00 46.93
C ALA A 54 16.35 14.01 45.83
N ALA A 55 17.01 14.50 44.77
CA ALA A 55 17.35 13.69 43.59
C ALA A 55 18.52 14.25 42.79
N VAL A 56 19.23 13.35 42.09
CA VAL A 56 20.24 13.71 41.11
C VAL A 56 20.08 12.86 39.83
N PHE A 57 20.29 13.49 38.67
CA PHE A 57 20.21 12.85 37.37
C PHE A 57 21.25 13.49 36.46
N ASN A 58 22.24 12.68 36.04
CA ASN A 58 23.29 13.10 35.12
C ASN A 58 23.36 12.20 33.88
N VAL A 59 23.41 12.83 32.69
CA VAL A 59 23.63 12.18 31.38
C VAL A 59 24.97 12.72 30.82
N THR A 60 25.92 11.81 30.54
CA THR A 60 27.17 12.09 29.81
C THR A 60 27.16 11.36 28.48
N LEU A 61 27.24 12.12 27.37
CA LEU A 61 27.37 11.54 26.04
C LEU A 61 28.76 11.75 25.48
N GLY A 62 29.33 10.68 24.98
CA GLY A 62 30.61 10.69 24.29
C GLY A 62 30.50 9.92 23.01
N GLU A 63 31.59 9.84 22.24
CA GLU A 63 31.63 9.02 21.02
C GLU A 63 31.53 7.55 21.45
N ALA A 64 30.44 6.87 21.01
CA ALA A 64 30.11 5.46 21.35
C ALA A 64 30.05 5.20 22.89
N PHE A 65 29.62 6.22 23.67
CA PHE A 65 29.59 6.20 25.13
C PHE A 65 28.37 6.93 25.70
N LEU A 66 27.66 6.28 26.64
CA LEU A 66 26.70 6.88 27.56
C LEU A 66 27.11 6.54 29.00
N GLY A 67 27.30 7.57 29.82
CA GLY A 67 27.51 7.46 31.25
C GLY A 67 26.35 8.12 31.95
N LEU A 68 25.55 7.34 32.68
CA LEU A 68 24.31 7.83 33.28
C LEU A 68 24.30 7.51 34.76
N ARG A 69 24.03 8.53 35.58
CA ARG A 69 23.90 8.41 37.03
C ARG A 69 22.56 9.01 37.50
N VAL A 70 21.75 8.17 38.14
CA VAL A 70 20.47 8.56 38.72
C VAL A 70 20.38 8.12 40.21
N ALA A 71 19.94 9.03 41.09
CA ALA A 71 19.75 8.71 42.51
C ALA A 71 18.61 9.50 43.11
N LEU A 72 17.85 8.82 43.94
CA LEU A 72 16.75 9.37 44.71
C LEU A 72 17.20 9.27 46.16
N ARG A 73 17.02 10.35 46.94
CA ARG A 73 17.37 10.41 48.36
C ARG A 73 16.76 9.22 49.09
N SER A 74 17.61 8.53 49.91
CA SER A 74 17.33 7.33 50.71
C SER A 74 17.20 6.03 49.87
N PHE A 75 17.66 6.08 48.60
CA PHE A 75 17.76 4.93 47.70
C PHE A 75 19.17 4.81 47.17
N LEU A 76 19.58 3.59 46.79
CA LEU A 76 20.91 3.36 46.21
C LEU A 76 21.04 4.05 44.85
N PRO A 77 22.15 4.79 44.57
CA PRO A 77 22.32 5.35 43.21
C PRO A 77 22.42 4.25 42.16
N LEU A 78 21.95 4.57 40.95
CA LEU A 78 22.18 3.72 39.79
C LEU A 78 23.16 4.41 38.86
N GLU A 79 24.28 3.76 38.57
CA GLU A 79 25.23 4.23 37.58
C GLU A 79 25.42 3.19 36.49
N VAL A 80 25.17 3.59 35.24
CA VAL A 80 25.21 2.71 34.08
C VAL A 80 26.11 3.33 32.99
N ILE A 81 26.91 2.50 32.32
CA ILE A 81 27.67 2.84 31.13
C ILE A 81 27.19 1.97 29.96
N ILE A 82 26.86 2.60 28.83
CA ILE A 82 26.67 1.89 27.56
C ILE A 82 27.82 2.26 26.64
N SER A 83 28.55 1.25 26.15
CA SER A 83 29.66 1.45 25.23
C SER A 83 29.50 0.58 23.99
N ALA A 84 30.00 1.06 22.83
CA ALA A 84 30.11 0.21 21.64
C ALA A 84 31.23 -0.82 21.79
N GLU A 85 32.18 -0.56 22.70
CA GLU A 85 33.30 -1.45 22.96
C GLU A 85 33.16 -2.35 24.21
N ARG A 86 33.71 -3.57 24.11
CA ARG A 86 33.74 -4.57 25.18
C ARG A 86 35.11 -4.51 25.87
N MET A 87 35.13 -4.31 27.20
CA MET A 87 36.37 -4.31 27.97
C MET A 87 36.86 -5.72 28.17
N ARG A 88 38.19 -5.94 28.06
CA ARG A 88 38.85 -7.23 28.28
C ARG A 88 38.49 -7.77 29.67
N MET A 89 37.87 -8.96 29.70
CA MET A 89 37.56 -9.66 30.95
C MET A 89 38.47 -10.89 31.13
N ILE A 90 38.80 -11.19 32.39
CA ILE A 90 39.61 -12.34 32.76
C ILE A 90 38.78 -13.62 32.67
N ALA A 91 39.30 -14.62 31.93
CA ALA A 91 38.59 -15.86 31.64
C ALA A 91 39.29 -17.07 32.25
N PRO A 92 38.54 -18.10 32.72
CA PRO A 92 39.20 -19.34 33.18
C PRO A 92 39.93 -20.07 32.05
N PRO A 93 41.10 -20.70 32.31
CA PRO A 93 41.79 -21.42 31.24
C PRO A 93 41.18 -22.80 30.98
N GLY A 107 24.62 -7.63 21.97
CA GLY A 107 24.25 -7.08 20.66
C GLY A 107 25.31 -6.17 20.07
N ARG A 108 24.90 -4.96 19.63
CA ARG A 108 25.83 -3.93 19.14
C ARG A 108 26.53 -3.22 20.30
N PHE A 109 25.84 -3.11 21.45
CA PHE A 109 26.32 -2.37 22.63
C PHE A 109 26.59 -3.24 23.85
N HIS A 110 27.43 -2.72 24.74
CA HIS A 110 27.84 -3.38 25.97
C HIS A 110 27.48 -2.52 27.15
N VAL A 111 26.78 -3.13 28.11
CA VAL A 111 26.21 -2.49 29.29
C VAL A 111 27.05 -2.83 30.52
N TYR A 112 27.39 -1.79 31.29
CA TYR A 112 28.15 -1.90 32.54
C TYR A 112 27.33 -1.20 33.62
N THR A 113 27.21 -1.85 34.79
CA THR A 113 26.49 -1.31 35.94
C THR A 113 27.43 -1.19 37.14
N LEU A 114 27.49 0.01 37.71
CA LEU A 114 28.29 0.31 38.90
C LEU A 114 27.36 0.60 40.09
N GLY A 115 27.50 -0.19 41.15
CA GLY A 115 26.63 -0.05 42.32
C GLY A 115 26.52 -1.26 43.21
N PHE A 116 25.72 -1.09 44.30
CA PHE A 116 25.52 -2.05 45.40
C PHE A 116 24.25 -2.86 45.23
N LEU A 117 24.00 -3.23 43.98
CA LEU A 117 22.97 -4.14 43.55
C LEU A 117 23.47 -5.53 43.93
N SER A 118 22.69 -6.28 44.71
CA SER A 118 22.95 -7.72 44.85
C SER A 118 22.50 -8.40 43.54
N ASP A 119 22.91 -9.67 43.30
CA ASP A 119 22.67 -10.39 42.03
C ASP A 119 21.26 -10.20 41.42
N GLY A 120 20.25 -10.11 42.28
CA GLY A 120 18.84 -9.92 41.90
C GLY A 120 18.60 -8.66 41.10
N ALA A 121 19.06 -7.52 41.60
CA ALA A 121 18.94 -6.26 40.86
C ALA A 121 20.03 -6.09 39.81
N MET A 122 21.21 -6.75 39.99
CA MET A 122 22.36 -6.61 39.10
C MET A 122 22.11 -7.29 37.76
N HIS A 123 21.59 -8.54 37.80
CA HIS A 123 21.22 -9.34 36.64
C HIS A 123 20.06 -8.66 35.91
N GLN A 124 19.06 -8.15 36.67
CA GLN A 124 17.90 -7.43 36.18
C GLN A 124 18.31 -6.15 35.43
N THR A 125 19.03 -5.22 36.12
CA THR A 125 19.44 -3.94 35.57
C THR A 125 20.25 -4.12 34.29
N MET A 126 21.23 -5.03 34.30
CA MET A 126 22.05 -5.28 33.12
C MET A 126 21.26 -5.75 31.92
N ARG A 127 20.33 -6.69 32.13
CA ARG A 127 19.42 -7.22 31.10
C ARG A 127 18.39 -6.20 30.62
N ASP A 128 17.76 -5.44 31.54
CA ASP A 128 16.80 -4.39 31.20
C ASP A 128 17.41 -3.25 30.40
N VAL A 129 18.56 -2.71 30.86
CA VAL A 129 19.23 -1.59 30.18
C VAL A 129 19.64 -1.97 28.76
N ALA A 130 20.15 -3.22 28.57
CA ALA A 130 20.54 -3.77 27.27
C ALA A 130 19.32 -3.95 26.35
N ALA A 131 18.21 -4.45 26.90
CA ALA A 131 16.93 -4.58 26.17
C ALA A 131 16.41 -3.23 25.65
N TYR A 132 16.56 -2.14 26.45
CA TYR A 132 16.18 -0.76 26.06
C TYR A 132 16.99 -0.26 24.88
N VAL A 133 18.35 -0.33 25.00
CA VAL A 133 19.28 0.16 23.97
C VAL A 133 19.15 -0.58 22.62
N HIS A 134 18.83 -1.89 22.67
CA HIS A 134 18.73 -2.76 21.49
C HIS A 134 17.31 -2.87 20.92
N GLU A 135 16.30 -2.30 21.61
CA GLU A 135 14.88 -2.26 21.23
C GLU A 135 14.69 -1.66 19.84
N SER A 136 15.45 -0.59 19.53
CA SER A 136 15.39 0.14 18.26
C SER A 136 16.65 0.97 18.06
N ASP A 137 17.14 0.99 16.81
CA ASP A 137 18.20 1.89 16.32
C ASP A 137 17.60 3.25 15.90
N ASP A 138 16.26 3.36 15.91
CA ASP A 138 15.56 4.60 15.58
C ASP A 138 15.37 5.46 16.83
N TYR A 139 16.03 6.62 16.87
CA TYR A 139 16.00 7.52 17.99
C TYR A 139 14.59 8.04 18.29
N LEU A 140 13.70 8.10 17.26
CA LEU A 140 12.32 8.56 17.43
C LEU A 140 11.48 7.55 18.17
N ALA A 141 11.72 6.25 17.94
CA ALA A 141 11.06 5.15 18.66
C ALA A 141 11.55 5.08 20.11
N GLN A 142 12.86 5.36 20.32
CA GLN A 142 13.47 5.46 21.65
C GLN A 142 12.88 6.62 22.45
N LEU A 143 12.65 7.75 21.76
CA LEU A 143 12.03 8.94 22.33
C LEU A 143 10.56 8.67 22.72
N SER A 144 9.81 7.91 21.87
CA SER A 144 8.45 7.47 22.20
C SER A 144 8.41 6.69 23.52
N ALA A 145 9.34 5.73 23.69
CA ALA A 145 9.48 4.90 24.89
C ALA A 145 9.88 5.73 26.11
N ALA A 146 10.76 6.75 25.91
CA ALA A 146 11.16 7.72 26.94
C ALA A 146 9.94 8.55 27.45
N HIS A 147 9.07 9.01 26.53
CA HIS A 147 7.82 9.76 26.85
C HIS A 147 6.85 8.92 27.67
N ALA A 148 6.61 7.66 27.26
CA ALA A 148 5.76 6.70 27.96
C ALA A 148 6.31 6.35 29.33
N ALA A 149 7.66 6.20 29.46
CA ALA A 149 8.27 5.91 30.76
C ALA A 149 8.17 7.13 31.69
N ALA A 150 8.33 8.37 31.15
CA ALA A 150 8.17 9.59 31.93
C ALA A 150 6.73 9.77 32.39
N LEU A 151 5.74 9.42 31.53
CA LEU A 151 4.31 9.43 31.83
C LEU A 151 3.94 8.51 33.03
N ALA A 152 4.48 7.27 33.08
CA ALA A 152 4.32 6.35 34.23
C ALA A 152 4.82 6.98 35.53
N ALA A 153 5.97 7.70 35.46
CA ALA A 153 6.61 8.38 36.58
C ALA A 153 5.82 9.60 37.07
N VAL A 154 5.16 10.36 36.16
CA VAL A 154 4.35 11.50 36.61
C VAL A 154 3.03 11.05 37.28
N VAL A 155 2.36 10.03 36.70
CA VAL A 155 1.07 9.49 37.13
C VAL A 155 1.21 8.71 38.46
N GLN A 156 2.21 7.81 38.54
CA GLN A 156 2.45 7.00 39.73
C GLN A 156 3.90 7.25 40.22
N PRO A 157 4.19 8.40 40.90
CA PRO A 157 5.60 8.66 41.28
C PRO A 157 6.14 7.65 42.28
N GLY A 158 7.42 7.32 42.12
CA GLY A 158 8.10 6.29 42.89
C GLY A 158 9.46 5.96 42.32
N PRO A 159 10.33 5.27 43.11
CA PRO A 159 11.74 5.09 42.68
C PRO A 159 11.92 4.27 41.41
N TYR A 160 11.15 3.18 41.24
CA TYR A 160 11.24 2.35 40.04
C TYR A 160 10.97 3.12 38.75
N TYR A 161 9.84 3.84 38.70
CA TYR A 161 9.45 4.57 37.50
C TYR A 161 10.33 5.76 37.23
N PHE A 162 10.85 6.41 38.31
CA PHE A 162 11.80 7.52 38.20
C PHE A 162 13.14 7.05 37.60
N TYR A 163 13.74 5.95 38.13
CA TYR A 163 15.00 5.41 37.61
C TYR A 163 14.83 4.90 36.17
N ARG A 164 13.72 4.20 35.87
CA ARG A 164 13.45 3.67 34.52
C ARG A 164 13.29 4.79 33.48
N ALA A 165 12.58 5.86 33.84
CA ALA A 165 12.37 6.99 32.91
C ALA A 165 13.65 7.79 32.69
N ALA A 166 14.49 7.94 33.74
CA ALA A 166 15.79 8.59 33.62
C ALA A 166 16.71 7.79 32.66
N VAL A 167 16.74 6.46 32.82
CA VAL A 167 17.47 5.56 31.92
C VAL A 167 16.97 5.69 30.47
N ARG A 168 15.63 5.62 30.28
CA ARG A 168 15.01 5.71 28.95
C ARG A 168 15.30 7.02 28.24
N LEU A 169 15.33 8.15 28.97
CA LEU A 169 15.67 9.45 28.39
C LEU A 169 17.15 9.47 27.91
N GLY A 170 18.04 8.97 28.77
CA GLY A 170 19.47 8.81 28.47
C GLY A 170 19.74 7.92 27.29
N VAL A 171 19.05 6.75 27.20
CA VAL A 171 19.22 5.90 26.02
C VAL A 171 18.70 6.56 24.74
N ALA A 172 17.57 7.30 24.82
CA ALA A 172 17.02 8.01 23.66
C ALA A 172 18.00 9.04 23.12
N ALA A 173 18.61 9.84 24.02
CA ALA A 173 19.62 10.86 23.67
C ALA A 173 20.88 10.21 23.08
N PHE A 174 21.30 9.05 23.63
CA PHE A 174 22.46 8.27 23.17
C PHE A 174 22.27 7.74 21.76
N VAL A 175 21.11 7.11 21.47
CA VAL A 175 20.79 6.58 20.14
C VAL A 175 20.73 7.73 19.11
N PHE A 176 20.18 8.89 19.49
CA PHE A 176 20.19 10.07 18.63
C PHE A 176 21.61 10.53 18.33
N SER A 177 22.43 10.71 19.39
CA SER A 177 23.81 11.17 19.31
C SER A 177 24.65 10.25 18.42
N GLU A 178 24.44 8.94 18.51
CA GLU A 178 25.15 7.96 17.68
C GLU A 178 24.80 8.07 16.20
N ALA A 179 23.53 8.25 15.87
CA ALA A 179 23.10 8.45 14.48
C ALA A 179 23.56 9.82 13.96
N ALA A 180 23.38 10.90 14.78
CA ALA A 180 23.75 12.28 14.45
C ALA A 180 25.23 12.47 14.17
N ARG A 181 26.10 11.73 14.90
CA ARG A 181 27.57 11.69 14.76
C ARG A 181 28.01 11.47 13.31
N ARG A 182 27.32 10.52 12.62
CA ARG A 182 27.57 10.09 11.24
C ARG A 182 27.38 11.23 10.24
N ASP A 183 26.14 11.71 10.05
CA ASP A 183 25.86 12.87 9.19
C ASP A 183 25.37 14.04 10.04
N ARG A 184 26.29 14.97 10.39
CA ARG A 184 26.02 16.14 11.24
C ARG A 184 25.18 17.23 10.56
N ARG A 185 25.28 17.34 9.20
CA ARG A 185 24.51 18.30 8.41
C ARG A 185 23.05 17.87 8.21
N ALA A 186 22.82 16.56 8.00
CA ALA A 186 21.48 15.97 7.87
C ALA A 186 20.72 15.90 9.21
N SER A 187 21.46 15.81 10.34
CA SER A 187 20.88 15.63 11.67
C SER A 187 20.52 16.94 12.33
N ALA A 188 21.25 18.01 11.96
CA ALA A 188 21.02 19.37 12.45
C ALA A 188 19.51 19.79 12.54
N PRO A 189 18.61 19.51 11.55
CA PRO A 189 17.18 19.80 11.76
C PRO A 189 16.43 18.97 12.82
N ALA A 190 16.94 17.79 13.21
CA ALA A 190 16.26 16.88 14.15
C ALA A 190 16.71 17.07 15.60
N LEU A 191 17.69 17.95 15.81
CA LEU A 191 18.29 18.24 17.10
C LEU A 191 17.30 18.95 18.02
N LEU A 192 16.52 19.94 17.50
CA LEU A 192 15.50 20.64 18.28
C LEU A 192 14.52 19.71 19.01
N ARG A 193 13.94 18.69 18.31
CA ARG A 193 13.00 17.75 18.94
C ARG A 193 13.61 17.04 20.16
N VAL A 194 14.85 16.49 20.01
CA VAL A 194 15.54 15.74 21.07
C VAL A 194 15.88 16.67 22.24
N GLU A 195 16.46 17.86 21.94
CA GLU A 195 16.85 18.87 22.94
C GLU A 195 15.65 19.36 23.76
N SER A 196 14.55 19.76 23.09
CA SER A 196 13.35 20.23 23.78
C SER A 196 12.72 19.15 24.61
N ASP A 197 12.66 17.90 24.10
CA ASP A 197 12.12 16.79 24.88
C ASP A 197 12.98 16.42 26.07
N ALA A 198 14.32 16.52 25.93
CA ALA A 198 15.23 16.30 27.04
C ALA A 198 14.98 17.31 28.19
N ARG A 199 14.77 18.61 27.86
CA ARG A 199 14.41 19.67 28.79
C ARG A 199 13.03 19.43 29.43
N LEU A 200 12.04 19.06 28.60
CA LEU A 200 10.67 18.79 29.02
C LEU A 200 10.57 17.55 29.91
N LEU A 201 11.10 16.41 29.44
CA LEU A 201 11.04 15.15 30.19
C LEU A 201 11.84 15.19 31.47
N SER A 202 13.08 15.72 31.44
CA SER A 202 13.86 15.89 32.67
C SER A 202 13.19 16.79 33.71
N ARG A 203 12.54 17.89 33.29
CA ARG A 203 11.79 18.76 34.23
C ARG A 203 10.66 17.99 34.93
N LEU A 204 9.85 17.27 34.16
CA LEU A 204 8.71 16.53 34.73
C LEU A 204 9.18 15.39 35.65
N LEU A 205 10.26 14.69 35.27
CA LEU A 205 10.86 13.62 36.07
C LEU A 205 11.46 14.13 37.36
N MET A 206 12.21 15.24 37.30
CA MET A 206 12.84 15.80 38.49
C MET A 206 11.81 16.32 39.50
N ARG A 207 10.69 16.90 39.02
CA ARG A 207 9.60 17.30 39.92
C ARG A 207 8.87 16.13 40.57
N ALA A 208 8.57 15.07 39.80
CA ALA A 208 8.01 13.84 40.37
C ALA A 208 8.94 13.26 41.47
N ALA A 209 10.26 13.53 41.36
CA ALA A 209 11.27 13.16 42.35
C ALA A 209 11.46 14.22 43.47
N GLY A 210 10.72 15.32 43.40
CA GLY A 210 10.76 16.41 44.37
C GLY A 210 11.79 17.51 44.16
N CYS A 211 12.30 17.69 42.91
CA CYS A 211 13.32 18.71 42.60
C CYS A 211 12.74 19.87 41.79
N PRO A 212 13.23 21.12 41.95
CA PRO A 212 12.62 22.25 41.22
C PRO A 212 12.80 22.29 39.69
N ALA A 213 13.88 21.71 39.15
CA ALA A 213 14.31 21.90 37.76
C ALA A 213 14.84 20.61 37.11
N GLY A 214 14.62 20.51 35.79
CA GLY A 214 15.29 19.51 34.96
C GLY A 214 16.58 20.06 34.40
N PHE A 215 17.04 19.47 33.28
CA PHE A 215 18.25 19.95 32.59
C PHE A 215 18.01 21.30 31.95
N ALA A 216 18.95 22.24 32.18
CA ALA A 216 19.00 23.54 31.53
C ALA A 216 19.27 23.35 30.03
N GLY A 217 20.14 22.41 29.72
CA GLY A 217 20.44 22.01 28.35
C GLY A 217 21.24 20.73 28.31
N LEU A 218 21.13 19.96 27.21
CA LEU A 218 21.92 18.75 27.01
C LEU A 218 22.91 18.99 25.88
N PHE A 219 22.43 19.12 24.64
CA PHE A 219 23.28 19.45 23.49
C PHE A 219 23.53 20.96 23.46
N ASP A 220 24.47 21.41 24.32
CA ASP A 220 24.69 22.79 24.75
C ASP A 220 25.28 23.68 23.66
N GLY A 221 24.62 24.84 23.43
CA GLY A 221 25.01 25.81 22.41
C GLY A 221 24.62 25.46 20.99
N ARG A 222 24.55 24.14 20.68
CA ARG A 222 24.29 23.55 19.36
C ARG A 222 22.90 23.87 18.80
N ALA A 223 21.84 23.58 19.57
CA ALA A 223 20.45 23.70 19.14
C ALA A 223 20.00 25.15 18.84
N GLU A 224 20.50 26.15 19.60
CA GLU A 224 20.13 27.56 19.42
C GLU A 224 20.73 28.19 18.14
N ARG A 225 21.82 27.59 17.61
CA ARG A 225 22.51 28.02 16.41
C ARG A 225 21.85 27.48 15.10
N VAL A 226 21.15 26.34 15.19
CA VAL A 226 20.50 25.66 14.05
C VAL A 226 19.31 26.50 13.53
N PRO A 227 19.14 26.68 12.19
CA PRO A 227 17.90 27.25 11.65
C PRO A 227 16.67 26.51 12.14
N VAL A 228 15.57 27.25 12.34
CA VAL A 228 14.32 26.70 12.88
C VAL A 228 13.33 26.60 11.71
N ALA A 229 12.79 25.40 11.48
CA ALA A 229 11.81 25.17 10.40
C ALA A 229 10.48 25.78 10.82
N PRO A 230 9.62 26.29 9.89
CA PRO A 230 8.28 26.76 10.32
C PRO A 230 7.49 25.83 11.25
N ALA A 231 7.50 24.50 10.98
CA ALA A 231 6.78 23.53 11.83
C ALA A 231 7.34 23.40 13.26
N ASP A 232 8.52 23.97 13.54
CA ASP A 232 9.16 23.90 14.87
C ASP A 232 9.26 25.24 15.60
N GLN A 233 8.66 26.31 15.04
CA GLN A 233 8.76 27.70 15.54
C GLN A 233 8.26 27.85 16.97
N LEU A 234 7.09 27.31 17.24
CA LEU A 234 6.48 27.38 18.57
C LEU A 234 7.27 26.58 19.61
N ARG A 235 7.69 25.35 19.27
CA ARG A 235 8.56 24.50 20.09
C ARG A 235 9.88 25.22 20.43
N ALA A 236 10.54 25.84 19.41
CA ALA A 236 11.78 26.58 19.60
C ALA A 236 11.59 27.78 20.54
N ALA A 237 10.50 28.55 20.39
CA ALA A 237 10.18 29.70 21.25
C ALA A 237 10.08 29.26 22.74
N TRP A 238 9.52 28.06 23.00
CA TRP A 238 9.44 27.43 24.33
C TRP A 238 10.81 26.96 24.82
N THR A 239 11.58 26.27 23.95
CA THR A 239 12.85 25.63 24.30
C THR A 239 13.91 26.64 24.74
N PHE A 240 13.98 27.79 24.02
CA PHE A 240 15.01 28.79 24.25
C PHE A 240 14.52 30.05 24.96
N GLY A 241 13.24 30.07 25.35
CA GLY A 241 12.62 31.20 26.04
C GLY A 241 12.77 32.50 25.28
N GLU A 242 12.48 32.45 23.97
CA GLU A 242 12.60 33.56 23.04
C GLU A 242 11.57 34.62 23.37
N ASP A 243 11.85 35.88 23.00
CA ASP A 243 10.89 36.98 23.04
C ASP A 243 9.59 36.51 22.33
N PRO A 244 8.47 36.45 23.08
CA PRO A 244 7.22 35.93 22.50
C PRO A 244 6.58 36.79 21.42
N ALA A 245 6.89 38.11 21.37
CA ALA A 245 6.27 39.08 20.46
C ALA A 245 6.25 38.69 18.98
N PRO A 246 7.36 38.24 18.31
CA PRO A 246 7.23 37.87 16.87
C PRO A 246 6.40 36.60 16.62
N ARG A 247 6.17 35.76 17.67
CA ARG A 247 5.40 34.53 17.51
C ARG A 247 3.97 34.58 18.08
N LEU A 248 3.51 35.78 18.51
CA LEU A 248 2.20 35.96 19.17
C LEU A 248 1.02 35.71 18.25
N ASP A 249 1.03 36.34 17.04
CA ASP A 249 -0.01 36.14 16.03
C ASP A 249 -0.12 34.69 15.63
N LEU A 250 1.04 34.02 15.40
CA LEU A 250 1.13 32.58 15.16
C LEU A 250 0.46 31.75 16.29
N ALA A 251 0.79 32.03 17.57
CA ALA A 251 0.19 31.33 18.73
C ALA A 251 -1.32 31.55 18.81
N ARG A 252 -1.77 32.80 18.65
CA ARG A 252 -3.20 33.14 18.67
C ARG A 252 -3.94 32.40 17.55
N ALA A 253 -3.39 32.41 16.31
CA ALA A 253 -3.97 31.75 15.15
C ALA A 253 -3.99 30.23 15.32
N THR A 254 -2.93 29.64 15.91
CA THR A 254 -2.88 28.21 16.22
C THR A 254 -4.03 27.81 17.14
N VAL A 255 -4.24 28.56 18.24
CA VAL A 255 -5.31 28.31 19.21
C VAL A 255 -6.69 28.49 18.55
N ALA A 256 -6.86 29.62 17.81
CA ALA A 256 -8.12 29.98 17.16
C ALA A 256 -8.52 28.90 16.16
N GLU A 257 -7.56 28.44 15.33
CA GLU A 257 -7.78 27.45 14.28
C GLU A 257 -7.96 26.05 14.84
N ALA A 258 -7.14 25.66 15.82
CA ALA A 258 -7.33 24.40 16.55
C ALA A 258 -8.78 24.32 17.06
N TYR A 259 -9.29 25.40 17.66
CA TYR A 259 -10.67 25.41 18.18
C TYR A 259 -11.72 25.28 17.07
N ARG A 260 -11.57 26.07 15.98
CA ARG A 260 -12.49 26.05 14.84
C ARG A 260 -12.56 24.65 14.23
N ARG A 261 -11.41 23.96 14.12
CA ARG A 261 -11.35 22.57 13.67
C ARG A 261 -12.06 21.61 14.65
N SER A 262 -11.71 21.67 15.93
CA SER A 262 -12.27 20.81 17.00
C SER A 262 -13.79 20.78 16.96
N VAL A 263 -14.40 21.96 16.93
CA VAL A 263 -15.84 22.13 16.97
C VAL A 263 -16.53 21.61 15.69
N ARG A 264 -15.77 21.49 14.59
CA ARG A 264 -16.24 20.92 13.32
C ARG A 264 -15.88 19.43 13.17
N GLY A 265 -15.33 18.85 14.23
CA GLY A 265 -15.01 17.43 14.31
C GLY A 265 -13.73 17.08 13.59
N LYS A 266 -12.86 18.08 13.32
CA LYS A 266 -11.61 17.88 12.59
C LYS A 266 -10.44 17.73 13.56
N PRO A 267 -9.47 16.82 13.32
CA PRO A 267 -8.27 16.83 14.15
C PRO A 267 -7.42 18.10 13.94
N PHE A 268 -6.75 18.49 15.02
CA PHE A 268 -5.86 19.65 15.07
C PHE A 268 -4.52 19.17 15.60
N ASP A 269 -3.46 19.98 15.37
CA ASP A 269 -2.11 19.67 15.83
C ASP A 269 -2.01 19.96 17.34
N GLN A 270 -2.21 18.93 18.18
CA GLN A 270 -2.22 19.11 19.66
C GLN A 270 -0.85 19.48 20.22
N GLN A 271 0.26 19.05 19.55
CA GLN A 271 1.62 19.45 19.94
C GLN A 271 1.90 20.93 19.66
N ALA A 272 1.55 21.41 18.45
CA ALA A 272 1.63 22.85 18.13
C ALA A 272 0.71 23.65 19.06
N LEU A 273 -0.51 23.15 19.33
CA LEU A 273 -1.40 23.73 20.34
C LEU A 273 -0.74 23.92 21.73
N PHE A 274 -0.06 22.88 22.24
CA PHE A 274 0.61 22.96 23.54
C PHE A 274 1.57 24.17 23.62
N PHE A 275 2.46 24.29 22.63
CA PHE A 275 3.47 25.35 22.54
C PHE A 275 2.87 26.75 22.32
N ALA A 276 1.76 26.85 21.55
CA ALA A 276 0.99 28.09 21.38
C ALA A 276 0.40 28.57 22.71
N VAL A 277 -0.26 27.66 23.44
CA VAL A 277 -0.82 27.92 24.77
C VAL A 277 0.30 28.40 25.73
N ALA A 278 1.46 27.69 25.72
CA ALA A 278 2.62 28.07 26.55
C ALA A 278 3.06 29.51 26.34
N LEU A 279 3.13 29.96 25.07
CA LEU A 279 3.49 31.31 24.69
C LEU A 279 2.44 32.34 25.14
N LEU A 280 1.17 32.05 24.86
CA LEU A 280 0.07 32.95 25.22
C LEU A 280 -0.09 33.13 26.74
N LEU A 281 0.12 32.08 27.55
CA LEU A 281 -0.01 32.21 29.00
C LEU A 281 1.19 32.90 29.60
N ARG A 282 2.35 32.90 28.89
CA ARG A 282 3.50 33.65 29.37
C ARG A 282 3.58 35.10 28.92
N ALA A 283 3.09 35.43 27.72
CA ALA A 283 3.16 36.80 27.24
C ALA A 283 2.09 37.18 26.25
N GLY A 284 0.88 36.67 26.48
CA GLY A 284 -0.30 37.12 25.75
C GLY A 284 -0.67 38.54 26.10
N GLY A 285 -1.21 39.25 25.10
CA GLY A 285 -1.83 40.56 25.29
C GLY A 285 -3.01 40.54 26.27
N PRO A 286 -3.70 41.68 26.48
CA PRO A 286 -4.87 41.65 27.39
C PRO A 286 -5.96 40.71 26.87
N GLY A 287 -6.39 39.78 27.73
CA GLY A 287 -7.48 38.84 27.45
C GLY A 287 -7.09 37.60 26.66
N ASP A 288 -5.80 37.46 26.27
CA ASP A 288 -5.32 36.32 25.50
C ASP A 288 -5.36 35.05 26.30
N ALA A 289 -4.85 35.10 27.54
CA ALA A 289 -4.80 33.96 28.46
C ALA A 289 -6.20 33.40 28.73
N ARG A 290 -7.18 34.30 28.93
CA ARG A 290 -8.59 33.98 29.17
C ARG A 290 -9.24 33.34 27.93
N GLU A 291 -9.10 33.97 26.76
CA GLU A 291 -9.60 33.44 25.49
C GLU A 291 -8.99 32.07 25.18
N THR A 292 -7.70 31.87 25.51
CA THR A 292 -6.97 30.62 25.29
C THR A 292 -7.57 29.49 26.13
N LEU A 293 -7.83 29.76 27.41
CA LEU A 293 -8.36 28.76 28.35
C LEU A 293 -9.82 28.41 28.10
N LEU A 294 -10.66 29.37 27.62
CA LEU A 294 -12.01 29.06 27.13
C LEU A 294 -11.95 28.03 26.00
N ARG A 295 -11.02 28.22 25.06
CA ARG A 295 -10.85 27.35 23.89
C ARG A 295 -10.27 25.99 24.18
N THR A 296 -9.26 25.91 25.05
CA THR A 296 -8.72 24.61 25.47
C THR A 296 -9.72 23.79 26.31
N THR A 297 -10.54 24.47 27.14
CA THR A 297 -11.65 23.86 27.88
C THR A 297 -12.71 23.31 26.92
N ALA A 298 -13.10 24.12 25.93
CA ALA A 298 -14.05 23.74 24.89
C ALA A 298 -13.53 22.55 24.05
N MET A 299 -12.22 22.52 23.76
CA MET A 299 -11.58 21.42 23.06
C MET A 299 -11.49 20.16 23.93
N CYS A 300 -11.31 20.32 25.26
CA CYS A 300 -11.39 19.20 26.16
C CYS A 300 -12.85 18.86 26.47
N THR A 301 -13.45 18.18 25.50
CA THR A 301 -14.74 17.53 25.55
C THR A 301 -14.62 16.36 26.57
N ALA A 302 -15.74 15.83 27.07
CA ALA A 302 -15.74 14.62 27.91
C ALA A 302 -15.15 13.43 27.12
N GLU A 303 -15.49 13.36 25.82
CA GLU A 303 -14.99 12.36 24.85
C GLU A 303 -13.48 12.49 24.63
N ARG A 304 -12.96 13.72 24.54
CA ARG A 304 -11.55 14.02 24.34
C ARG A 304 -10.75 13.68 25.58
N ALA A 305 -11.30 14.02 26.75
CA ALA A 305 -10.78 13.64 28.07
C ALA A 305 -10.68 12.11 28.22
N ALA A 306 -11.74 11.35 27.81
CA ALA A 306 -11.72 9.88 27.81
C ALA A 306 -10.68 9.31 26.82
N ALA A 307 -10.51 9.97 25.65
CA ALA A 307 -9.46 9.61 24.68
C ALA A 307 -8.05 9.81 25.26
N ALA A 308 -7.81 10.90 26.03
CA ALA A 308 -6.53 11.13 26.73
C ALA A 308 -6.24 10.03 27.77
N ALA A 309 -7.28 9.57 28.49
CA ALA A 309 -7.19 8.46 29.47
C ALA A 309 -6.92 7.12 28.78
N GLU A 310 -7.57 6.85 27.63
CA GLU A 310 -7.32 5.65 26.82
C GLU A 310 -5.89 5.63 26.24
N LEU A 311 -5.43 6.79 25.70
CA LEU A 311 -4.06 6.94 25.20
C LEU A 311 -3.01 6.69 26.30
N THR A 312 -3.23 7.25 27.52
CA THR A 312 -2.38 7.00 28.69
C THR A 312 -2.26 5.49 28.96
N ARG A 313 -3.42 4.78 29.06
CA ARG A 313 -3.49 3.32 29.26
C ARG A 313 -2.67 2.57 28.20
N ALA A 314 -2.91 2.87 26.90
CA ALA A 314 -2.17 2.28 25.78
C ALA A 314 -0.64 2.53 25.85
N ALA A 315 -0.22 3.77 26.19
CA ALA A 315 1.20 4.13 26.38
C ALA A 315 1.84 3.41 27.57
N LEU A 316 1.08 3.20 28.67
CA LEU A 316 1.60 2.56 29.88
C LEU A 316 1.57 1.00 29.85
N SER A 317 0.94 0.42 28.79
CA SER A 317 0.85 -1.04 28.60
C SER A 317 2.23 -1.70 28.51
N PRO A 318 2.44 -2.88 29.17
CA PRO A 318 3.76 -3.55 29.08
C PRO A 318 4.07 -4.13 27.70
N THR A 319 3.04 -4.20 26.81
CA THR A 319 3.15 -4.66 25.42
C THR A 319 3.04 -3.49 24.40
N ALA A 320 3.25 -2.23 24.86
CA ALA A 320 3.18 -1.05 24.01
C ALA A 320 4.31 -1.03 22.98
N ALA A 321 3.94 -0.77 21.71
CA ALA A 321 4.85 -0.71 20.55
C ALA A 321 4.90 0.71 19.98
N TRP A 322 6.05 1.08 19.39
CA TRP A 322 6.32 2.47 19.01
C TRP A 322 6.34 2.73 17.50
N ASN A 323 5.62 1.88 16.72
CA ASN A 323 5.41 2.00 15.27
C ASN A 323 4.73 3.33 14.97
N GLU A 324 3.73 3.68 15.80
CA GLU A 324 3.09 5.00 15.84
C GLU A 324 3.79 5.84 16.93
N PRO A 325 4.37 7.00 16.55
CA PRO A 325 5.07 7.85 17.55
C PRO A 325 4.22 8.36 18.72
N PHE A 326 4.83 8.38 19.92
CA PHE A 326 4.17 8.88 21.10
C PHE A 326 4.93 10.02 21.75
N SER A 327 4.20 11.10 22.03
CA SER A 327 4.67 12.16 22.88
C SER A 327 3.68 12.30 24.00
N LEU A 328 4.21 12.58 25.18
CA LEU A 328 3.43 12.87 26.35
C LEU A 328 2.57 14.15 26.17
N LEU A 329 2.97 15.04 25.25
CA LEU A 329 2.12 16.17 24.80
C LEU A 329 0.79 15.73 24.15
N ASP A 330 0.75 14.51 23.59
CA ASP A 330 -0.47 13.95 22.98
C ASP A 330 -1.56 13.61 23.99
N VAL A 331 -1.17 13.36 25.28
CA VAL A 331 -2.11 13.23 26.40
C VAL A 331 -2.39 14.57 27.09
N LEU A 332 -1.37 15.43 27.25
CA LEU A 332 -1.44 16.71 27.96
C LEU A 332 -2.22 17.81 27.20
N SER A 333 -2.24 17.77 25.86
CA SER A 333 -2.88 18.84 25.07
C SER A 333 -4.08 18.25 24.31
N PRO A 334 -5.31 18.83 24.39
CA PRO A 334 -5.74 20.05 25.12
C PRO A 334 -6.05 19.90 26.61
N CYS A 335 -6.27 18.68 27.09
CA CYS A 335 -6.97 18.46 28.37
C CYS A 335 -6.28 18.89 29.65
N ALA A 336 -5.00 18.59 29.80
CA ALA A 336 -4.23 19.00 30.99
C ALA A 336 -3.82 20.49 30.97
N VAL A 337 -4.02 21.19 29.83
CA VAL A 337 -3.84 22.64 29.69
C VAL A 337 -5.18 23.38 29.59
N SER A 338 -6.23 22.77 30.13
CA SER A 338 -7.61 23.28 30.11
C SER A 338 -8.10 23.44 31.55
N LEU A 339 -9.31 24.02 31.71
CA LEU A 339 -9.95 24.19 33.01
C LEU A 339 -10.98 23.09 33.29
N ARG A 340 -10.97 21.99 32.51
CA ARG A 340 -11.65 20.77 32.91
C ARG A 340 -10.67 20.04 33.84
N ARG A 341 -10.96 20.08 35.14
CA ARG A 341 -10.12 19.48 36.18
C ARG A 341 -10.44 18.00 36.32
N ASP A 342 -11.74 17.65 36.24
CA ASP A 342 -12.23 16.29 36.48
C ASP A 342 -12.23 15.40 35.23
N LEU A 343 -12.06 14.07 35.46
CA LEU A 343 -12.15 12.99 34.47
C LEU A 343 -12.33 11.65 35.18
N ALA A 347 -10.77 10.14 37.83
CA ALA A 347 -9.66 9.43 37.20
C ALA A 347 -8.52 9.09 38.18
N THR A 348 -7.53 8.30 37.70
CA THR A 348 -6.32 7.94 38.45
C THR A 348 -5.06 8.70 37.90
N LEU A 349 -5.30 9.91 37.34
CA LEU A 349 -4.31 10.73 36.63
C LEU A 349 -4.55 12.26 36.83
N ALA A 350 -4.82 12.67 38.10
CA ALA A 350 -4.94 14.07 38.54
C ALA A 350 -3.57 14.78 38.54
N ASN A 351 -2.49 13.96 38.55
CA ASN A 351 -1.11 14.44 38.47
C ASN A 351 -0.79 15.08 37.12
N LEU A 352 -1.57 14.76 36.06
CA LEU A 352 -1.40 15.27 34.70
C LEU A 352 -1.62 16.76 34.55
N GLY A 353 -2.68 17.28 35.16
CA GLY A 353 -2.93 18.71 35.23
C GLY A 353 -1.75 19.49 35.76
N ALA A 354 -1.20 19.10 36.93
CA ALA A 354 -0.08 19.75 37.60
C ALA A 354 1.21 19.67 36.78
N ALA A 355 1.45 18.50 36.15
CA ALA A 355 2.58 18.27 35.24
C ALA A 355 2.52 19.18 33.99
N ALA A 356 1.35 19.28 33.33
CA ALA A 356 1.16 20.16 32.18
C ALA A 356 1.34 21.64 32.52
N ARG A 357 0.86 22.07 33.69
CA ARG A 357 0.98 23.45 34.15
C ARG A 357 2.44 23.81 34.43
N LEU A 358 3.21 22.85 34.96
CA LEU A 358 4.66 22.93 35.12
C LEU A 358 5.40 22.96 33.76
N ALA A 359 5.04 22.03 32.83
CA ALA A 359 5.58 21.93 31.47
C ALA A 359 5.44 23.24 30.66
N LEU A 360 4.36 24.04 30.93
CA LEU A 360 4.05 25.26 30.20
C LEU A 360 5.10 26.37 30.37
N ALA A 361 5.81 26.41 31.51
CA ALA A 361 6.89 27.40 31.73
C ALA A 361 8.02 27.19 30.69
N PRO A 362 8.58 28.27 30.08
CA PRO A 362 9.60 28.06 29.02
C PRO A 362 10.90 27.48 29.57
N ALA A 363 11.71 26.86 28.70
CA ALA A 363 12.93 26.14 29.11
C ALA A 363 14.22 26.93 28.80
N GLY A 364 14.09 28.21 28.48
CA GLY A 364 15.24 29.05 28.14
C GLY A 364 16.24 29.30 29.25
N GLU A 379 4.97 36.45 41.19
CA GLU A 379 3.96 35.85 40.33
C GLU A 379 3.85 34.33 40.51
N GLU A 380 2.65 33.78 40.24
CA GLU A 380 2.36 32.34 40.29
C GLU A 380 3.18 31.58 39.21
N GLU A 381 3.86 30.50 39.62
CA GLU A 381 4.63 29.61 38.74
C GLU A 381 3.69 28.90 37.75
N ASP A 382 2.48 28.54 38.22
CA ASP A 382 1.39 27.93 37.45
C ASP A 382 0.74 29.00 36.54
N PRO A 383 0.97 28.93 35.19
CA PRO A 383 0.44 29.99 34.32
C PRO A 383 -1.09 29.93 34.14
N VAL A 384 -1.67 28.73 34.33
CA VAL A 384 -3.11 28.51 34.28
C VAL A 384 -3.80 29.20 35.48
N ALA A 385 -3.27 28.99 36.70
CA ALA A 385 -3.72 29.66 37.92
C ALA A 385 -3.50 31.17 37.86
N ARG A 386 -2.35 31.61 37.29
CA ARG A 386 -2.02 33.03 37.05
C ARG A 386 -3.05 33.72 36.15
N ALA A 387 -3.53 33.03 35.10
CA ALA A 387 -4.50 33.57 34.14
C ALA A 387 -5.88 33.78 34.75
N ALA A 388 -6.27 32.91 35.71
CA ALA A 388 -7.57 32.98 36.37
C ALA A 388 -7.49 32.57 37.86
N PRO A 389 -6.99 33.47 38.74
CA PRO A 389 -6.81 33.08 40.16
C PRO A 389 -8.09 32.81 40.97
N GLU A 390 -9.24 33.32 40.48
CA GLU A 390 -10.56 33.18 41.11
C GLU A 390 -11.14 31.75 41.08
N ILE A 391 -10.55 30.86 40.26
CA ILE A 391 -11.05 29.50 40.10
C ILE A 391 -10.66 28.60 41.30
N PRO A 392 -11.64 28.05 42.05
CA PRO A 392 -11.29 27.22 43.22
C PRO A 392 -10.86 25.78 42.87
N ALA A 393 -10.30 25.07 43.87
CA ALA A 393 -9.80 23.70 43.76
C ALA A 393 -10.92 22.68 43.49
N GLU A 394 -12.13 22.93 44.04
CA GLU A 394 -13.30 22.05 43.88
C GLU A 394 -14.06 22.19 42.53
N ALA A 395 -13.63 23.11 41.65
CA ALA A 395 -14.24 23.31 40.34
C ALA A 395 -13.96 22.10 39.44
N LEU A 396 -15.03 21.42 38.97
CA LEU A 396 -14.96 20.32 38.00
C LEU A 396 -14.57 20.89 36.64
N LEU A 397 -15.13 22.05 36.31
CA LEU A 397 -14.92 22.74 35.05
C LEU A 397 -15.18 24.23 35.29
N ALA A 398 -14.37 25.08 34.66
CA ALA A 398 -14.54 26.53 34.74
C ALA A 398 -14.51 27.18 33.35
N LEU A 399 -15.27 28.26 33.19
CA LEU A 399 -15.38 29.03 31.93
C LEU A 399 -15.09 30.49 32.22
N PRO A 400 -13.84 30.94 31.94
CA PRO A 400 -13.45 32.31 32.33
C PRO A 400 -14.24 33.43 31.67
N LEU A 401 -14.63 34.41 32.49
CA LEU A 401 -15.40 35.59 32.07
C LEU A 401 -14.51 36.83 32.06
N ARG A 402 -15.03 37.91 31.46
CA ARG A 402 -14.47 39.26 31.54
C ARG A 402 -14.70 39.84 32.95
N GLY A 403 -13.71 40.61 33.42
CA GLY A 403 -13.78 41.32 34.69
C GLY A 403 -13.34 40.53 35.92
N GLY A 404 -12.39 39.61 35.71
CA GLY A 404 -11.84 38.76 36.77
C GLY A 404 -12.80 37.74 37.36
N ALA A 405 -13.86 37.41 36.59
CA ALA A 405 -14.90 36.45 36.96
C ALA A 405 -14.82 35.18 36.11
N SER A 406 -15.54 34.12 36.52
CA SER A 406 -15.71 32.88 35.75
C SER A 406 -16.97 32.09 36.18
N PHE A 407 -17.61 31.39 35.23
CA PHE A 407 -18.58 30.34 35.54
C PHE A 407 -17.83 29.12 36.07
N VAL A 408 -18.37 28.47 37.11
CA VAL A 408 -17.74 27.34 37.79
C VAL A 408 -18.78 26.23 38.07
N PHE A 409 -18.49 25.00 37.62
CA PHE A 409 -19.27 23.80 37.90
C PHE A 409 -18.62 23.04 39.03
N THR A 410 -19.43 22.68 40.05
CA THR A 410 -19.04 21.91 41.24
C THR A 410 -20.12 20.86 41.57
N ARG A 411 -19.78 19.87 42.40
CA ARG A 411 -20.73 18.87 42.92
C ARG A 411 -21.57 19.48 44.04
N ARG A 412 -20.92 20.23 44.95
CA ARG A 412 -21.60 20.89 46.06
C ARG A 412 -21.73 22.38 45.80
N ARG A 413 -22.89 22.93 46.19
CA ARG A 413 -23.19 24.35 46.07
C ARG A 413 -22.29 25.23 46.92
N PRO A 414 -21.81 26.38 46.40
CA PRO A 414 -20.96 27.26 47.21
C PRO A 414 -21.71 27.93 48.36
N ASP A 415 -20.97 28.23 49.42
CA ASP A 415 -21.40 29.01 50.57
C ASP A 415 -21.28 30.51 50.23
N CYS A 416 -22.32 31.30 50.58
CA CYS A 416 -22.41 32.76 50.41
C CYS A 416 -22.18 33.26 48.98
N GLY A 417 -22.66 32.49 48.00
CA GLY A 417 -22.52 32.83 46.59
C GLY A 417 -23.74 32.52 45.74
N PRO A 418 -24.02 33.33 44.69
CA PRO A 418 -25.11 32.97 43.74
C PRO A 418 -24.81 31.69 42.94
N ALA A 419 -25.75 30.73 43.01
CA ALA A 419 -25.59 29.41 42.37
C ALA A 419 -26.89 28.86 41.80
N TYR A 420 -26.77 28.11 40.69
CA TYR A 420 -27.87 27.36 40.08
C TYR A 420 -27.65 25.86 40.30
N THR A 421 -28.66 25.19 40.84
CA THR A 421 -28.70 23.73 40.89
C THR A 421 -29.28 23.25 39.54
N LEU A 422 -28.57 22.34 38.86
CA LEU A 422 -28.95 21.92 37.50
C LEU A 422 -30.02 20.83 37.52
N GLY A 423 -31.05 21.01 36.68
CA GLY A 423 -32.18 20.10 36.58
C GLY A 423 -31.91 18.82 35.80
N GLY A 424 -32.57 17.74 36.20
CA GLY A 424 -32.51 16.44 35.54
C GLY A 424 -31.19 15.72 35.68
N VAL A 425 -30.59 15.77 36.88
CA VAL A 425 -29.28 15.18 37.20
C VAL A 425 -29.43 14.26 38.42
N ASP A 426 -28.80 13.06 38.37
CA ASP A 426 -28.70 12.10 39.47
C ASP A 426 -28.25 12.78 40.77
N ILE A 427 -28.99 12.51 41.85
CA ILE A 427 -28.85 13.14 43.16
C ILE A 427 -27.49 12.84 43.83
N ALA A 428 -26.89 11.67 43.51
CA ALA A 428 -25.59 11.22 44.02
C ALA A 428 -24.41 11.80 43.23
N ASN A 429 -24.67 12.29 42.00
CA ASN A 429 -23.64 12.98 41.21
C ASN A 429 -24.16 14.35 40.72
N PRO A 430 -24.41 15.32 41.64
CA PRO A 430 -25.09 16.56 41.22
C PRO A 430 -24.22 17.56 40.49
N LEU A 431 -24.86 18.52 39.82
CA LEU A 431 -24.17 19.64 39.17
C LEU A 431 -24.67 20.98 39.65
N VAL A 432 -23.79 21.73 40.31
CA VAL A 432 -24.04 23.12 40.68
C VAL A 432 -23.20 24.03 39.76
N LEU A 433 -23.85 25.02 39.16
CA LEU A 433 -23.23 26.04 38.33
C LEU A 433 -23.27 27.35 39.12
N ALA A 434 -22.10 27.94 39.41
CA ALA A 434 -21.95 29.20 40.13
C ALA A 434 -21.12 30.21 39.33
N ILE A 435 -21.28 31.51 39.63
CA ILE A 435 -20.38 32.57 39.13
C ILE A 435 -19.44 32.97 40.28
N VAL A 436 -18.12 32.92 40.02
CA VAL A 436 -17.12 33.31 41.01
C VAL A 436 -16.56 34.69 40.68
N SER A 437 -17.07 35.72 41.39
CA SER A 437 -16.73 37.13 41.22
C SER A 437 -16.11 37.71 42.52
N ASN A 438 -14.86 38.17 42.42
CA ASN A 438 -14.07 38.71 43.54
C ASN A 438 -14.59 40.09 43.96
N CYS A 443 -23.19 38.35 49.74
CA CYS A 443 -23.63 36.99 50.06
C CYS A 443 -25.07 36.77 49.62
N ASP A 444 -25.32 35.69 48.86
CA ASP A 444 -26.63 35.32 48.32
C ASP A 444 -27.14 34.02 48.95
N TYR A 445 -28.38 34.04 49.49
CA TYR A 445 -29.02 32.95 50.23
C TYR A 445 -30.10 32.22 49.43
N THR A 446 -30.40 32.69 48.22
CA THR A 446 -31.51 32.20 47.41
C THR A 446 -31.23 30.92 46.63
N ASP A 447 -32.27 30.07 46.46
CA ASP A 447 -32.23 28.81 45.76
C ASP A 447 -32.66 29.02 44.31
N ARG A 448 -31.68 29.07 43.38
CA ARG A 448 -31.90 29.40 41.97
C ARG A 448 -31.94 28.16 41.07
N MET A 449 -32.81 28.17 40.08
CA MET A 449 -32.81 27.20 39.01
C MET A 449 -32.98 27.91 37.66
N PRO A 450 -32.44 27.32 36.61
CA PRO A 450 -32.33 28.02 35.33
C PRO A 450 -33.64 28.12 34.59
N GLU A 451 -33.90 29.31 34.07
CA GLU A 451 -35.14 29.64 33.34
C GLU A 451 -35.22 28.92 32.00
N SER A 452 -36.32 28.18 31.76
CA SER A 452 -36.56 27.49 30.49
C SER A 452 -37.04 28.48 29.42
N GLN A 453 -36.26 28.62 28.33
CA GLN A 453 -36.50 29.58 27.25
C GLN A 453 -36.07 29.00 25.89
N HIS A 454 -36.76 29.41 24.81
CA HIS A 454 -36.41 29.06 23.43
C HIS A 454 -35.46 30.11 22.82
N LEU A 455 -34.89 29.81 21.63
CA LEU A 455 -33.95 30.70 20.93
C LEU A 455 -34.61 31.67 19.93
N PRO A 456 -34.71 32.98 20.25
CA PRO A 456 -35.22 33.95 19.25
C PRO A 456 -34.15 34.57 18.35
N ALA A 457 -34.52 34.81 17.05
CA ALA A 457 -33.74 35.51 16.02
C ALA A 457 -32.30 34.97 15.76
N THR A 458 -32.06 34.07 14.75
CA THR A 458 -32.92 33.51 13.69
C THR A 458 -33.40 34.55 12.64
N ASP A 459 -32.52 35.49 12.26
CA ASP A 459 -32.83 36.56 11.31
C ASP A 459 -31.62 37.08 10.52
N ASN A 460 -30.41 36.93 11.09
CA ASN A 460 -29.13 37.45 10.59
C ASN A 460 -29.10 38.95 10.17
N PRO A 461 -29.14 39.90 11.14
CA PRO A 461 -29.05 41.31 10.77
C PRO A 461 -27.61 41.86 10.88
N SER A 462 -26.61 40.99 10.60
CA SER A 462 -25.15 41.21 10.78
C SER A 462 -24.75 41.58 12.24
N VAL A 463 -25.66 41.32 13.20
CA VAL A 463 -25.45 41.54 14.66
C VAL A 463 -25.51 40.16 15.36
N CYS A 464 -24.44 39.83 16.10
CA CYS A 464 -24.29 38.54 16.79
C CYS A 464 -24.73 38.64 18.27
N VAL A 465 -25.97 38.17 18.56
CA VAL A 465 -26.54 38.19 19.91
C VAL A 465 -25.98 37.12 20.84
N TYR A 466 -25.72 35.91 20.30
CA TYR A 466 -25.18 34.78 21.05
C TYR A 466 -23.64 34.70 21.00
N CYS A 467 -22.97 35.73 20.44
CA CYS A 467 -21.50 35.80 20.46
C CYS A 467 -20.99 36.08 21.88
N ASP A 468 -19.88 35.39 22.26
CA ASP A 468 -19.29 35.34 23.61
C ASP A 468 -20.08 34.47 24.63
N CYS A 469 -21.16 33.80 24.16
CA CYS A 469 -21.93 32.85 24.95
C CYS A 469 -21.29 31.47 24.90
N VAL A 470 -21.48 30.69 25.97
CA VAL A 470 -21.07 29.29 25.99
C VAL A 470 -22.31 28.38 26.01
N PHE A 471 -22.42 27.53 24.98
CA PHE A 471 -23.40 26.46 24.84
C PHE A 471 -22.87 25.25 25.63
N VAL A 472 -23.62 24.76 26.62
CA VAL A 472 -23.20 23.66 27.48
C VAL A 472 -24.16 22.48 27.36
N ARG A 473 -23.63 21.26 27.14
CA ARG A 473 -24.37 20.00 27.22
C ARG A 473 -23.93 19.22 28.45
N TYR A 474 -24.90 18.76 29.23
CA TYR A 474 -24.66 17.90 30.38
C TYR A 474 -25.58 16.68 30.36
N SER A 475 -25.15 15.57 30.96
CA SER A 475 -25.94 14.35 31.03
C SER A 475 -26.65 14.20 32.39
N SER A 476 -27.64 13.30 32.45
CA SER A 476 -28.34 12.91 33.69
C SER A 476 -27.40 12.23 34.68
N ALA A 477 -26.24 11.70 34.21
CA ALA A 477 -25.19 11.12 35.04
C ALA A 477 -24.36 12.20 35.77
N GLY A 478 -24.51 13.46 35.36
CA GLY A 478 -23.85 14.59 36.01
C GLY A 478 -22.47 14.87 35.45
N THR A 479 -22.29 14.64 34.15
CA THR A 479 -21.04 14.93 33.47
C THR A 479 -21.26 16.06 32.50
N ILE A 480 -20.36 17.05 32.49
CA ILE A 480 -20.36 18.09 31.47
C ILE A 480 -19.76 17.49 30.20
N LEU A 481 -20.60 17.27 29.19
CA LEU A 481 -20.21 16.62 27.93
C LEU A 481 -19.42 17.55 27.02
N GLU A 482 -19.97 18.74 26.80
CA GLU A 482 -19.44 19.75 25.88
C GLU A 482 -19.67 21.15 26.43
N THR A 483 -18.82 22.07 25.98
CA THR A 483 -18.76 23.46 26.41
C THR A 483 -18.34 24.24 25.11
N VAL A 484 -19.33 24.69 24.33
CA VAL A 484 -19.08 25.30 23.02
C VAL A 484 -19.14 26.83 23.09
N LEU A 485 -17.98 27.51 22.96
CA LEU A 485 -17.96 28.97 22.85
C LEU A 485 -18.48 29.39 21.47
N ILE A 486 -19.49 30.27 21.43
CA ILE A 486 -20.04 30.82 20.19
C ILE A 486 -19.25 32.09 19.87
N GLU A 487 -18.25 31.95 19.01
CA GLU A 487 -17.26 32.99 18.74
C GLU A 487 -17.54 33.80 17.47
N SER A 488 -18.36 33.25 16.55
CA SER A 488 -18.67 33.89 15.27
C SER A 488 -20.16 33.77 14.91
N LYS A 489 -20.61 34.61 13.94
CA LYS A 489 -21.97 34.57 13.38
C LYS A 489 -22.23 33.23 12.68
N ASP A 490 -21.17 32.66 12.06
CA ASP A 490 -21.15 31.33 11.44
C ASP A 490 -21.60 30.25 12.42
N MET A 491 -21.05 30.29 13.66
CA MET A 491 -21.41 29.38 14.76
C MET A 491 -22.82 29.61 15.23
N GLU A 492 -23.20 30.90 15.40
CA GLU A 492 -24.56 31.33 15.75
C GLU A 492 -25.58 30.83 14.72
N GLU A 493 -25.22 30.87 13.41
CA GLU A 493 -26.03 30.32 12.32
C GLU A 493 -26.25 28.81 12.47
N GLN A 494 -25.17 28.05 12.72
CA GLN A 494 -25.21 26.58 12.92
C GLN A 494 -26.01 26.16 14.16
N LEU A 495 -26.03 27.02 15.21
CA LEU A 495 -26.80 26.86 16.46
C LEU A 495 -28.31 26.82 16.17
N MET A 496 -28.78 27.64 15.22
CA MET A 496 -30.19 27.71 14.78
C MET A 496 -30.57 26.57 13.82
N ALA A 497 -29.62 26.11 12.98
CA ALA A 497 -29.83 25.03 12.00
C ALA A 497 -30.04 23.62 12.63
N GLY A 498 -30.33 22.64 11.78
CA GLY A 498 -30.53 21.24 12.16
C GLY A 498 -29.47 20.32 11.63
N PRO A 504 -22.04 23.65 14.85
CA PRO A 504 -21.85 22.49 13.97
C PRO A 504 -21.74 21.20 14.76
N SER A 505 -22.63 20.21 14.47
CA SER A 505 -22.73 18.89 15.11
C SER A 505 -23.04 18.87 16.62
N PHE A 506 -22.29 19.64 17.43
CA PHE A 506 -22.46 19.79 18.88
C PHE A 506 -23.80 20.45 19.21
N ASN A 507 -24.05 21.66 18.68
CA ASN A 507 -25.27 22.41 18.96
C ASN A 507 -26.55 21.97 18.22
N PRO A 508 -26.51 21.45 16.97
CA PRO A 508 -27.72 20.81 16.42
C PRO A 508 -28.07 19.48 17.10
N THR A 509 -29.39 19.18 17.20
CA THR A 509 -29.89 17.96 17.85
C THR A 509 -29.51 16.67 17.09
N LEU A 510 -29.15 15.63 17.86
CA LEU A 510 -28.66 14.33 17.36
C LEU A 510 -28.82 13.24 18.44
N HIS A 511 -28.90 13.67 19.72
CA HIS A 511 -28.90 12.81 20.91
C HIS A 511 -30.22 12.88 21.69
N GLY A 512 -30.52 11.80 22.43
CA GLY A 512 -31.81 11.57 23.07
C GLY A 512 -32.17 12.44 24.26
N GLY A 513 -33.23 12.03 24.96
CA GLY A 513 -33.78 12.74 26.11
C GLY A 513 -33.15 12.37 27.43
N ASP A 514 -31.81 12.40 27.49
CA ASP A 514 -30.99 12.16 28.68
C ASP A 514 -29.97 13.31 28.82
N VAL A 515 -29.80 14.09 27.73
CA VAL A 515 -28.89 15.23 27.61
C VAL A 515 -29.73 16.52 27.68
N LYS A 516 -29.36 17.43 28.61
CA LYS A 516 -29.89 18.79 28.66
C LYS A 516 -28.87 19.81 28.12
N ALA A 517 -29.33 21.03 27.79
CA ALA A 517 -28.47 22.08 27.26
C ALA A 517 -28.70 23.43 27.92
N LEU A 518 -27.59 24.17 28.17
CA LEU A 518 -27.62 25.52 28.74
C LEU A 518 -26.96 26.55 27.84
N MET A 519 -27.48 27.77 27.86
CA MET A 519 -26.81 28.94 27.30
C MET A 519 -26.26 29.80 28.44
N LEU A 520 -24.93 29.97 28.47
CA LEU A 520 -24.26 30.78 29.49
C LEU A 520 -23.88 32.10 28.84
N PHE A 521 -24.36 33.21 29.41
CA PHE A 521 -24.13 34.55 28.87
C PHE A 521 -22.99 35.22 29.63
N PRO A 522 -22.32 36.26 29.08
CA PRO A 522 -21.52 37.12 29.97
C PRO A 522 -22.34 37.90 31.03
N ASN A 523 -23.35 37.20 31.64
CA ASN A 523 -24.18 37.60 32.80
C ASN A 523 -24.85 36.39 33.53
N GLY A 524 -25.93 35.84 32.96
CA GLY A 524 -26.73 34.76 33.54
C GLY A 524 -26.94 33.52 32.67
N THR A 525 -27.84 32.63 33.12
CA THR A 525 -27.98 31.24 32.63
C THR A 525 -29.40 30.92 32.18
N VAL A 526 -29.55 30.35 30.98
CA VAL A 526 -30.85 29.82 30.52
C VAL A 526 -30.76 28.33 30.15
N VAL A 527 -31.82 27.55 30.44
CA VAL A 527 -31.94 26.16 29.97
C VAL A 527 -32.73 26.10 28.64
N ASP A 528 -32.06 25.61 27.58
CA ASP A 528 -32.62 25.32 26.26
C ASP A 528 -33.23 23.90 26.26
N LEU A 529 -34.37 23.63 25.58
CA LEU A 529 -35.18 24.54 24.74
C LEU A 529 -36.24 25.24 25.58
N GLY B 27 19.37 -49.11 48.99
CA GLY B 27 19.50 -48.68 47.61
C GLY B 27 19.34 -47.19 47.41
N VAL B 28 20.39 -46.52 46.89
CA VAL B 28 20.46 -45.07 46.61
C VAL B 28 19.56 -44.72 45.41
N ARG B 29 18.61 -43.78 45.59
CA ARG B 29 17.65 -43.39 44.54
C ARG B 29 18.30 -42.48 43.49
N ARG B 30 18.37 -42.97 42.24
CA ARG B 30 18.98 -42.23 41.13
C ARG B 30 18.14 -42.35 39.88
N THR B 31 18.21 -41.36 38.98
CA THR B 31 17.54 -41.45 37.70
C THR B 31 18.42 -42.13 36.65
N TYR B 32 17.82 -43.06 35.90
CA TYR B 32 18.50 -43.80 34.83
C TYR B 32 18.13 -43.18 33.48
N THR B 33 19.11 -42.54 32.82
CA THR B 33 18.90 -41.84 31.55
C THR B 33 19.73 -42.50 30.42
N THR B 34 19.07 -42.83 29.32
CA THR B 34 19.62 -43.47 28.12
C THR B 34 19.70 -42.42 27.00
N ALA B 35 20.83 -42.36 26.30
CA ALA B 35 20.98 -41.56 25.10
C ALA B 35 20.99 -42.49 23.87
N ALA B 36 20.29 -42.09 22.82
CA ALA B 36 20.28 -42.76 21.53
C ALA B 36 20.57 -41.72 20.44
N VAL B 37 21.66 -41.91 19.72
CA VAL B 37 22.12 -40.98 18.67
C VAL B 37 21.88 -41.64 17.32
N TRP B 38 21.03 -41.04 16.46
CA TRP B 38 20.91 -41.50 15.07
C TRP B 38 22.30 -41.54 14.40
N PRO B 39 22.74 -42.72 13.87
CA PRO B 39 24.14 -42.86 13.43
C PRO B 39 24.59 -42.23 12.09
N ALA B 40 23.70 -41.47 11.45
CA ALA B 40 24.07 -40.66 10.28
C ALA B 40 23.69 -39.20 10.56
N GLU B 41 24.48 -38.25 10.02
CA GLU B 41 24.09 -36.84 10.05
C GLU B 41 22.86 -36.63 9.19
N VAL B 42 21.97 -35.77 9.67
CA VAL B 42 20.72 -35.48 8.98
C VAL B 42 20.87 -34.15 8.24
N ALA B 43 20.58 -34.14 6.93
CA ALA B 43 20.43 -32.91 6.17
C ALA B 43 19.02 -32.35 6.41
N VAL B 44 18.88 -31.53 7.46
CA VAL B 44 17.61 -30.97 7.95
C VAL B 44 16.99 -30.00 6.94
N LEU B 45 15.72 -30.25 6.60
CA LEU B 45 14.96 -29.48 5.65
C LEU B 45 13.92 -28.59 6.35
N ALA B 46 13.25 -29.11 7.39
CA ALA B 46 12.23 -28.42 8.17
C ALA B 46 12.11 -29.05 9.55
N ASP B 47 11.76 -28.23 10.54
CA ASP B 47 11.33 -28.71 11.85
C ASP B 47 10.24 -27.81 12.43
N ALA B 48 9.44 -28.36 13.34
CA ALA B 48 8.37 -27.66 14.03
C ALA B 48 8.16 -28.33 15.38
N GLU B 49 7.86 -27.54 16.40
CA GLU B 49 7.48 -28.05 17.70
C GLU B 49 6.36 -27.21 18.32
N ALA B 50 5.38 -27.89 18.90
CA ALA B 50 4.37 -27.29 19.78
C ALA B 50 4.59 -27.92 21.14
N ARG B 51 4.61 -27.09 22.20
CA ARG B 51 4.99 -27.56 23.54
C ARG B 51 4.32 -26.74 24.62
N CYS B 52 3.66 -27.43 25.55
CA CYS B 52 3.16 -26.86 26.80
C CYS B 52 3.33 -27.91 27.93
N PRO B 53 3.06 -27.64 29.23
CA PRO B 53 3.19 -28.72 30.25
C PRO B 53 2.34 -29.97 30.00
N ALA B 54 1.19 -29.83 29.32
CA ALA B 54 0.28 -30.94 29.03
C ALA B 54 0.76 -31.87 27.91
N ALA B 55 1.46 -31.35 26.89
CA ALA B 55 1.82 -32.10 25.68
C ALA B 55 3.00 -31.51 24.92
N VAL B 56 3.73 -32.37 24.21
CA VAL B 56 4.77 -31.97 23.27
C VAL B 56 4.65 -32.76 21.95
N PHE B 57 4.86 -32.08 20.83
CA PHE B 57 4.83 -32.66 19.50
C PHE B 57 5.89 -31.99 18.64
N ASN B 58 6.89 -32.78 18.21
CA ASN B 58 7.96 -32.31 17.32
C ASN B 58 8.05 -33.16 16.06
N VAL B 59 8.14 -32.48 14.89
CA VAL B 59 8.39 -33.07 13.57
C VAL B 59 9.73 -32.51 13.06
N THR B 60 10.71 -33.40 12.76
CA THR B 60 11.97 -33.07 12.08
C THR B 60 12.02 -33.76 10.72
N LEU B 61 12.13 -32.95 9.65
CA LEU B 61 12.26 -33.47 8.29
C LEU B 61 13.67 -33.23 7.78
N GLY B 62 14.26 -34.29 7.26
CA GLY B 62 15.55 -34.25 6.61
C GLY B 62 15.47 -34.96 5.28
N GLU B 63 16.57 -35.00 4.54
CA GLU B 63 16.63 -35.77 3.28
C GLU B 63 16.53 -37.25 3.62
N ALA B 64 15.45 -37.91 3.13
CA ALA B 64 15.09 -39.34 3.39
C ALA B 64 15.01 -39.67 4.92
N PHE B 65 14.58 -38.69 5.74
CA PHE B 65 14.52 -38.78 7.20
C PHE B 65 13.28 -38.06 7.78
N LEU B 66 12.56 -38.77 8.68
CA LEU B 66 11.56 -38.20 9.60
C LEU B 66 11.95 -38.61 11.03
N GLY B 67 12.12 -37.61 11.89
CA GLY B 67 12.29 -37.79 13.32
C GLY B 67 11.11 -37.15 14.01
N LEU B 68 10.30 -37.97 14.71
CA LEU B 68 9.05 -37.49 15.30
C LEU B 68 9.01 -37.87 16.78
N ARG B 69 8.73 -36.88 17.63
CA ARG B 69 8.57 -37.06 19.06
C ARG B 69 7.21 -36.49 19.52
N VAL B 70 6.40 -37.37 20.12
CA VAL B 70 5.09 -37.00 20.69
C VAL B 70 4.97 -37.51 22.15
N ALA B 71 4.51 -36.63 23.06
CA ALA B 71 4.28 -37.01 24.46
C ALA B 71 3.11 -36.25 25.06
N LEU B 72 2.33 -36.98 25.85
CA LEU B 72 1.22 -36.46 26.61
C LEU B 72 1.62 -36.61 28.07
N ARG B 73 1.42 -35.56 28.87
CA ARG B 73 1.75 -35.57 30.31
C ARG B 73 1.10 -36.79 30.98
N SER B 74 1.92 -37.51 31.79
CA SER B 74 1.62 -38.76 32.54
C SER B 74 1.52 -40.02 31.64
N PHE B 75 2.01 -39.91 30.38
CA PHE B 75 2.15 -41.02 29.45
C PHE B 75 3.57 -41.09 28.94
N LEU B 76 4.01 -42.29 28.54
CA LEU B 76 5.36 -42.49 28.00
C LEU B 76 5.51 -41.75 26.66
N PRO B 77 6.63 -41.01 26.43
CA PRO B 77 6.83 -40.40 25.09
C PRO B 77 6.96 -41.45 24.00
N LEU B 78 6.53 -41.09 22.80
CA LEU B 78 6.79 -41.87 21.61
C LEU B 78 7.79 -41.14 20.73
N GLU B 79 8.91 -41.80 20.45
CA GLU B 79 9.89 -41.29 19.49
C GLU B 79 10.09 -42.28 18.36
N VAL B 80 9.87 -41.82 17.12
CA VAL B 80 9.92 -42.64 15.92
C VAL B 80 10.85 -41.98 14.88
N ILE B 81 11.67 -42.80 14.20
CA ILE B 81 12.43 -42.40 13.02
C ILE B 81 11.96 -43.20 11.81
N ILE B 82 11.64 -42.53 10.69
CA ILE B 82 11.49 -43.19 9.39
C ILE B 82 12.67 -42.76 8.50
N SER B 83 13.41 -43.76 7.99
CA SER B 83 14.54 -43.54 7.10
C SER B 83 14.41 -44.36 5.82
N ALA B 84 14.93 -43.84 4.69
CA ALA B 84 15.06 -44.62 3.47
C ALA B 84 16.16 -45.69 3.60
N GLU B 85 17.10 -45.50 4.55
CA GLU B 85 18.19 -46.42 4.79
C GLU B 85 18.02 -47.36 6.02
N ARG B 86 18.54 -48.60 5.89
CA ARG B 86 18.54 -49.64 6.91
C ARG B 86 19.88 -49.65 7.63
N MET B 87 19.89 -49.49 8.96
CA MET B 87 21.11 -49.54 9.76
C MET B 87 21.57 -50.99 9.94
N ARG B 88 22.89 -51.24 9.81
CA ARG B 88 23.51 -52.56 10.01
C ARG B 88 23.14 -53.13 11.39
N MET B 89 22.51 -54.31 11.40
CA MET B 89 22.18 -55.03 12.63
C MET B 89 23.08 -56.25 12.81
N ILE B 90 23.40 -56.57 14.07
CA ILE B 90 24.24 -57.72 14.44
C ILE B 90 23.43 -59.01 14.31
N ALA B 91 23.95 -59.99 13.57
CA ALA B 91 23.26 -61.23 13.24
C ALA B 91 23.95 -62.45 13.85
N PRO B 92 23.18 -63.48 14.29
CA PRO B 92 23.81 -64.73 14.76
C PRO B 92 24.59 -65.44 13.65
N PRO B 93 25.74 -66.09 13.96
CA PRO B 93 26.49 -66.80 12.91
C PRO B 93 25.89 -68.17 12.60
N GLY B 107 9.03 -52.27 3.35
CA GLY B 107 9.04 -51.81 1.96
C GLY B 107 10.19 -50.87 1.65
N ARG B 108 9.86 -49.67 1.12
CA ARG B 108 10.82 -48.63 0.72
C ARG B 108 11.48 -47.97 1.93
N PHE B 109 10.76 -47.90 3.06
CA PHE B 109 11.21 -47.21 4.27
C PHE B 109 11.44 -48.13 5.45
N HIS B 110 12.27 -47.66 6.39
CA HIS B 110 12.66 -48.37 7.59
C HIS B 110 12.28 -47.57 8.81
N VAL B 111 11.54 -48.21 9.72
CA VAL B 111 10.96 -47.62 10.93
C VAL B 111 11.79 -48.02 12.14
N TYR B 112 12.12 -47.03 12.98
CA TYR B 112 12.85 -47.19 14.24
C TYR B 112 12.02 -46.55 15.34
N THR B 113 11.87 -47.25 16.48
CA THR B 113 11.12 -46.77 17.65
C THR B 113 12.02 -46.71 18.87
N LEU B 114 12.08 -45.53 19.49
CA LEU B 114 12.87 -45.29 20.71
C LEU B 114 11.91 -45.04 21.90
N GLY B 115 12.02 -45.88 22.93
CA GLY B 115 11.11 -45.79 24.06
C GLY B 115 10.96 -47.02 24.92
N PHE B 116 10.14 -46.89 25.99
CA PHE B 116 9.92 -47.90 27.05
C PHE B 116 8.63 -48.69 26.81
N LEU B 117 8.42 -49.00 25.54
CA LEU B 117 7.41 -49.91 25.05
C LEU B 117 7.91 -51.31 25.40
N SER B 118 7.10 -52.10 26.11
CA SER B 118 7.36 -53.54 26.21
C SER B 118 6.95 -54.17 24.88
N ASP B 119 7.36 -55.43 24.61
CA ASP B 119 7.16 -56.11 23.31
C ASP B 119 5.77 -55.90 22.66
N GLY B 120 4.73 -55.86 23.50
CA GLY B 120 3.35 -55.67 23.09
C GLY B 120 3.11 -54.37 22.33
N ALA B 121 3.55 -53.23 22.89
CA ALA B 121 3.45 -51.96 22.19
C ALA B 121 4.57 -51.75 21.17
N MET B 122 5.74 -52.40 21.36
CA MET B 122 6.92 -52.23 20.50
C MET B 122 6.70 -52.86 19.14
N HIS B 123 6.19 -54.12 19.13
CA HIS B 123 5.86 -54.88 17.92
C HIS B 123 4.70 -54.17 17.19
N GLN B 124 3.68 -53.71 17.94
CA GLN B 124 2.52 -52.97 17.44
C GLN B 124 2.95 -51.67 16.77
N THR B 125 3.66 -50.79 17.51
CA THR B 125 4.06 -49.45 17.04
C THR B 125 4.85 -49.57 15.76
N MET B 126 5.91 -50.38 15.77
CA MET B 126 6.77 -50.57 14.60
C MET B 126 5.96 -51.00 13.37
N ARG B 127 5.09 -52.02 13.51
CA ARG B 127 4.20 -52.50 12.44
C ARG B 127 3.18 -51.46 11.97
N ASP B 128 2.53 -50.71 12.89
CA ASP B 128 1.54 -49.69 12.55
C ASP B 128 2.15 -48.49 11.86
N VAL B 129 3.31 -48.00 12.34
CA VAL B 129 4.01 -46.89 11.73
C VAL B 129 4.46 -47.27 10.33
N ALA B 130 5.02 -48.48 10.14
CA ALA B 130 5.40 -49.02 8.83
C ALA B 130 4.21 -49.06 7.86
N ALA B 131 3.04 -49.54 8.32
CA ALA B 131 1.78 -49.56 7.56
C ALA B 131 1.36 -48.16 7.06
N TYR B 132 1.49 -47.12 7.92
CA TYR B 132 1.15 -45.73 7.55
C TYR B 132 1.98 -45.19 6.38
N VAL B 133 3.34 -45.35 6.44
CA VAL B 133 4.23 -44.89 5.36
C VAL B 133 3.96 -45.65 4.09
N HIS B 134 3.77 -46.99 4.19
CA HIS B 134 3.63 -47.88 3.05
C HIS B 134 2.23 -47.96 2.45
N GLU B 135 1.32 -47.15 3.00
CA GLU B 135 -0.08 -47.08 2.56
C GLU B 135 -0.20 -46.40 1.20
N SER B 136 0.57 -45.33 0.97
CA SER B 136 0.56 -44.54 -0.26
C SER B 136 1.83 -43.71 -0.39
N ASP B 137 2.34 -43.62 -1.62
CA ASP B 137 3.40 -42.69 -2.07
C ASP B 137 2.80 -41.32 -2.43
N ASP B 138 1.44 -41.22 -2.44
CA ASP B 138 0.74 -39.97 -2.73
C ASP B 138 0.52 -39.18 -1.44
N TYR B 139 1.18 -38.02 -1.35
CA TYR B 139 1.10 -37.15 -0.18
C TYR B 139 -0.32 -36.66 0.10
N LEU B 140 -1.17 -36.56 -0.95
CA LEU B 140 -2.56 -36.13 -0.80
C LEU B 140 -3.42 -37.18 -0.12
N ALA B 141 -3.17 -38.46 -0.40
CA ALA B 141 -3.84 -39.60 0.26
C ALA B 141 -3.38 -39.73 1.72
N GLN B 142 -2.08 -39.46 1.97
CA GLN B 142 -1.50 -39.40 3.32
C GLN B 142 -2.11 -38.28 4.14
N LEU B 143 -2.35 -37.12 3.50
CA LEU B 143 -2.98 -35.96 4.11
C LEU B 143 -4.45 -36.26 4.45
N SER B 144 -5.18 -36.99 3.56
CA SER B 144 -6.55 -37.47 3.86
C SER B 144 -6.60 -38.29 5.14
N ALA B 145 -5.66 -39.26 5.28
CA ALA B 145 -5.53 -40.14 6.44
C ALA B 145 -5.16 -39.36 7.71
N ALA B 146 -4.29 -38.32 7.58
CA ALA B 146 -3.93 -37.39 8.66
C ALA B 146 -5.15 -36.59 9.17
N HIS B 147 -6.00 -36.07 8.23
CA HIS B 147 -7.26 -35.38 8.55
C HIS B 147 -8.25 -36.26 9.34
N ALA B 148 -8.47 -37.51 8.88
CA ALA B 148 -9.33 -38.49 9.53
C ALA B 148 -8.79 -38.88 10.91
N ALA B 149 -7.46 -39.00 11.05
CA ALA B 149 -6.87 -39.34 12.34
C ALA B 149 -7.01 -38.18 13.32
N ALA B 150 -6.86 -36.92 12.83
CA ALA B 150 -7.04 -35.73 13.68
C ALA B 150 -8.50 -35.57 14.11
N LEU B 151 -9.47 -35.91 13.22
CA LEU B 151 -10.91 -35.93 13.49
C LEU B 151 -11.28 -36.90 14.65
N ALA B 152 -10.72 -38.14 14.66
CA ALA B 152 -10.89 -39.11 15.75
C ALA B 152 -10.43 -38.51 17.10
N ALA B 153 -9.29 -37.79 17.08
CA ALA B 153 -8.69 -37.15 18.24
C ALA B 153 -9.49 -35.95 18.77
N VAL B 154 -10.15 -35.18 17.88
CA VAL B 154 -10.99 -34.07 18.36
C VAL B 154 -12.30 -34.55 18.97
N VAL B 155 -12.95 -35.56 18.34
CA VAL B 155 -14.25 -36.12 18.72
C VAL B 155 -14.14 -36.95 20.01
N GLN B 156 -13.13 -37.86 20.07
CA GLN B 156 -12.91 -38.71 21.25
C GLN B 156 -11.48 -38.48 21.78
N PRO B 157 -11.21 -37.36 22.50
CA PRO B 157 -9.82 -37.09 22.91
C PRO B 157 -9.28 -38.13 23.88
N GLY B 158 -8.00 -38.46 23.72
CA GLY B 158 -7.34 -39.52 24.46
C GLY B 158 -5.97 -39.81 23.90
N PRO B 159 -5.11 -40.51 24.67
CA PRO B 159 -3.70 -40.68 24.26
C PRO B 159 -3.48 -41.44 22.96
N TYR B 160 -4.25 -42.52 22.73
CA TYR B 160 -4.11 -43.31 21.52
C TYR B 160 -4.37 -42.49 20.24
N TYR B 161 -5.48 -41.77 20.20
CA TYR B 161 -5.86 -40.98 19.02
C TYR B 161 -4.97 -39.79 18.83
N PHE B 162 -4.49 -39.18 19.94
CA PHE B 162 -3.55 -38.06 19.91
C PHE B 162 -2.20 -38.49 19.31
N TYR B 163 -1.60 -39.61 19.81
CA TYR B 163 -0.33 -40.12 19.30
C TYR B 163 -0.45 -40.58 17.84
N ARG B 164 -1.55 -41.27 17.48
CA ARG B 164 -1.78 -41.74 16.11
C ARG B 164 -1.92 -40.57 15.11
N ALA B 165 -2.65 -39.52 15.50
CA ALA B 165 -2.85 -38.37 14.62
C ALA B 165 -1.58 -37.54 14.47
N ALA B 166 -0.76 -37.44 15.54
CA ALA B 166 0.54 -36.78 15.47
C ALA B 166 1.48 -37.52 14.50
N VAL B 167 1.52 -38.87 14.61
CA VAL B 167 2.28 -39.72 13.69
C VAL B 167 1.80 -39.54 12.23
N ARG B 168 0.47 -39.60 12.01
CA ARG B 168 -0.12 -39.46 10.67
C ARG B 168 0.17 -38.11 10.02
N LEU B 169 0.17 -37.01 10.80
CA LEU B 169 0.52 -35.69 10.28
C LEU B 169 2.00 -35.64 9.84
N GLY B 170 2.88 -36.17 10.69
CA GLY B 170 4.31 -36.31 10.43
C GLY B 170 4.62 -37.14 9.20
N VAL B 171 3.94 -38.30 9.05
CA VAL B 171 4.14 -39.09 7.83
C VAL B 171 3.64 -38.38 6.57
N ALA B 172 2.50 -37.65 6.66
CA ALA B 172 1.97 -36.90 5.52
C ALA B 172 2.97 -35.83 5.05
N ALA B 173 3.56 -35.06 6.01
CA ALA B 173 4.55 -34.02 5.73
C ALA B 173 5.83 -34.64 5.15
N PHE B 174 6.24 -35.83 5.65
CA PHE B 174 7.42 -36.58 5.19
C PHE B 174 7.26 -37.05 3.75
N VAL B 175 6.11 -37.66 3.39
CA VAL B 175 5.84 -38.13 2.03
C VAL B 175 5.79 -36.93 1.05
N PHE B 176 5.23 -35.79 1.49
CA PHE B 176 5.25 -34.57 0.68
C PHE B 176 6.67 -34.07 0.45
N SER B 177 7.46 -33.96 1.53
CA SER B 177 8.84 -33.49 1.51
C SER B 177 9.71 -34.35 0.60
N GLU B 178 9.50 -35.68 0.62
CA GLU B 178 10.23 -36.61 -0.24
C GLU B 178 9.93 -36.41 -1.73
N ALA B 179 8.65 -36.21 -2.09
CA ALA B 179 8.27 -35.93 -3.48
C ALA B 179 8.75 -34.52 -3.90
N ALA B 180 8.53 -33.51 -3.03
CA ALA B 180 8.90 -32.10 -3.28
C ALA B 180 10.39 -31.89 -3.50
N ARG B 181 11.24 -32.67 -2.79
CA ARG B 181 12.72 -32.70 -2.87
C ARG B 181 13.19 -32.84 -4.32
N ARG B 182 12.54 -33.75 -5.09
CA ARG B 182 12.84 -34.09 -6.48
C ARG B 182 12.68 -32.89 -7.42
N ASP B 183 11.44 -32.40 -7.62
CA ASP B 183 11.17 -31.21 -8.41
C ASP B 183 10.65 -30.08 -7.52
N ARG B 184 11.55 -29.17 -7.09
CA ARG B 184 11.23 -28.05 -6.19
C ARG B 184 10.43 -26.92 -6.85
N ARG B 185 10.56 -26.75 -8.18
CA ARG B 185 9.82 -25.75 -8.95
C ARG B 185 8.37 -26.17 -9.22
N ALA B 186 8.16 -27.47 -9.51
CA ALA B 186 6.83 -28.06 -9.71
C ALA B 186 6.02 -28.20 -8.41
N SER B 187 6.72 -28.34 -7.27
CA SER B 187 6.09 -28.61 -5.97
C SER B 187 5.70 -27.34 -5.24
N ALA B 188 6.42 -26.24 -5.54
CA ALA B 188 6.15 -24.90 -5.01
C ALA B 188 4.64 -24.51 -4.95
N PRO B 189 3.78 -24.76 -5.98
CA PRO B 189 2.33 -24.50 -5.80
C PRO B 189 1.56 -25.40 -4.82
N ALA B 190 2.08 -26.59 -4.47
CA ALA B 190 1.38 -27.56 -3.60
C ALA B 190 1.78 -27.43 -2.11
N LEU B 191 2.74 -26.55 -1.84
CA LEU B 191 3.28 -26.30 -0.52
C LEU B 191 2.25 -25.65 0.40
N LEU B 192 1.48 -24.64 -0.10
CA LEU B 192 0.43 -24.00 0.69
C LEU B 192 -0.55 -24.97 1.35
N ARG B 193 -1.10 -25.96 0.59
CA ARG B 193 -2.03 -26.94 1.17
C ARG B 193 -1.45 -27.71 2.35
N VAL B 194 -0.21 -28.24 2.21
CA VAL B 194 0.47 -29.03 3.25
C VAL B 194 0.77 -28.15 4.47
N GLU B 195 1.33 -26.94 4.24
CA GLU B 195 1.69 -25.99 5.29
C GLU B 195 0.47 -25.54 6.11
N SER B 196 -0.63 -25.12 5.44
CA SER B 196 -1.85 -24.69 6.11
C SER B 196 -2.47 -25.82 6.88
N ASP B 197 -2.51 -27.03 6.32
CA ASP B 197 -3.05 -28.19 7.03
C ASP B 197 -2.21 -28.59 8.22
N ALA B 198 -0.87 -28.47 8.12
CA ALA B 198 0.02 -28.75 9.23
C ALA B 198 -0.26 -27.79 10.42
N ARG B 199 -0.47 -26.48 10.14
CA ARG B 199 -0.87 -25.47 11.12
C ARG B 199 -2.25 -25.75 11.71
N LEU B 200 -3.22 -26.07 10.84
CA LEU B 200 -4.61 -26.39 11.23
C LEU B 200 -4.71 -27.67 12.07
N LEU B 201 -4.15 -28.78 11.55
CA LEU B 201 -4.21 -30.08 12.24
C LEU B 201 -3.44 -30.09 13.54
N SER B 202 -2.20 -29.54 13.55
CA SER B 202 -1.45 -29.42 14.80
C SER B 202 -2.15 -28.59 15.88
N ARG B 203 -2.82 -27.47 15.50
CA ARG B 203 -3.58 -26.65 16.45
C ARG B 203 -4.71 -27.45 17.09
N LEU B 204 -5.51 -28.13 16.28
CA LEU B 204 -6.64 -28.92 16.79
C LEU B 204 -6.19 -30.09 17.66
N LEU B 205 -5.10 -30.78 17.28
CA LEU B 205 -4.50 -31.87 18.05
C LEU B 205 -3.94 -31.42 19.37
N MET B 206 -3.20 -30.30 19.36
CA MET B 206 -2.61 -29.78 20.59
C MET B 206 -3.65 -29.31 21.60
N ARG B 207 -4.76 -28.72 21.13
CA ARG B 207 -5.88 -28.36 22.01
C ARG B 207 -6.61 -29.54 22.60
N ALA B 208 -6.89 -30.58 21.78
CA ALA B 208 -7.47 -31.83 22.29
C ALA B 208 -6.56 -32.46 23.38
N ALA B 209 -5.23 -32.20 23.31
CA ALA B 209 -4.23 -32.61 24.29
C ALA B 209 -4.07 -31.60 25.46
N GLY B 210 -4.83 -30.49 25.42
CA GLY B 210 -4.79 -29.45 26.46
C GLY B 210 -3.77 -28.33 26.30
N CYS B 211 -3.24 -28.09 25.09
CA CYS B 211 -2.22 -27.06 24.84
C CYS B 211 -2.79 -25.86 24.07
N PRO B 212 -2.30 -24.62 24.31
CA PRO B 212 -2.91 -23.46 23.62
C PRO B 212 -2.69 -23.36 22.10
N ALA B 213 -1.57 -23.90 21.56
CA ALA B 213 -1.15 -23.66 20.16
C ALA B 213 -0.60 -24.92 19.46
N GLY B 214 -0.79 -24.98 18.15
CA GLY B 214 -0.10 -25.93 17.29
C GLY B 214 1.21 -25.35 16.77
N PHE B 215 1.70 -25.87 15.65
CA PHE B 215 2.92 -25.36 15.00
C PHE B 215 2.65 -23.97 14.42
N ALA B 216 3.57 -23.03 14.72
CA ALA B 216 3.62 -21.69 14.12
C ALA B 216 3.91 -21.82 12.60
N GLY B 217 4.79 -22.76 12.26
CA GLY B 217 5.14 -23.09 10.89
C GLY B 217 5.93 -24.37 10.83
N LEU B 218 5.87 -25.09 9.69
CA LEU B 218 6.70 -26.28 9.47
C LEU B 218 7.72 -26.00 8.37
N PHE B 219 7.25 -25.80 7.13
CA PHE B 219 8.12 -25.42 6.01
C PHE B 219 8.35 -23.89 6.06
N ASP B 220 9.27 -23.48 6.97
CA ASP B 220 9.46 -22.12 7.47
C ASP B 220 10.06 -21.16 6.44
N GLY B 221 9.38 -20.02 6.25
CA GLY B 221 9.77 -18.98 5.29
C GLY B 221 9.42 -19.26 3.84
N ARG B 222 9.37 -20.57 3.47
CA ARG B 222 9.16 -21.08 2.11
C ARG B 222 7.76 -20.74 1.53
N ALA B 223 6.68 -21.09 2.28
CA ALA B 223 5.30 -20.94 1.81
C ALA B 223 4.84 -19.48 1.58
N GLU B 224 5.31 -18.52 2.41
CA GLU B 224 4.93 -17.10 2.29
C GLU B 224 5.57 -16.40 1.08
N ARG B 225 6.67 -16.97 0.54
CA ARG B 225 7.38 -16.46 -0.63
C ARG B 225 6.75 -16.91 -1.97
N VAL B 226 6.03 -18.06 -1.97
CA VAL B 226 5.41 -18.66 -3.17
C VAL B 226 4.22 -17.79 -3.64
N PRO B 227 4.10 -17.49 -4.96
CA PRO B 227 2.85 -16.88 -5.48
C PRO B 227 1.62 -17.70 -5.12
N VAL B 228 0.49 -16.99 -4.89
CA VAL B 228 -0.76 -17.61 -4.43
C VAL B 228 -1.71 -17.71 -5.62
N ALA B 229 -2.19 -18.93 -5.94
CA ALA B 229 -3.13 -19.16 -7.04
C ALA B 229 -4.51 -18.63 -6.64
N PRO B 230 -5.34 -18.12 -7.58
CA PRO B 230 -6.71 -17.71 -7.20
C PRO B 230 -7.50 -18.70 -6.33
N ALA B 231 -7.44 -20.02 -6.63
CA ALA B 231 -8.16 -21.01 -5.82
C ALA B 231 -7.65 -21.16 -4.38
N ASP B 232 -6.49 -20.59 -4.05
CA ASP B 232 -5.88 -20.69 -2.71
C ASP B 232 -5.83 -19.37 -1.93
N GLN B 233 -6.46 -18.30 -2.47
CA GLN B 233 -6.43 -16.93 -1.92
C GLN B 233 -6.98 -16.86 -0.50
N LEU B 234 -8.14 -17.49 -0.28
CA LEU B 234 -8.78 -17.48 1.04
C LEU B 234 -7.99 -18.29 2.05
N ARG B 235 -7.54 -19.50 1.67
CA ARG B 235 -6.65 -20.35 2.50
C ARG B 235 -5.37 -19.62 2.89
N ALA B 236 -4.70 -18.95 1.93
CA ALA B 236 -3.47 -18.19 2.17
C ALA B 236 -3.71 -17.04 3.16
N ALA B 237 -4.84 -16.29 3.02
CA ALA B 237 -5.20 -15.19 3.90
C ALA B 237 -5.32 -15.68 5.38
N TRP B 238 -5.86 -16.90 5.57
CA TRP B 238 -5.93 -17.57 6.87
C TRP B 238 -4.55 -18.05 7.37
N THR B 239 -3.76 -18.69 6.49
CA THR B 239 -2.47 -19.31 6.83
C THR B 239 -1.45 -18.28 7.34
N PHE B 240 -1.40 -17.11 6.67
CA PHE B 240 -0.39 -16.09 6.94
C PHE B 240 -0.93 -14.87 7.69
N GLY B 241 -2.22 -14.89 8.04
CA GLY B 241 -2.87 -13.80 8.76
C GLY B 241 -2.76 -12.47 8.04
N GLU B 242 -3.01 -12.48 6.73
CA GLU B 242 -2.91 -11.32 5.84
C GLU B 242 -3.98 -10.30 6.18
N ASP B 243 -3.74 -9.03 5.83
CA ASP B 243 -4.75 -7.97 5.84
C ASP B 243 -6.02 -8.47 5.09
N PRO B 244 -7.15 -8.57 5.81
CA PRO B 244 -8.38 -9.11 5.19
C PRO B 244 -9.03 -8.24 4.12
N ALA B 245 -8.77 -6.91 4.14
CA ALA B 245 -9.40 -5.93 3.25
C ALA B 245 -9.40 -6.27 1.74
N PRO B 246 -8.26 -6.66 1.09
CA PRO B 246 -8.35 -6.96 -0.37
C PRO B 246 -9.12 -8.25 -0.69
N ARG B 247 -9.36 -9.14 0.32
CA ARG B 247 -10.08 -10.40 0.11
C ARG B 247 -11.51 -10.41 0.63
N LEU B 248 -12.02 -9.25 1.10
CA LEU B 248 -13.36 -9.13 1.70
C LEU B 248 -14.51 -9.39 0.75
N ASP B 249 -14.49 -8.74 -0.45
CA ASP B 249 -15.51 -8.95 -1.49
C ASP B 249 -15.56 -10.39 -1.91
N LEU B 250 -14.37 -11.02 -2.12
CA LEU B 250 -14.23 -12.44 -2.40
C LEU B 250 -14.89 -13.31 -1.31
N ALA B 251 -14.61 -13.05 0.00
CA ALA B 251 -15.21 -13.80 1.11
C ALA B 251 -16.73 -13.65 1.15
N ARG B 252 -17.23 -12.41 1.01
CA ARG B 252 -18.66 -12.13 0.99
C ARG B 252 -19.36 -12.86 -0.17
N ALA B 253 -18.75 -12.81 -1.40
CA ALA B 253 -19.30 -13.46 -2.60
C ALA B 253 -19.27 -14.98 -2.45
N THR B 254 -18.20 -15.55 -1.83
CA THR B 254 -18.10 -16.98 -1.56
C THR B 254 -19.26 -17.45 -0.69
N VAL B 255 -19.52 -16.74 0.42
CA VAL B 255 -20.61 -17.05 1.36
C VAL B 255 -21.97 -16.90 0.65
N ALA B 256 -22.16 -15.77 -0.09
CA ALA B 256 -23.41 -15.47 -0.79
C ALA B 256 -23.74 -16.56 -1.82
N GLU B 257 -22.72 -16.97 -2.62
CA GLU B 257 -22.88 -17.98 -3.66
C GLU B 257 -23.03 -19.40 -3.11
N ALA B 258 -22.23 -19.74 -2.09
CA ALA B 258 -22.41 -21.01 -1.37
C ALA B 258 -23.87 -21.15 -0.91
N TYR B 259 -24.44 -20.08 -0.32
CA TYR B 259 -25.82 -20.12 0.16
C TYR B 259 -26.84 -20.28 -0.98
N ARG B 260 -26.68 -19.50 -2.07
CA ARG B 260 -27.55 -19.55 -3.23
C ARG B 260 -27.56 -20.96 -3.85
N ARG B 261 -26.38 -21.62 -3.91
CA ARG B 261 -26.25 -23.00 -4.36
C ARG B 261 -26.96 -23.98 -3.41
N SER B 262 -26.63 -23.94 -2.10
CA SER B 262 -27.23 -24.77 -1.04
C SER B 262 -28.75 -24.81 -1.14
N VAL B 263 -29.36 -23.63 -1.28
CA VAL B 263 -30.81 -23.51 -1.27
C VAL B 263 -31.46 -24.08 -2.56
N ARG B 264 -30.66 -24.20 -3.63
CA ARG B 264 -31.09 -24.77 -4.92
C ARG B 264 -30.69 -26.24 -5.07
N GLY B 265 -30.16 -26.81 -4.00
CA GLY B 265 -29.81 -28.21 -3.92
C GLY B 265 -28.48 -28.54 -4.55
N LYS B 266 -27.62 -27.51 -4.78
CA LYS B 266 -26.35 -27.68 -5.50
C LYS B 266 -25.21 -27.82 -4.51
N PRO B 267 -24.20 -28.70 -4.75
CA PRO B 267 -23.02 -28.67 -3.86
C PRO B 267 -22.20 -27.38 -4.05
N PHE B 268 -21.53 -26.95 -2.97
CA PHE B 268 -20.68 -25.76 -2.93
C PHE B 268 -19.35 -26.14 -2.34
N ASP B 269 -18.35 -25.29 -2.55
CA ASP B 269 -17.01 -25.49 -2.03
C ASP B 269 -17.02 -25.17 -0.53
N GLN B 270 -17.16 -26.21 0.31
CA GLN B 270 -17.25 -26.03 1.77
C GLN B 270 -15.91 -25.60 2.35
N GLN B 271 -14.80 -26.00 1.67
CA GLN B 271 -13.46 -25.62 2.09
C GLN B 271 -13.23 -24.12 1.88
N ALA B 272 -13.54 -23.61 0.66
CA ALA B 272 -13.48 -22.18 0.38
C ALA B 272 -14.46 -21.42 1.29
N LEU B 273 -15.68 -21.97 1.52
CA LEU B 273 -16.60 -21.44 2.53
C LEU B 273 -15.97 -21.28 3.95
N PHE B 274 -15.26 -22.32 4.43
CA PHE B 274 -14.62 -22.25 5.75
C PHE B 274 -13.71 -21.01 5.88
N PHE B 275 -12.80 -20.84 4.89
CA PHE B 275 -11.82 -19.74 4.87
C PHE B 275 -12.47 -18.35 4.67
N ALA B 276 -13.58 -18.27 3.89
CA ALA B 276 -14.37 -17.05 3.72
C ALA B 276 -15.00 -16.63 5.06
N VAL B 277 -15.63 -17.57 5.76
CA VAL B 277 -16.22 -17.35 7.08
C VAL B 277 -15.13 -16.88 8.07
N ALA B 278 -13.94 -17.54 8.07
CA ALA B 278 -12.81 -17.18 8.93
C ALA B 278 -12.41 -15.71 8.75
N LEU B 279 -12.33 -15.24 7.49
CA LEU B 279 -12.00 -13.85 7.14
C LEU B 279 -13.09 -12.88 7.60
N LEU B 280 -14.35 -13.19 7.29
CA LEU B 280 -15.48 -12.33 7.65
C LEU B 280 -15.68 -12.17 9.16
N LEU B 281 -15.44 -13.23 9.95
CA LEU B 281 -15.60 -13.13 11.40
C LEU B 281 -14.42 -12.43 12.04
N ARG B 282 -13.26 -12.38 11.35
CA ARG B 282 -12.14 -11.63 11.88
C ARG B 282 -12.09 -10.16 11.45
N ALA B 283 -12.58 -9.83 10.24
CA ALA B 283 -12.54 -8.45 9.79
C ALA B 283 -13.61 -8.07 8.80
N GLY B 284 -14.81 -8.59 9.00
CA GLY B 284 -15.98 -8.16 8.24
C GLY B 284 -16.40 -6.76 8.62
N GLY B 285 -16.94 -6.04 7.62
CA GLY B 285 -17.58 -4.75 7.81
C GLY B 285 -18.79 -4.81 8.74
N PRO B 286 -19.52 -3.69 8.94
CA PRO B 286 -20.72 -3.76 9.79
C PRO B 286 -21.77 -4.73 9.24
N GLY B 287 -22.19 -5.69 10.07
CA GLY B 287 -23.23 -6.65 9.75
C GLY B 287 -22.79 -7.86 8.94
N ASP B 288 -21.49 -7.95 8.58
CA ASP B 288 -20.97 -9.07 7.79
C ASP B 288 -20.98 -10.37 8.57
N ALA B 289 -20.50 -10.32 9.83
CA ALA B 289 -20.42 -11.48 10.71
C ALA B 289 -21.82 -12.09 10.94
N ARG B 290 -22.83 -11.22 11.12
CA ARG B 290 -24.24 -11.57 11.31
C ARG B 290 -24.83 -12.20 10.05
N GLU B 291 -24.69 -11.56 8.88
CA GLU B 291 -25.13 -12.09 7.60
C GLU B 291 -24.48 -13.45 7.28
N THR B 292 -23.20 -13.61 7.65
CA THR B 292 -22.43 -14.83 7.43
C THR B 292 -23.02 -15.99 8.26
N LEU B 293 -23.30 -15.75 9.52
CA LEU B 293 -23.82 -16.77 10.44
C LEU B 293 -25.28 -17.15 10.17
N LEU B 294 -26.12 -16.20 9.68
CA LEU B 294 -27.46 -16.53 9.15
C LEU B 294 -27.35 -17.56 8.02
N ARG B 295 -26.42 -17.32 7.08
CA ARG B 295 -26.21 -18.18 5.90
C ARG B 295 -25.60 -19.53 6.19
N THR B 296 -24.61 -19.59 7.07
CA THR B 296 -24.04 -20.90 7.50
C THR B 296 -25.04 -21.73 8.28
N THR B 297 -25.89 -21.08 9.11
CA THR B 297 -26.99 -21.73 9.83
C THR B 297 -28.02 -22.28 8.85
N ALA B 298 -28.44 -21.46 7.87
CA ALA B 298 -29.35 -21.86 6.79
C ALA B 298 -28.80 -23.02 5.95
N MET B 299 -27.49 -22.99 5.70
CA MET B 299 -26.80 -24.09 5.02
C MET B 299 -26.85 -25.34 5.88
N CYS B 300 -26.55 -25.20 7.17
CA CYS B 300 -26.62 -26.35 8.06
C CYS B 300 -28.08 -26.71 8.35
N THR B 301 -28.65 -27.37 7.36
CA THR B 301 -29.94 -28.05 7.40
C THR B 301 -29.79 -29.24 8.39
N ALA B 302 -30.91 -29.80 8.87
CA ALA B 302 -30.89 -31.03 9.68
C ALA B 302 -30.28 -32.18 8.85
N GLU B 303 -30.62 -32.24 7.53
CA GLU B 303 -30.09 -33.18 6.53
C GLU B 303 -28.58 -33.02 6.34
N ARG B 304 -28.08 -31.76 6.30
CA ARG B 304 -26.66 -31.45 6.10
C ARG B 304 -25.88 -31.82 7.34
N ALA B 305 -26.45 -31.51 8.52
CA ALA B 305 -25.91 -31.92 9.82
C ALA B 305 -25.80 -33.46 9.92
N ALA B 306 -26.84 -34.22 9.47
CA ALA B 306 -26.79 -35.70 9.44
C ALA B 306 -25.77 -36.21 8.42
N ALA B 307 -25.61 -35.52 7.27
CA ALA B 307 -24.53 -35.81 6.31
C ALA B 307 -23.13 -35.60 6.90
N ALA B 308 -22.93 -34.55 7.73
CA ALA B 308 -21.64 -34.34 8.44
C ALA B 308 -21.35 -35.46 9.45
N ALA B 309 -22.40 -35.97 10.12
CA ALA B 309 -22.29 -37.11 11.05
C ALA B 309 -22.00 -38.42 10.30
N GLU B 310 -22.62 -38.64 9.12
CA GLU B 310 -22.34 -39.80 8.25
C GLU B 310 -20.92 -39.77 7.68
N LEU B 311 -20.48 -38.59 7.19
CA LEU B 311 -19.11 -38.38 6.70
C LEU B 311 -18.07 -38.65 7.79
N THR B 312 -18.30 -38.14 9.03
CA THR B 312 -17.46 -38.41 10.21
C THR B 312 -17.32 -39.93 10.42
N ARG B 313 -18.45 -40.68 10.50
CA ARG B 313 -18.48 -42.14 10.64
C ARG B 313 -17.63 -42.83 9.55
N ALA B 314 -17.87 -42.49 8.26
CA ALA B 314 -17.12 -43.01 7.11
C ALA B 314 -15.60 -42.73 7.20
N ALA B 315 -15.20 -41.49 7.58
CA ALA B 315 -13.80 -41.11 7.81
C ALA B 315 -13.15 -41.88 8.97
N LEU B 316 -13.91 -42.14 10.06
CA LEU B 316 -13.38 -42.81 11.25
C LEU B 316 -13.38 -44.36 11.15
N SER B 317 -14.00 -44.92 10.09
CA SER B 317 -14.06 -46.37 9.83
C SER B 317 -12.65 -47.01 9.71
N PRO B 318 -12.42 -48.21 10.33
CA PRO B 318 -11.10 -48.85 10.20
C PRO B 318 -10.79 -49.37 8.78
N THR B 319 -11.82 -49.40 7.89
CA THR B 319 -11.69 -49.80 6.48
C THR B 319 -11.83 -48.58 5.53
N ALA B 320 -11.63 -47.35 6.05
CA ALA B 320 -11.71 -46.13 5.25
C ALA B 320 -10.57 -46.05 4.22
N ALA B 321 -10.92 -45.74 2.96
CA ALA B 321 -10.01 -45.63 1.82
C ALA B 321 -9.97 -44.18 1.31
N TRP B 322 -8.82 -43.77 0.74
CA TRP B 322 -8.56 -42.35 0.42
C TRP B 322 -8.53 -42.03 -1.07
N ASN B 323 -9.23 -42.87 -1.89
CA ASN B 323 -9.43 -42.68 -3.33
C ASN B 323 -10.14 -41.35 -3.58
N GLU B 324 -11.15 -41.04 -2.75
CA GLU B 324 -11.81 -39.75 -2.66
C GLU B 324 -11.12 -38.93 -1.54
N PRO B 325 -10.56 -37.74 -1.87
CA PRO B 325 -9.89 -36.93 -0.83
C PRO B 325 -10.74 -36.46 0.35
N PHE B 326 -10.14 -36.49 1.55
CA PHE B 326 -10.83 -36.06 2.75
C PHE B 326 -10.08 -34.92 3.47
N SER B 327 -10.82 -33.87 3.81
CA SER B 327 -10.34 -32.87 4.75
C SER B 327 -11.33 -32.78 5.90
N LEU B 328 -10.82 -32.54 7.12
CA LEU B 328 -11.55 -32.21 8.34
C LEU B 328 -12.58 -31.07 8.07
N LEU B 329 -12.21 -30.11 7.22
CA LEU B 329 -13.08 -28.99 6.77
C LEU B 329 -14.38 -29.44 6.13
N ASP B 330 -14.37 -30.64 5.51
CA ASP B 330 -15.54 -31.24 4.86
C ASP B 330 -16.65 -31.61 5.87
N VAL B 331 -16.29 -31.87 7.15
CA VAL B 331 -17.27 -32.06 8.21
C VAL B 331 -17.54 -30.74 8.94
N LEU B 332 -16.49 -29.89 9.13
CA LEU B 332 -16.62 -28.63 9.90
C LEU B 332 -17.42 -27.52 9.20
N SER B 333 -17.39 -27.50 7.87
CA SER B 333 -18.08 -26.46 7.11
C SER B 333 -19.24 -27.09 6.29
N PRO B 334 -20.49 -26.55 6.35
CA PRO B 334 -20.96 -25.37 7.12
C PRO B 334 -21.28 -25.55 8.60
N CYS B 335 -21.49 -26.79 9.04
CA CYS B 335 -22.20 -27.04 10.30
C CYS B 335 -21.57 -26.62 11.61
N ALA B 336 -20.27 -26.89 11.76
CA ALA B 336 -19.56 -26.50 12.98
C ALA B 336 -19.18 -24.99 13.01
N VAL B 337 -19.35 -24.27 11.88
CA VAL B 337 -19.20 -22.82 11.79
C VAL B 337 -20.56 -22.10 11.66
N SER B 338 -21.60 -22.75 12.18
CA SER B 338 -22.99 -22.26 12.13
C SER B 338 -23.53 -22.14 13.55
N LEU B 339 -24.76 -21.63 13.69
CA LEU B 339 -25.41 -21.51 14.98
C LEU B 339 -26.42 -22.61 15.25
N ARG B 340 -26.43 -23.68 14.44
CA ARG B 340 -27.09 -24.94 14.80
C ARG B 340 -26.12 -25.65 15.73
N ARG B 341 -26.39 -25.56 17.04
CA ARG B 341 -25.55 -26.13 18.08
C ARG B 341 -25.79 -27.64 18.15
N ASP B 342 -27.09 -28.05 18.13
CA ASP B 342 -27.57 -29.42 18.31
C ASP B 342 -27.48 -30.30 17.04
N LEU B 343 -27.30 -31.63 17.23
CA LEU B 343 -27.37 -32.67 16.20
C LEU B 343 -27.59 -34.04 16.87
N ALA B 347 -26.08 -35.68 19.47
CA ALA B 347 -24.96 -36.37 18.82
C ALA B 347 -23.81 -36.72 19.80
N THR B 348 -22.81 -37.47 19.31
CA THR B 348 -21.59 -37.82 20.03
C THR B 348 -20.36 -37.01 19.51
N LEU B 349 -20.61 -35.76 19.08
CA LEU B 349 -19.65 -34.91 18.38
C LEU B 349 -19.89 -33.41 18.61
N ALA B 350 -20.21 -33.04 19.87
CA ALA B 350 -20.33 -31.66 20.36
C ALA B 350 -18.97 -30.94 20.38
N ASN B 351 -17.86 -31.74 20.34
CA ASN B 351 -16.50 -31.26 20.29
C ASN B 351 -16.18 -30.55 18.97
N LEU B 352 -16.96 -30.85 17.90
CA LEU B 352 -16.78 -30.28 16.57
C LEU B 352 -17.00 -28.79 16.49
N GLY B 353 -18.08 -28.30 17.10
CA GLY B 353 -18.36 -26.88 17.23
C GLY B 353 -17.19 -26.09 17.79
N ALA B 354 -16.67 -26.52 18.96
CA ALA B 354 -15.55 -25.89 19.67
C ALA B 354 -14.25 -25.93 18.86
N ALA B 355 -13.98 -27.07 18.19
CA ALA B 355 -12.82 -27.25 17.29
C ALA B 355 -12.87 -26.30 16.08
N ALA B 356 -14.03 -26.20 15.41
CA ALA B 356 -14.22 -25.27 14.28
C ALA B 356 -14.06 -23.80 14.68
N ARG B 357 -14.57 -23.42 15.87
CA ARG B 357 -14.48 -22.05 16.37
C ARG B 357 -13.02 -21.69 16.68
N LEU B 358 -12.25 -22.66 17.19
CA LEU B 358 -10.80 -22.59 17.39
C LEU B 358 -10.04 -22.48 16.04
N ALA B 359 -10.37 -23.36 15.08
CA ALA B 359 -9.80 -23.41 13.72
C ALA B 359 -9.95 -22.08 12.96
N LEU B 360 -11.04 -21.31 13.23
CA LEU B 360 -11.36 -20.07 12.55
C LEU B 360 -10.33 -18.94 12.77
N ALA B 361 -9.65 -18.93 13.93
CA ALA B 361 -8.59 -17.96 14.20
C ALA B 361 -7.43 -18.09 13.17
N PRO B 362 -6.88 -16.98 12.62
CA PRO B 362 -5.86 -17.13 11.57
C PRO B 362 -4.56 -17.71 12.13
N ALA B 363 -3.71 -18.29 11.25
CA ALA B 363 -2.49 -18.99 11.65
C ALA B 363 -1.20 -18.18 11.39
N GLY B 364 -1.35 -16.87 11.14
CA GLY B 364 -0.24 -15.99 10.83
C GLY B 364 0.77 -15.78 11.95
N GLU B 379 -10.79 -9.07 23.63
CA GLU B 379 -11.83 -9.71 22.82
C GLU B 379 -11.93 -11.24 23.03
N GLU B 380 -13.09 -11.82 22.67
CA GLU B 380 -13.35 -13.27 22.71
C GLU B 380 -12.50 -13.99 21.66
N GLU B 381 -11.81 -15.08 22.07
CA GLU B 381 -11.03 -15.96 21.18
C GLU B 381 -11.94 -16.65 20.14
N ASP B 382 -13.16 -17.03 20.58
CA ASP B 382 -14.22 -17.63 19.77
C ASP B 382 -14.87 -16.55 18.86
N PRO B 383 -14.61 -16.58 17.53
CA PRO B 383 -15.14 -15.51 16.65
C PRO B 383 -16.65 -15.59 16.44
N VAL B 384 -17.22 -16.80 16.60
CA VAL B 384 -18.65 -17.03 16.51
C VAL B 384 -19.37 -16.36 17.69
N ALA B 385 -18.87 -16.58 18.93
CA ALA B 385 -19.36 -15.93 20.15
C ALA B 385 -19.15 -14.41 20.10
N ARG B 386 -17.99 -13.96 19.58
CA ARG B 386 -17.66 -12.54 19.36
C ARG B 386 -18.67 -11.84 18.42
N ALA B 387 -19.12 -12.51 17.35
CA ALA B 387 -20.06 -11.97 16.37
C ALA B 387 -21.46 -11.78 16.96
N ALA B 388 -21.86 -12.67 17.88
CA ALA B 388 -23.18 -12.59 18.52
C ALA B 388 -23.13 -13.02 20.00
N PRO B 389 -22.66 -12.12 20.90
CA PRO B 389 -22.50 -12.51 22.33
C PRO B 389 -23.79 -12.81 23.09
N GLU B 390 -24.94 -12.33 22.58
CA GLU B 390 -26.28 -12.49 23.18
C GLU B 390 -26.80 -13.94 23.11
N ILE B 391 -26.19 -14.81 22.30
CA ILE B 391 -26.66 -16.18 22.10
C ILE B 391 -26.26 -17.08 23.29
N PRO B 392 -27.24 -17.67 24.02
CA PRO B 392 -26.87 -18.52 25.18
C PRO B 392 -26.41 -19.93 24.81
N ALA B 393 -25.83 -20.64 25.80
CA ALA B 393 -25.32 -22.01 25.66
C ALA B 393 -26.42 -23.03 25.39
N GLU B 394 -27.64 -22.81 25.95
CA GLU B 394 -28.80 -23.70 25.77
C GLU B 394 -29.56 -23.55 24.42
N ALA B 395 -29.11 -22.64 23.55
CA ALA B 395 -29.72 -22.43 22.24
C ALA B 395 -29.42 -23.64 21.33
N LEU B 396 -30.48 -24.33 20.85
CA LEU B 396 -30.38 -25.43 19.88
C LEU B 396 -29.97 -24.85 18.52
N LEU B 397 -30.56 -23.70 18.19
CA LEU B 397 -30.34 -22.98 16.94
C LEU B 397 -30.62 -21.51 17.19
N ALA B 398 -29.80 -20.63 16.58
CA ALA B 398 -30.02 -19.19 16.66
C ALA B 398 -29.99 -18.52 15.28
N LEU B 399 -30.76 -17.45 15.11
CA LEU B 399 -30.86 -16.69 13.86
C LEU B 399 -30.61 -15.21 14.15
N PRO B 400 -29.38 -14.73 13.90
CA PRO B 400 -29.02 -13.36 14.30
C PRO B 400 -29.82 -12.25 13.65
N LEU B 401 -30.23 -11.27 14.48
CA LEU B 401 -31.03 -10.10 14.07
C LEU B 401 -30.17 -8.84 14.07
N ARG B 402 -30.71 -7.76 13.48
CA ARG B 402 -30.18 -6.41 13.57
C ARG B 402 -30.41 -5.84 14.97
N GLY B 403 -29.43 -5.07 15.46
CA GLY B 403 -29.50 -4.36 16.74
C GLY B 403 -29.04 -5.15 17.95
N GLY B 404 -28.08 -6.07 17.75
CA GLY B 404 -27.53 -6.92 18.80
C GLY B 404 -28.49 -7.94 19.38
N ALA B 405 -29.53 -8.30 18.60
CA ALA B 405 -30.56 -9.27 18.96
C ALA B 405 -30.45 -10.53 18.10
N SER B 406 -31.15 -11.63 18.49
CA SER B 406 -31.30 -12.86 17.71
C SER B 406 -32.55 -13.66 18.11
N PHE B 407 -33.17 -14.35 17.13
CA PHE B 407 -34.12 -15.43 17.42
C PHE B 407 -33.35 -16.65 17.96
N VAL B 408 -33.89 -17.31 18.99
CA VAL B 408 -33.25 -18.44 19.67
C VAL B 408 -34.28 -19.56 19.94
N PHE B 409 -33.97 -20.78 19.47
CA PHE B 409 -34.73 -22.00 19.73
C PHE B 409 -34.10 -22.74 20.87
N THR B 410 -34.92 -23.13 21.88
CA THR B 410 -34.52 -23.89 23.07
C THR B 410 -35.60 -24.95 23.38
N ARG B 411 -35.26 -25.94 24.23
CA ARG B 411 -36.20 -26.94 24.73
C ARG B 411 -37.07 -26.33 25.85
N ARG B 412 -36.44 -25.59 26.76
CA ARG B 412 -37.12 -24.93 27.87
C ARG B 412 -37.27 -23.44 27.61
N ARG B 413 -38.45 -22.90 28.00
CA ARG B 413 -38.77 -21.48 27.86
C ARG B 413 -37.88 -20.59 28.72
N PRO B 414 -37.39 -19.44 28.19
CA PRO B 414 -36.56 -18.56 29.01
C PRO B 414 -37.33 -17.86 30.14
N ASP B 415 -36.60 -17.56 31.21
CA ASP B 415 -37.04 -16.77 32.34
C ASP B 415 -36.89 -15.27 31.98
N CYS B 416 -37.93 -14.45 32.31
CA CYS B 416 -37.99 -13.00 32.12
C CYS B 416 -37.75 -12.53 30.67
N GLY B 417 -38.24 -13.30 29.71
CA GLY B 417 -38.09 -12.97 28.29
C GLY B 417 -39.32 -13.29 27.46
N PRO B 418 -39.61 -12.49 26.38
CA PRO B 418 -40.70 -12.85 25.46
C PRO B 418 -40.42 -14.14 24.69
N ALA B 419 -41.34 -15.12 24.76
CA ALA B 419 -41.17 -16.43 24.13
C ALA B 419 -42.45 -17.00 23.54
N TYR B 420 -42.31 -17.76 22.44
CA TYR B 420 -43.39 -18.51 21.82
C TYR B 420 -43.17 -20.00 22.04
N THR B 421 -44.19 -20.68 22.56
CA THR B 421 -44.22 -22.14 22.61
C THR B 421 -44.77 -22.63 21.27
N LEU B 422 -44.04 -23.54 20.59
CA LEU B 422 -44.39 -23.96 19.23
C LEU B 422 -45.45 -25.07 19.24
N GLY B 423 -46.47 -24.91 18.40
CA GLY B 423 -47.58 -25.84 18.27
C GLY B 423 -47.27 -27.10 17.48
N GLY B 424 -47.92 -28.19 17.88
CA GLY B 424 -47.84 -29.49 17.22
C GLY B 424 -46.52 -30.20 17.36
N VAL B 425 -45.93 -30.15 18.58
CA VAL B 425 -44.62 -30.71 18.91
C VAL B 425 -44.78 -31.64 20.12
N ASP B 426 -44.12 -32.84 20.07
CA ASP B 426 -44.03 -33.80 21.17
C ASP B 426 -43.61 -33.11 22.47
N ILE B 427 -44.37 -33.40 23.55
CA ILE B 427 -44.24 -32.78 24.87
C ILE B 427 -42.89 -33.06 25.54
N ALA B 428 -42.27 -34.22 25.22
CA ALA B 428 -40.98 -34.66 25.74
C ALA B 428 -39.80 -34.07 24.97
N ASN B 429 -40.04 -33.58 23.74
CA ASN B 429 -39.01 -32.87 22.96
C ASN B 429 -39.54 -31.49 22.48
N PRO B 430 -39.82 -30.53 23.40
CA PRO B 430 -40.52 -29.31 22.97
C PRO B 430 -39.64 -28.28 22.25
N LEU B 431 -40.28 -27.32 21.58
CA LEU B 431 -39.60 -26.21 20.94
C LEU B 431 -40.13 -24.87 21.42
N VAL B 432 -39.26 -24.11 22.09
CA VAL B 432 -39.54 -22.72 22.46
C VAL B 432 -38.69 -21.81 21.55
N LEU B 433 -39.35 -20.83 20.94
CA LEU B 433 -38.73 -19.80 20.12
C LEU B 433 -38.80 -18.49 20.91
N ALA B 434 -37.63 -17.89 21.20
CA ALA B 434 -37.52 -16.62 21.93
C ALA B 434 -36.68 -15.61 21.15
N ILE B 435 -36.86 -14.31 21.46
CA ILE B 435 -35.98 -13.25 20.99
C ILE B 435 -35.06 -12.85 22.14
N VAL B 436 -33.74 -12.87 21.92
CA VAL B 436 -32.78 -12.48 22.93
C VAL B 436 -32.23 -11.09 22.63
N SER B 437 -32.77 -10.07 23.35
CA SER B 437 -32.46 -8.65 23.20
C SER B 437 -31.87 -8.06 24.49
N ASN B 438 -30.62 -7.58 24.41
CA ASN B 438 -29.87 -7.01 25.54
C ASN B 438 -30.42 -5.64 25.95
N CYS B 443 -38.70 -7.41 31.36
CA CYS B 443 -39.15 -8.76 31.70
C CYS B 443 -40.59 -8.96 31.27
N ASP B 444 -40.86 -10.05 30.52
CA ASP B 444 -42.17 -10.41 29.99
C ASP B 444 -42.70 -11.70 30.63
N TYR B 445 -43.94 -11.66 31.15
CA TYR B 445 -44.58 -12.75 31.90
C TYR B 445 -45.65 -13.49 31.11
N THR B 446 -45.94 -13.05 29.87
CA THR B 446 -47.06 -13.54 29.07
C THR B 446 -46.77 -14.84 28.30
N ASP B 447 -47.80 -15.69 28.16
CA ASP B 447 -47.76 -16.97 27.46
C ASP B 447 -48.19 -16.77 25.99
N ARG B 448 -47.22 -16.74 25.07
CA ARG B 448 -47.45 -16.45 23.65
C ARG B 448 -47.46 -17.69 22.76
N MET B 449 -48.31 -17.65 21.72
CA MET B 449 -48.33 -18.62 20.62
C MET B 449 -48.39 -17.90 19.26
N PRO B 450 -47.68 -18.41 18.22
CA PRO B 450 -47.71 -17.72 16.91
C PRO B 450 -49.08 -17.70 16.27
N GLU B 451 -49.42 -16.55 15.67
CA GLU B 451 -50.66 -16.28 14.94
C GLU B 451 -50.69 -17.02 13.60
N SER B 452 -51.77 -17.77 13.34
CA SER B 452 -51.98 -18.47 12.07
C SER B 452 -52.46 -17.49 10.99
N GLN B 453 -51.66 -17.35 9.92
CA GLN B 453 -51.89 -16.42 8.81
C GLN B 453 -51.44 -16.99 7.47
N HIS B 454 -52.11 -16.60 6.37
CA HIS B 454 -51.73 -16.95 5.00
C HIS B 454 -50.78 -15.91 4.39
N LEU B 455 -50.18 -16.22 3.22
CA LEU B 455 -49.26 -15.32 2.52
C LEU B 455 -49.91 -14.36 1.48
N PRO B 456 -50.04 -13.04 1.80
CA PRO B 456 -50.55 -12.10 0.79
C PRO B 456 -49.48 -11.46 -0.10
N ALA B 457 -49.82 -11.24 -1.39
CA ALA B 457 -49.04 -10.53 -2.42
C ALA B 457 -47.58 -11.05 -2.65
N THR B 458 -47.31 -11.95 -3.66
CA THR B 458 -48.16 -12.52 -4.73
C THR B 458 -48.64 -11.51 -5.79
N ASP B 459 -47.76 -10.54 -6.16
CA ASP B 459 -48.09 -9.48 -7.12
C ASP B 459 -46.87 -8.95 -7.90
N ASN B 460 -45.65 -9.07 -7.31
CA ASN B 460 -44.37 -8.53 -7.80
C ASN B 460 -44.37 -7.04 -8.22
N PRO B 461 -44.44 -6.08 -7.26
CA PRO B 461 -44.37 -4.66 -7.63
C PRO B 461 -42.94 -4.09 -7.50
N SER B 462 -41.91 -4.95 -7.77
CA SER B 462 -40.47 -4.70 -7.54
C SER B 462 -40.10 -4.32 -6.08
N VAL B 463 -41.03 -4.59 -5.13
CA VAL B 463 -40.86 -4.37 -3.68
C VAL B 463 -40.90 -5.74 -2.98
N CYS B 464 -39.83 -6.06 -2.21
CA CYS B 464 -39.67 -7.34 -1.50
C CYS B 464 -40.15 -7.24 -0.05
N VAL B 465 -41.37 -7.73 0.23
CA VAL B 465 -41.98 -7.71 1.58
C VAL B 465 -41.40 -8.77 2.52
N TYR B 466 -41.13 -9.97 2.00
CA TYR B 466 -40.57 -11.09 2.76
C TYR B 466 -39.03 -11.15 2.73
N CYS B 467 -38.37 -10.10 2.18
CA CYS B 467 -36.90 -10.01 2.23
C CYS B 467 -36.42 -9.71 3.65
N ASP B 468 -35.31 -10.39 4.06
CA ASP B 468 -34.73 -10.43 5.40
C ASP B 468 -35.52 -11.31 6.40
N CYS B 469 -36.59 -11.99 5.93
CA CYS B 469 -37.36 -12.96 6.72
C CYS B 469 -36.70 -14.33 6.68
N VAL B 470 -36.90 -15.11 7.75
CA VAL B 470 -36.46 -16.51 7.79
C VAL B 470 -37.69 -17.43 7.79
N PHE B 471 -37.77 -18.28 6.76
CA PHE B 471 -38.74 -19.36 6.63
C PHE B 471 -38.20 -20.55 7.41
N VAL B 472 -38.96 -21.05 8.40
CA VAL B 472 -38.52 -22.15 9.27
C VAL B 472 -39.48 -23.34 9.13
N ARG B 473 -38.91 -24.55 8.91
CA ARG B 473 -39.64 -25.83 8.98
C ARG B 473 -39.20 -26.59 10.21
N TYR B 474 -40.17 -27.07 10.98
CA TYR B 474 -39.93 -27.93 12.13
C TYR B 474 -40.85 -29.15 12.10
N SER B 475 -40.40 -30.26 12.70
CA SER B 475 -41.19 -31.49 12.76
C SER B 475 -41.91 -31.65 14.11
N SER B 476 -42.90 -32.56 14.16
CA SER B 476 -43.60 -32.97 15.38
C SER B 476 -42.66 -33.64 16.40
N ALA B 477 -41.50 -34.15 15.93
CA ALA B 477 -40.44 -34.72 16.77
C ALA B 477 -39.64 -33.63 17.52
N GLY B 478 -39.80 -32.37 17.13
CA GLY B 478 -39.16 -31.24 17.76
C GLY B 478 -37.78 -30.93 17.22
N THR B 479 -37.58 -31.18 15.93
CA THR B 479 -36.33 -30.85 15.25
C THR B 479 -36.55 -29.71 14.30
N ILE B 480 -35.65 -28.73 14.30
CA ILE B 480 -35.65 -27.68 13.28
C ILE B 480 -35.01 -28.27 12.02
N LEU B 481 -35.84 -28.49 10.99
CA LEU B 481 -35.42 -29.13 9.74
C LEU B 481 -34.63 -28.19 8.84
N GLU B 482 -35.21 -27.00 8.62
CA GLU B 482 -34.69 -25.98 7.71
C GLU B 482 -34.95 -24.59 8.27
N THR B 483 -34.11 -23.66 7.83
CA THR B 483 -34.07 -22.27 8.25
C THR B 483 -33.66 -21.49 6.98
N VAL B 484 -34.64 -21.06 6.17
CA VAL B 484 -34.37 -20.46 4.85
C VAL B 484 -34.45 -18.93 4.92
N LEU B 485 -33.30 -18.23 4.82
CA LEU B 485 -33.30 -16.77 4.70
C LEU B 485 -33.80 -16.37 3.29
N ILE B 486 -34.82 -15.51 3.24
CA ILE B 486 -35.36 -14.98 1.98
C ILE B 486 -34.60 -13.70 1.67
N GLU B 487 -33.58 -13.82 0.83
CA GLU B 487 -32.61 -12.75 0.58
C GLU B 487 -32.88 -11.94 -0.69
N SER B 488 -33.66 -12.51 -1.62
CA SER B 488 -33.96 -11.88 -2.92
C SER B 488 -35.43 -12.03 -3.30
N LYS B 489 -35.88 -11.20 -4.28
CA LYS B 489 -37.24 -11.27 -4.87
C LYS B 489 -37.44 -12.61 -5.57
N ASP B 490 -36.36 -13.16 -6.17
CA ASP B 490 -36.30 -14.50 -6.79
C ASP B 490 -36.76 -15.58 -5.80
N MET B 491 -36.23 -15.52 -4.56
CA MET B 491 -36.59 -16.45 -3.48
C MET B 491 -38.02 -16.24 -3.03
N GLU B 492 -38.43 -14.96 -2.85
CA GLU B 492 -39.79 -14.55 -2.53
C GLU B 492 -40.78 -15.07 -3.58
N GLU B 493 -40.41 -15.03 -4.88
CA GLU B 493 -41.19 -15.58 -5.99
C GLU B 493 -41.39 -17.09 -5.84
N GLN B 494 -40.29 -17.86 -5.58
CA GLN B 494 -40.33 -19.31 -5.40
C GLN B 494 -41.13 -19.75 -4.18
N LEU B 495 -41.17 -18.91 -3.12
CA LEU B 495 -41.96 -19.12 -1.90
C LEU B 495 -43.46 -19.21 -2.24
N MET B 496 -43.94 -18.31 -3.13
CA MET B 496 -45.34 -18.27 -3.59
C MET B 496 -45.69 -19.40 -4.58
N ALA B 497 -44.73 -19.86 -5.39
CA ALA B 497 -44.91 -20.94 -6.37
C ALA B 497 -45.09 -22.35 -5.74
N GLY B 498 -45.34 -23.35 -6.59
CA GLY B 498 -45.51 -24.74 -6.18
C GLY B 498 -44.39 -25.65 -6.67
N PRO B 504 -37.03 -22.35 -3.64
CA PRO B 504 -36.78 -23.55 -4.43
C PRO B 504 -36.65 -24.81 -3.56
N SER B 505 -37.51 -25.82 -3.81
CA SER B 505 -37.60 -27.13 -3.13
C SER B 505 -37.91 -27.09 -1.62
N PHE B 506 -37.12 -26.33 -0.84
CA PHE B 506 -37.35 -26.05 0.57
C PHE B 506 -38.68 -25.30 0.77
N ASN B 507 -38.87 -24.19 0.03
CA ASN B 507 -39.99 -23.29 0.25
C ASN B 507 -40.91 -23.09 -0.96
N PRO B 508 -41.99 -23.89 -1.12
CA PRO B 508 -42.27 -25.24 -0.61
C PRO B 508 -42.14 -26.24 -1.79
N THR B 509 -42.91 -27.37 -1.99
CA THR B 509 -43.84 -28.16 -1.16
C THR B 509 -43.88 -29.60 -1.70
N LEU B 510 -43.76 -30.60 -0.81
CA LEU B 510 -43.83 -32.04 -1.10
C LEU B 510 -44.01 -32.92 0.15
N HIS B 511 -43.94 -32.32 1.36
CA HIS B 511 -43.97 -33.07 2.62
C HIS B 511 -45.30 -33.02 3.37
N GLY B 512 -45.59 -34.08 4.10
CA GLY B 512 -46.90 -34.33 4.72
C GLY B 512 -47.28 -33.46 5.90
N GLY B 513 -48.35 -33.89 6.58
CA GLY B 513 -48.93 -33.18 7.72
C GLY B 513 -48.32 -33.57 9.06
N ASP B 514 -46.98 -33.52 9.14
CA ASP B 514 -46.17 -33.75 10.34
C ASP B 514 -45.18 -32.57 10.51
N VAL B 515 -44.99 -31.80 9.43
CA VAL B 515 -44.10 -30.65 9.32
C VAL B 515 -44.96 -29.36 9.39
N LYS B 516 -44.62 -28.46 10.32
CA LYS B 516 -45.17 -27.10 10.36
C LYS B 516 -44.15 -26.06 9.84
N ALA B 517 -44.62 -24.86 9.51
CA ALA B 517 -43.77 -23.80 8.98
C ALA B 517 -44.03 -22.45 9.65
N LEU B 518 -42.94 -21.69 9.90
CA LEU B 518 -42.99 -20.34 10.48
C LEU B 518 -42.32 -19.31 9.57
N MET B 519 -42.87 -18.09 9.59
CA MET B 519 -42.20 -16.93 9.02
C MET B 519 -41.68 -16.05 10.17
N LEU B 520 -40.36 -15.87 10.22
CA LEU B 520 -39.71 -15.04 11.25
C LEU B 520 -39.32 -13.73 10.61
N PHE B 521 -39.83 -12.63 11.16
CA PHE B 521 -39.61 -11.28 10.62
C PHE B 521 -38.48 -10.61 11.40
N PRO B 522 -37.81 -9.57 10.85
CA PRO B 522 -37.00 -8.70 11.74
C PRO B 522 -37.83 -7.93 12.80
N ASN B 523 -38.72 -8.69 13.51
CA ASN B 523 -39.61 -8.31 14.61
C ASN B 523 -40.32 -9.55 15.27
N GLY B 524 -41.44 -10.02 14.70
CA GLY B 524 -42.26 -11.10 15.26
C GLY B 524 -42.45 -12.33 14.39
N THR B 525 -43.36 -13.24 14.81
CA THR B 525 -43.47 -14.62 14.34
C THR B 525 -44.89 -14.96 13.87
N VAL B 526 -45.02 -15.54 12.66
CA VAL B 526 -46.30 -16.07 12.19
C VAL B 526 -46.19 -17.56 11.83
N VAL B 527 -47.24 -18.36 12.11
CA VAL B 527 -47.34 -19.75 11.65
C VAL B 527 -48.12 -19.83 10.31
N ASP B 528 -47.42 -20.31 9.25
CA ASP B 528 -47.96 -20.62 7.93
C ASP B 528 -48.54 -22.05 7.93
N LEU B 529 -49.68 -22.34 7.25
CA LEU B 529 -50.47 -21.45 6.39
C LEU B 529 -51.57 -20.75 7.19
N GLN C 7 11.37 16.38 9.78
CA GLN C 7 11.21 17.38 8.71
C GLN C 7 9.92 17.16 7.89
N VAL C 8 9.12 18.25 7.73
CA VAL C 8 7.97 18.28 6.82
C VAL C 8 8.43 18.13 5.38
N GLN C 9 7.90 17.12 4.67
CA GLN C 9 8.18 16.92 3.26
C GLN C 9 6.90 16.70 2.47
N LEU C 10 6.78 17.40 1.32
CA LEU C 10 5.70 17.17 0.36
C LEU C 10 6.36 16.63 -0.89
N GLN C 11 6.09 15.35 -1.22
CA GLN C 11 6.71 14.67 -2.37
C GLN C 11 5.77 14.56 -3.58
N GLN C 12 6.15 15.22 -4.66
CA GLN C 12 5.44 15.22 -5.95
C GLN C 12 6.33 14.58 -7.03
N PRO C 13 5.77 13.69 -7.90
CA PRO C 13 6.51 13.26 -9.09
C PRO C 13 6.90 14.46 -9.96
N GLY C 14 8.07 14.39 -10.58
CA GLY C 14 8.59 15.49 -11.39
C GLY C 14 7.77 15.81 -12.63
N ALA C 15 7.17 14.80 -13.26
CA ALA C 15 6.58 14.99 -14.60
C ALA C 15 5.35 14.15 -14.82
N GLU C 16 4.38 14.65 -15.61
CA GLU C 16 3.31 13.86 -16.22
C GLU C 16 3.18 14.27 -17.68
N LEU C 17 3.29 13.29 -18.60
CA LEU C 17 3.04 13.49 -20.04
C LEU C 17 1.71 12.87 -20.38
N VAL C 18 0.76 13.69 -20.86
CA VAL C 18 -0.61 13.23 -21.12
C VAL C 18 -1.06 13.79 -22.46
N LYS C 19 -1.85 13.01 -23.21
CA LYS C 19 -2.41 13.44 -24.49
C LYS C 19 -3.58 14.42 -24.32
N PRO C 20 -3.73 15.40 -25.26
CA PRO C 20 -4.96 16.24 -25.27
C PRO C 20 -6.25 15.44 -25.29
N GLY C 21 -7.21 15.86 -24.47
CA GLY C 21 -8.50 15.21 -24.37
C GLY C 21 -8.55 14.15 -23.29
N ALA C 22 -7.38 13.70 -22.79
CA ALA C 22 -7.34 12.72 -21.69
C ALA C 22 -7.45 13.41 -20.32
N SER C 23 -7.46 12.60 -19.25
CA SER C 23 -7.38 13.07 -17.87
C SER C 23 -6.03 12.74 -17.28
N VAL C 24 -5.70 13.39 -16.16
CA VAL C 24 -4.47 13.18 -15.38
C VAL C 24 -4.81 13.18 -13.88
N LYS C 25 -4.05 12.43 -13.08
CA LYS C 25 -4.13 12.45 -11.62
C LYS C 25 -2.72 12.67 -11.11
N MET C 26 -2.49 13.80 -10.43
CA MET C 26 -1.18 14.11 -9.89
C MET C 26 -1.21 13.94 -8.39
N SER C 27 -0.10 13.54 -7.80
CA SER C 27 -0.09 13.18 -6.39
C SER C 27 0.87 14.05 -5.60
N CYS C 28 0.56 14.20 -4.31
CA CYS C 28 1.37 14.89 -3.32
C CYS C 28 1.41 14.02 -2.04
N LYS C 29 2.55 13.37 -1.76
CA LYS C 29 2.73 12.53 -0.59
C LYS C 29 3.35 13.35 0.57
N ALA C 30 2.61 13.42 1.70
CA ALA C 30 2.99 14.24 2.84
C ALA C 30 3.62 13.36 3.93
N SER C 31 4.67 13.89 4.59
CA SER C 31 5.30 13.24 5.75
C SER C 31 5.85 14.31 6.70
N GLY C 32 6.11 13.91 7.94
CA GLY C 32 6.80 14.72 8.92
C GLY C 32 5.89 15.58 9.79
N TYR C 33 4.57 15.37 9.68
CA TYR C 33 3.55 16.10 10.44
C TYR C 33 2.27 15.29 10.44
N SER C 34 1.29 15.68 11.28
CA SER C 34 -0.02 15.00 11.35
C SER C 34 -0.88 15.36 10.12
N PHE C 35 -0.97 14.40 9.19
CA PHE C 35 -1.54 14.59 7.86
C PHE C 35 -2.96 15.17 7.88
N THR C 36 -3.80 14.70 8.83
CA THR C 36 -5.21 15.09 8.91
C THR C 36 -5.45 16.40 9.69
N SER C 37 -4.37 17.03 10.22
CA SER C 37 -4.49 18.29 10.97
C SER C 37 -4.36 19.56 10.11
N TYR C 38 -4.04 19.40 8.79
CA TYR C 38 -3.75 20.55 7.91
C TYR C 38 -4.39 20.41 6.56
N TRP C 39 -5.00 21.50 6.06
CA TRP C 39 -5.44 21.59 4.67
C TRP C 39 -4.25 21.52 3.70
N MET C 40 -4.51 20.98 2.51
CA MET C 40 -3.59 20.96 1.39
C MET C 40 -4.11 21.79 0.23
N ASN C 41 -3.30 22.75 -0.24
CA ASN C 41 -3.61 23.57 -1.41
C ASN C 41 -2.97 23.01 -2.67
N TRP C 42 -3.57 23.34 -3.82
CA TRP C 42 -2.93 23.21 -5.11
C TRP C 42 -2.83 24.54 -5.78
N VAL C 43 -1.68 24.76 -6.43
CA VAL C 43 -1.31 26.04 -7.07
C VAL C 43 -0.78 25.69 -8.49
N LYS C 44 -1.29 26.38 -9.50
CA LYS C 44 -0.86 26.29 -10.90
C LYS C 44 0.07 27.45 -11.30
N GLN C 45 1.22 27.12 -11.94
CA GLN C 45 2.13 28.08 -12.54
C GLN C 45 2.55 27.71 -13.97
N ARG C 46 2.14 28.53 -14.93
CA ARG C 46 2.47 28.36 -16.35
C ARG C 46 3.80 29.03 -16.68
N PRO C 47 4.60 28.41 -17.60
CA PRO C 47 5.95 28.95 -17.91
C PRO C 47 6.06 30.47 -18.01
N GLY C 48 6.95 31.03 -17.20
CA GLY C 48 7.19 32.47 -17.13
C GLY C 48 6.00 33.33 -16.75
N ARG C 49 4.90 32.71 -16.25
CA ARG C 49 3.75 33.43 -15.72
C ARG C 49 3.61 33.31 -14.16
N GLY C 50 2.55 33.94 -13.65
CA GLY C 50 2.30 33.99 -12.23
C GLY C 50 1.63 32.74 -11.67
N LEU C 51 1.13 32.89 -10.46
CA LEU C 51 0.60 31.83 -9.64
C LEU C 51 -0.92 31.93 -9.58
N GLU C 52 -1.58 30.80 -9.74
CA GLU C 52 -3.02 30.71 -9.59
C GLU C 52 -3.36 29.66 -8.56
N TRP C 53 -4.17 30.01 -7.57
CA TRP C 53 -4.60 29.09 -6.54
C TRP C 53 -5.80 28.32 -7.08
N ILE C 54 -5.72 26.98 -7.06
CA ILE C 54 -6.77 26.10 -7.59
C ILE C 54 -7.88 25.81 -6.58
N GLY C 55 -7.47 25.44 -5.37
CA GLY C 55 -8.35 24.90 -4.35
C GLY C 55 -7.59 24.27 -3.22
N ARG C 56 -8.29 23.87 -2.18
CA ARG C 56 -7.74 23.16 -1.02
C ARG C 56 -8.64 22.01 -0.58
N ILE C 57 -8.03 21.01 0.04
CA ILE C 57 -8.74 19.86 0.58
C ILE C 57 -8.28 19.58 2.02
N ASP C 58 -9.25 19.22 2.90
CA ASP C 58 -8.98 18.82 4.28
C ASP C 58 -8.88 17.30 4.26
N PRO C 59 -7.68 16.72 4.50
CA PRO C 59 -7.56 15.25 4.46
C PRO C 59 -8.33 14.46 5.52
N SER C 60 -8.78 15.14 6.61
CA SER C 60 -9.55 14.48 7.67
C SER C 60 -10.97 14.03 7.25
N ASP C 61 -11.67 14.84 6.43
CA ASP C 61 -13.10 14.63 6.13
C ASP C 61 -13.43 14.92 4.64
N ASN C 62 -12.40 15.22 3.81
CA ASN C 62 -12.52 15.46 2.36
C ASN C 62 -13.23 16.77 2.01
N GLU C 63 -13.43 17.69 2.97
CA GLU C 63 -13.97 19.03 2.68
C GLU C 63 -13.06 19.77 1.68
N THR C 64 -13.68 20.39 0.66
CA THR C 64 -12.97 21.09 -0.41
C THR C 64 -13.46 22.52 -0.53
N HIS C 65 -12.54 23.43 -0.87
CA HIS C 65 -12.88 24.75 -1.41
C HIS C 65 -12.18 24.89 -2.75
N TYR C 66 -12.91 25.29 -3.79
CA TYR C 66 -12.39 25.45 -5.14
C TYR C 66 -12.45 26.88 -5.58
N ASN C 67 -11.41 27.30 -6.30
CA ASN C 67 -11.48 28.47 -7.16
C ASN C 67 -12.50 28.13 -8.26
N GLN C 68 -13.53 28.99 -8.44
CA GLN C 68 -14.62 28.80 -9.39
C GLN C 68 -14.19 28.64 -10.85
N ASP C 69 -13.05 29.23 -11.23
CA ASP C 69 -12.41 29.03 -12.54
C ASP C 69 -11.98 27.58 -12.79
N PHE C 70 -11.79 26.77 -11.72
CA PHE C 70 -11.31 25.41 -11.85
C PHE C 70 -12.37 24.34 -11.52
N LYS C 71 -13.59 24.75 -11.10
CA LYS C 71 -14.65 23.85 -10.63
C LYS C 71 -15.03 22.68 -11.58
N ASP C 72 -15.04 22.94 -12.91
CA ASP C 72 -15.40 21.94 -13.92
C ASP C 72 -14.18 21.13 -14.40
N LYS C 73 -12.98 21.63 -14.13
CA LYS C 73 -11.71 21.07 -14.59
C LYS C 73 -11.15 20.10 -13.55
N VAL C 74 -11.39 20.37 -12.26
CA VAL C 74 -10.54 19.85 -11.18
C VAL C 74 -11.36 19.11 -10.13
N THR C 75 -10.81 18.01 -9.58
CA THR C 75 -11.33 17.28 -8.43
C THR C 75 -10.17 16.93 -7.51
N LEU C 76 -10.30 17.32 -6.24
CA LEU C 76 -9.33 16.98 -5.20
C LEU C 76 -9.82 15.80 -4.40
N THR C 77 -8.93 14.84 -4.14
CA THR C 77 -9.19 13.67 -3.29
C THR C 77 -7.99 13.42 -2.36
N VAL C 78 -8.17 12.57 -1.34
CA VAL C 78 -7.08 12.14 -0.45
C VAL C 78 -7.09 10.62 -0.26
N ASP C 79 -5.92 10.05 0.02
CA ASP C 79 -5.79 8.69 0.57
C ASP C 79 -5.07 8.83 1.92
N LYS C 80 -5.84 8.73 3.03
CA LYS C 80 -5.31 8.82 4.40
C LYS C 80 -4.23 7.76 4.68
N SER C 81 -4.43 6.54 4.18
CA SER C 81 -3.52 5.41 4.44
C SER C 81 -2.13 5.58 3.81
N SER C 82 -2.03 6.37 2.72
CA SER C 82 -0.74 6.63 2.10
C SER C 82 -0.26 8.07 2.34
N SER C 83 -1.02 8.86 3.15
CA SER C 83 -0.79 10.28 3.41
C SER C 83 -0.66 11.07 2.06
N THR C 84 -1.54 10.74 1.08
CA THR C 84 -1.45 11.30 -0.28
C THR C 84 -2.67 12.15 -0.63
N VAL C 85 -2.42 13.32 -1.21
CA VAL C 85 -3.40 14.25 -1.78
C VAL C 85 -3.28 14.15 -3.30
N TYR C 86 -4.42 14.01 -3.97
CA TYR C 86 -4.47 13.95 -5.42
C TYR C 86 -5.24 15.12 -6.02
N ILE C 87 -4.83 15.51 -7.21
CA ILE C 87 -5.59 16.43 -8.05
C ILE C 87 -5.85 15.72 -9.36
N GLN C 88 -7.12 15.71 -9.78
CA GLN C 88 -7.52 15.15 -11.06
C GLN C 88 -7.97 16.27 -11.98
N LEU C 89 -7.47 16.27 -13.22
CA LEU C 89 -7.86 17.22 -14.28
C LEU C 89 -8.44 16.46 -15.43
N SER C 90 -9.59 16.92 -15.95
CA SER C 90 -10.29 16.30 -17.08
C SER C 90 -10.14 17.17 -18.35
N SER C 91 -10.48 16.61 -19.52
CA SER C 91 -10.45 17.20 -20.89
C SER C 91 -9.26 18.11 -21.12
N LEU C 92 -8.05 17.55 -21.01
CA LEU C 92 -6.81 18.31 -21.03
C LEU C 92 -6.55 19.01 -22.34
N THR C 93 -6.12 20.28 -22.27
CA THR C 93 -5.68 21.10 -23.41
C THR C 93 -4.28 21.62 -23.11
N SER C 94 -3.61 22.21 -24.10
CA SER C 94 -2.29 22.83 -23.93
C SER C 94 -2.32 23.99 -22.91
N GLU C 95 -3.50 24.61 -22.68
CA GLU C 95 -3.73 25.60 -21.62
C GLU C 95 -3.50 25.05 -20.20
N ASP C 96 -3.57 23.73 -20.06
CA ASP C 96 -3.40 23.02 -18.79
C ASP C 96 -1.95 22.68 -18.51
N SER C 97 -1.07 22.69 -19.54
CA SER C 97 0.36 22.46 -19.35
C SER C 97 0.94 23.55 -18.43
N ALA C 98 1.58 23.14 -17.31
CA ALA C 98 2.00 24.00 -16.20
C ALA C 98 2.73 23.15 -15.15
N VAL C 99 3.38 23.82 -14.21
CA VAL C 99 3.82 23.23 -12.95
C VAL C 99 2.64 23.32 -11.95
N TYR C 100 2.32 22.21 -11.33
CA TYR C 100 1.30 22.09 -10.30
C TYR C 100 1.99 21.83 -8.97
N TYR C 101 1.85 22.77 -8.04
CA TYR C 101 2.39 22.67 -6.68
C TYR C 101 1.32 22.26 -5.71
N CYS C 102 1.65 21.32 -4.82
CA CYS C 102 0.94 21.24 -3.55
C CYS C 102 1.65 22.13 -2.46
N GLY C 103 0.82 22.75 -1.63
CA GLY C 103 1.24 23.65 -0.58
C GLY C 103 0.40 23.48 0.66
N ARG C 104 1.03 23.13 1.78
CA ARG C 104 0.33 22.94 3.06
C ARG C 104 -0.18 24.30 3.58
N LEU C 105 -1.45 24.36 4.01
CA LEU C 105 -1.98 25.55 4.69
C LEU C 105 -1.53 25.55 6.17
N GLY C 106 -0.73 26.55 6.57
CA GLY C 106 -0.47 26.80 7.98
C GLY C 106 -1.72 27.32 8.67
N TYR C 107 -1.73 27.30 10.03
CA TYR C 107 -2.86 27.81 10.83
C TYR C 107 -2.96 29.35 10.76
N VAL C 108 -1.89 30.03 10.29
CA VAL C 108 -1.91 31.48 9.95
C VAL C 108 -2.55 31.74 8.55
N TYR C 109 -2.83 30.67 7.78
CA TYR C 109 -3.53 30.69 6.49
C TYR C 109 -2.68 31.10 5.28
N GLY C 110 -1.36 31.08 5.45
CA GLY C 110 -0.40 31.13 4.34
C GLY C 110 0.11 29.73 4.02
N PHE C 111 0.83 29.59 2.91
CA PHE C 111 1.33 28.30 2.47
C PHE C 111 2.75 28.11 2.97
N ASP C 112 2.89 27.32 4.06
CA ASP C 112 4.15 27.28 4.83
C ASP C 112 5.16 26.22 4.32
N TYR C 113 4.65 25.15 3.64
CA TYR C 113 5.47 24.11 3.02
C TYR C 113 4.97 23.80 1.64
N TRP C 114 5.90 23.54 0.71
CA TRP C 114 5.58 23.33 -0.70
C TRP C 114 6.26 22.09 -1.25
N GLY C 115 5.57 21.38 -2.12
CA GLY C 115 6.21 20.39 -2.97
C GLY C 115 7.07 21.05 -4.03
N GLN C 116 7.94 20.25 -4.67
CA GLN C 116 8.76 20.73 -5.80
C GLN C 116 7.97 21.00 -7.10
N GLY C 117 6.73 20.48 -7.17
CA GLY C 117 5.89 20.67 -8.36
C GLY C 117 6.05 19.56 -9.37
N THR C 118 4.92 19.20 -9.99
CA THR C 118 4.84 18.30 -11.12
C THR C 118 4.70 19.15 -12.37
N THR C 119 5.62 18.97 -13.35
CA THR C 119 5.44 19.54 -14.69
C THR C 119 4.49 18.69 -15.52
N LEU C 120 3.29 19.22 -15.78
CA LEU C 120 2.30 18.57 -16.61
C LEU C 120 2.49 19.07 -18.05
N THR C 121 2.75 18.13 -18.97
CA THR C 121 2.84 18.42 -20.40
C THR C 121 1.68 17.76 -21.11
N VAL C 122 0.79 18.60 -21.68
CA VAL C 122 -0.31 18.10 -22.50
C VAL C 122 0.15 18.06 -23.97
N SER C 123 0.39 16.83 -24.50
CA SER C 123 1.04 16.64 -25.81
C SER C 123 0.81 15.23 -26.37
N SER C 124 0.71 15.11 -27.70
CA SER C 124 0.58 13.77 -28.32
C SER C 124 1.96 13.12 -28.63
N ALA C 125 3.06 13.86 -28.41
CA ALA C 125 4.43 13.36 -28.59
C ALA C 125 4.82 12.35 -27.49
N LYS C 126 5.79 11.48 -27.78
CA LYS C 126 6.25 10.43 -26.87
C LYS C 126 7.37 10.91 -25.94
N THR C 127 7.53 10.22 -24.80
CA THR C 127 8.65 10.42 -23.89
C THR C 127 9.95 10.07 -24.63
N THR C 128 10.98 10.93 -24.49
CA THR C 128 12.31 10.70 -25.08
C THR C 128 13.35 10.97 -24.00
N ALA C 129 14.12 9.93 -23.61
CA ALA C 129 15.20 10.09 -22.63
C ALA C 129 16.33 10.96 -23.23
N PRO C 130 17.01 11.80 -22.45
CA PRO C 130 18.08 12.62 -23.05
C PRO C 130 19.34 11.83 -23.41
N SER C 131 20.07 12.33 -24.41
CA SER C 131 21.46 11.98 -24.62
C SER C 131 22.30 12.95 -23.75
N VAL C 132 23.22 12.41 -22.94
CA VAL C 132 24.04 13.20 -22.03
C VAL C 132 25.50 13.16 -22.49
N TYR C 133 26.07 14.31 -22.82
CA TYR C 133 27.42 14.34 -23.36
C TYR C 133 28.40 15.10 -22.47
N PRO C 134 29.56 14.48 -22.13
CA PRO C 134 30.56 15.21 -21.35
C PRO C 134 31.28 16.24 -22.22
N LEU C 135 31.45 17.48 -21.70
CA LEU C 135 32.18 18.51 -22.41
C LEU C 135 33.47 18.83 -21.68
N ALA C 136 34.57 18.30 -22.22
CA ALA C 136 35.93 18.48 -21.72
C ALA C 136 36.59 19.63 -22.47
N PRO C 137 37.59 20.33 -21.86
CA PRO C 137 38.26 21.42 -22.59
C PRO C 137 38.98 20.97 -23.85
N VAL C 138 39.25 21.93 -24.76
CA VAL C 138 40.09 21.77 -25.96
C VAL C 138 41.51 21.31 -25.52
N CYS C 139 42.23 20.60 -26.40
CA CYS C 139 43.63 20.22 -26.16
C CYS C 139 44.53 21.45 -26.19
N GLY C 140 45.32 21.63 -25.13
CA GLY C 140 46.21 22.77 -24.96
C GLY C 140 45.88 23.61 -23.74
N THR C 143 46.31 26.88 -20.76
CA THR C 143 45.83 26.41 -19.46
C THR C 143 46.14 27.40 -18.32
N GLY C 144 45.09 27.95 -17.70
CA GLY C 144 45.20 28.94 -16.64
C GLY C 144 45.00 28.42 -15.24
N SER C 145 44.66 29.32 -14.29
CA SER C 145 44.45 28.98 -12.86
C SER C 145 43.12 28.23 -12.62
N SER C 146 42.12 28.42 -13.52
CA SER C 146 40.84 27.71 -13.46
C SER C 146 40.48 26.98 -14.77
N VAL C 147 39.55 26.00 -14.67
CA VAL C 147 39.08 25.13 -15.76
C VAL C 147 37.55 25.15 -15.79
N THR C 148 36.95 25.38 -16.99
CA THR C 148 35.53 25.20 -17.22
C THR C 148 35.25 23.87 -17.94
N LEU C 149 34.39 23.06 -17.33
CA LEU C 149 33.86 21.83 -17.89
C LEU C 149 32.36 22.00 -18.15
N GLY C 150 31.81 21.19 -19.05
CA GLY C 150 30.40 21.26 -19.38
C GLY C 150 29.69 19.93 -19.48
N CYS C 151 28.36 20.00 -19.51
CA CYS C 151 27.51 18.85 -19.69
C CYS C 151 26.38 19.23 -20.60
N LEU C 152 26.25 18.52 -21.71
CA LEU C 152 25.22 18.75 -22.72
C LEU C 152 24.10 17.71 -22.61
N VAL C 153 22.86 18.18 -22.44
CA VAL C 153 21.68 17.34 -22.24
C VAL C 153 20.76 17.56 -23.44
N LYS C 154 20.81 16.63 -24.40
CA LYS C 154 20.24 16.85 -25.72
C LYS C 154 19.09 15.90 -26.03
N GLY C 155 18.03 16.46 -26.61
CA GLY C 155 16.98 15.70 -27.27
C GLY C 155 16.04 14.92 -26.36
N TYR C 156 15.55 15.57 -25.32
CA TYR C 156 14.61 14.97 -24.38
C TYR C 156 13.23 15.58 -24.50
N PHE C 157 12.23 14.83 -24.03
CA PHE C 157 10.85 15.24 -23.96
C PHE C 157 10.11 14.32 -22.97
N PRO C 158 9.21 14.85 -22.11
CA PRO C 158 8.94 16.29 -21.88
C PRO C 158 9.94 16.88 -20.87
N GLU C 159 9.74 18.15 -20.49
CA GLU C 159 10.39 18.74 -19.31
C GLU C 159 9.93 18.06 -18.01
N PRO C 160 10.72 18.12 -16.90
CA PRO C 160 12.06 18.73 -16.75
C PRO C 160 13.17 17.66 -16.78
N VAL C 161 14.44 18.12 -16.70
CA VAL C 161 15.55 17.28 -16.23
C VAL C 161 16.13 17.93 -14.96
N THR C 162 16.78 17.12 -14.13
CA THR C 162 17.56 17.61 -13.00
C THR C 162 19.00 17.22 -13.25
N LEU C 163 19.89 18.22 -13.26
CA LEU C 163 21.33 18.03 -13.43
C LEU C 163 22.05 18.40 -12.13
N THR C 164 22.95 17.53 -11.69
CA THR C 164 23.86 17.81 -10.57
C THR C 164 25.30 17.52 -11.00
N TRP C 165 26.25 18.06 -10.24
CA TRP C 165 27.65 17.73 -10.39
C TRP C 165 28.12 17.02 -9.11
N ASN C 166 28.82 15.87 -9.29
CA ASN C 166 29.34 15.04 -8.19
C ASN C 166 28.25 14.75 -7.14
N SER C 167 27.07 14.30 -7.62
CA SER C 167 25.87 13.97 -6.84
C SER C 167 25.34 15.11 -5.95
N GLY C 168 25.65 16.35 -6.33
CA GLY C 168 25.21 17.55 -5.61
C GLY C 168 26.26 18.17 -4.72
N SER C 169 27.40 17.48 -4.51
CA SER C 169 28.47 17.95 -3.63
C SER C 169 29.29 19.10 -4.24
N LEU C 170 29.32 19.17 -5.58
CA LEU C 170 29.92 20.27 -6.34
C LEU C 170 28.79 21.20 -6.78
N SER C 171 28.55 22.25 -6.00
CA SER C 171 27.45 23.20 -6.21
C SER C 171 27.89 24.63 -6.59
N SER C 172 29.08 25.07 -6.17
CA SER C 172 29.56 26.40 -6.51
C SER C 172 30.32 26.39 -7.84
N GLY C 173 30.32 27.55 -8.50
CA GLY C 173 30.90 27.74 -9.84
C GLY C 173 30.09 27.07 -10.93
N VAL C 174 28.80 26.76 -10.66
CA VAL C 174 27.89 26.01 -11.55
C VAL C 174 26.90 26.98 -12.22
N HIS C 175 26.79 26.90 -13.55
CA HIS C 175 25.72 27.54 -14.31
C HIS C 175 24.93 26.48 -15.09
N THR C 176 23.62 26.36 -14.80
CA THR C 176 22.70 25.43 -15.48
C THR C 176 21.74 26.28 -16.28
N PHE C 177 21.81 26.14 -17.60
CA PHE C 177 21.07 26.98 -18.53
C PHE C 177 19.66 26.41 -18.73
N PRO C 178 18.63 27.28 -18.74
CA PRO C 178 17.27 26.81 -19.07
C PRO C 178 17.19 26.07 -20.40
N ALA C 179 16.30 25.06 -20.44
CA ALA C 179 16.04 24.24 -21.64
C ALA C 179 15.49 25.10 -22.78
N VAL C 180 15.90 24.80 -23.99
CA VAL C 180 15.36 25.43 -25.20
C VAL C 180 14.68 24.32 -26.02
N LEU C 181 13.46 24.59 -26.51
CA LEU C 181 12.71 23.67 -27.34
C LEU C 181 13.04 23.89 -28.80
N GLN C 182 13.59 22.85 -29.44
CA GLN C 182 13.98 22.87 -30.85
C GLN C 182 13.51 21.60 -31.53
N SER C 183 12.59 21.76 -32.49
CA SER C 183 11.95 20.69 -33.29
C SER C 183 11.37 19.62 -32.38
N ASP C 184 10.53 20.05 -31.41
CA ASP C 184 9.78 19.16 -30.49
C ASP C 184 10.64 18.44 -29.43
N LEU C 185 11.95 18.75 -29.37
CA LEU C 185 12.84 18.21 -28.33
C LEU C 185 13.55 19.33 -27.56
N TYR C 186 13.85 19.08 -26.28
CA TYR C 186 14.57 20.01 -25.42
C TYR C 186 16.03 19.68 -25.34
N THR C 187 16.81 20.74 -25.19
CA THR C 187 18.25 20.71 -24.99
C THR C 187 18.55 21.70 -23.86
N LEU C 188 19.35 21.26 -22.91
CA LEU C 188 19.84 22.02 -21.75
C LEU C 188 21.34 21.78 -21.71
N SER C 189 22.07 22.71 -21.09
CA SER C 189 23.47 22.51 -20.78
C SER C 189 23.80 23.05 -19.41
N SER C 190 24.96 22.64 -18.89
CA SER C 190 25.49 23.13 -17.62
C SER C 190 27.00 23.28 -17.72
N SER C 191 27.53 24.34 -17.13
CA SER C 191 28.97 24.49 -16.94
C SER C 191 29.34 24.42 -15.44
N VAL C 192 30.55 23.97 -15.16
CA VAL C 192 31.15 24.04 -13.83
C VAL C 192 32.61 24.53 -13.98
N THR C 193 33.01 25.48 -13.13
CA THR C 193 34.35 26.05 -13.09
C THR C 193 35.02 25.66 -11.77
N VAL C 194 36.20 25.02 -11.88
CA VAL C 194 37.04 24.61 -10.75
C VAL C 194 38.47 25.15 -10.97
N THR C 195 39.32 25.13 -9.92
CA THR C 195 40.75 25.41 -10.06
C THR C 195 41.46 24.31 -10.86
N SER C 196 42.54 24.67 -11.60
CA SER C 196 43.37 23.73 -12.38
C SER C 196 43.99 22.61 -11.55
N SER C 197 44.26 22.85 -10.26
CA SER C 197 44.77 21.85 -9.30
C SER C 197 43.72 20.80 -8.95
N THR C 198 42.41 21.14 -9.07
CA THR C 198 41.27 20.28 -8.76
C THR C 198 40.96 19.26 -9.87
N TRP C 199 40.97 19.68 -11.16
CA TRP C 199 40.65 18.79 -12.29
C TRP C 199 41.79 18.70 -13.31
N PRO C 200 42.16 17.50 -13.84
CA PRO C 200 41.53 16.18 -13.66
C PRO C 200 41.96 15.34 -12.44
N SER C 201 42.77 15.90 -11.52
CA SER C 201 43.28 15.19 -10.33
C SER C 201 42.15 14.60 -9.48
N GLN C 202 41.10 15.40 -9.20
CA GLN C 202 39.85 14.95 -8.56
C GLN C 202 38.76 14.79 -9.62
N SER C 203 37.91 13.75 -9.44
CA SER C 203 36.85 13.36 -10.36
C SER C 203 35.69 14.35 -10.40
N ILE C 204 35.26 14.74 -11.62
CA ILE C 204 34.06 15.55 -11.85
C ILE C 204 33.11 14.77 -12.76
N THR C 205 31.91 14.52 -12.24
CA THR C 205 30.87 13.74 -12.89
C THR C 205 29.58 14.57 -12.96
N CYS C 206 29.00 14.59 -14.15
CA CYS C 206 27.70 15.15 -14.45
C CYS C 206 26.60 14.08 -14.20
N ASN C 207 25.54 14.40 -13.42
CA ASN C 207 24.41 13.48 -13.20
C ASN C 207 23.12 14.12 -13.70
N VAL C 208 22.36 13.37 -14.49
CA VAL C 208 21.18 13.89 -15.16
C VAL C 208 20.03 12.93 -14.92
N ALA C 209 18.97 13.43 -14.27
CA ALA C 209 17.75 12.68 -14.03
C ALA C 209 16.65 13.24 -14.94
N HIS C 210 15.94 12.34 -15.68
CA HIS C 210 14.76 12.69 -16.50
C HIS C 210 13.55 11.92 -15.94
N PRO C 211 12.76 12.54 -15.01
CA PRO C 211 11.69 11.77 -14.33
C PRO C 211 10.66 11.11 -15.25
N ALA C 212 10.30 11.76 -16.38
CA ALA C 212 9.32 11.20 -17.32
C ALA C 212 9.75 9.84 -17.93
N SER C 213 11.06 9.61 -18.11
CA SER C 213 11.59 8.33 -18.62
C SER C 213 12.21 7.48 -17.49
N SER C 214 12.14 7.96 -16.22
CA SER C 214 12.71 7.29 -15.03
C SER C 214 14.21 6.94 -15.25
N THR C 215 14.95 7.83 -15.95
CA THR C 215 16.37 7.62 -16.25
C THR C 215 17.26 8.49 -15.39
N LYS C 216 18.37 7.90 -14.94
CA LYS C 216 19.41 8.59 -14.18
C LYS C 216 20.75 8.17 -14.78
N VAL C 217 21.45 9.13 -15.40
CA VAL C 217 22.69 8.87 -16.12
C VAL C 217 23.85 9.71 -15.54
N ASP C 218 25.02 9.08 -15.41
CA ASP C 218 26.25 9.71 -14.99
C ASP C 218 27.26 9.76 -16.13
N LYS C 219 27.86 10.94 -16.34
CA LYS C 219 28.96 11.11 -17.27
C LYS C 219 30.13 11.79 -16.57
N LYS C 220 31.22 11.03 -16.39
CA LYS C 220 32.51 11.55 -15.91
C LYS C 220 33.14 12.39 -17.03
N ILE C 221 33.61 13.58 -16.69
CA ILE C 221 34.33 14.42 -17.64
C ILE C 221 35.78 13.93 -17.65
N GLU C 222 36.21 13.34 -18.77
CA GLU C 222 37.57 12.85 -18.97
C GLU C 222 38.32 13.78 -19.93
N PRO C 223 39.63 14.05 -19.71
CA PRO C 223 40.39 14.83 -20.71
C PRO C 223 40.34 14.24 -22.12
N ARG C 224 40.33 15.11 -23.15
CA ARG C 224 40.24 14.70 -24.56
C ARG C 224 41.52 14.04 -25.03
N GLN D 7 -3.14 -27.96 -7.77
CA GLN D 7 -3.35 -26.92 -8.78
C GLN D 7 -4.59 -27.18 -9.66
N VAL D 8 -5.44 -26.15 -9.82
CA VAL D 8 -6.57 -26.17 -10.75
C VAL D 8 -6.06 -26.27 -12.17
N GLN D 9 -6.50 -27.29 -12.91
CA GLN D 9 -6.17 -27.46 -14.32
C GLN D 9 -7.41 -27.72 -15.14
N LEU D 10 -7.56 -27.02 -16.28
CA LEU D 10 -8.58 -27.31 -17.28
C LEU D 10 -7.86 -27.79 -18.52
N GLN D 11 -8.04 -29.07 -18.88
CA GLN D 11 -7.34 -29.69 -20.01
C GLN D 11 -8.22 -29.84 -21.24
N GLN D 12 -7.85 -29.12 -22.32
CA GLN D 12 -8.50 -29.18 -23.63
C GLN D 12 -7.55 -29.75 -24.67
N PRO D 13 -8.00 -30.67 -25.56
CA PRO D 13 -7.18 -31.02 -26.75
C PRO D 13 -6.84 -29.80 -27.59
N GLY D 14 -5.65 -29.78 -28.17
CA GLY D 14 -5.15 -28.63 -28.93
C GLY D 14 -5.93 -28.33 -30.20
N ALA D 15 -6.41 -29.38 -30.88
CA ALA D 15 -6.96 -29.16 -32.24
C ALA D 15 -8.09 -30.13 -32.55
N GLU D 16 -9.05 -29.69 -33.39
CA GLU D 16 -10.02 -30.54 -34.08
C GLU D 16 -10.11 -30.07 -35.53
N LEU D 17 -9.82 -30.97 -36.49
CA LEU D 17 -10.04 -30.74 -37.91
C LEU D 17 -11.30 -31.48 -38.33
N VAL D 18 -12.31 -30.74 -38.81
CA VAL D 18 -13.62 -31.33 -39.12
C VAL D 18 -14.04 -30.79 -40.50
N LYS D 19 -14.70 -31.61 -41.28
CA LYS D 19 -15.25 -31.23 -42.58
C LYS D 19 -16.54 -30.38 -42.41
N PRO D 20 -16.77 -29.41 -43.34
CA PRO D 20 -18.07 -28.71 -43.37
C PRO D 20 -19.27 -29.63 -43.45
N GLY D 21 -20.29 -29.32 -42.66
CA GLY D 21 -21.52 -30.11 -42.62
C GLY D 21 -21.50 -31.18 -41.55
N ALA D 22 -20.32 -31.49 -41.01
CA ALA D 22 -20.21 -32.45 -39.89
C ALA D 22 -20.52 -31.81 -38.52
N SER D 23 -20.51 -32.63 -37.45
CA SER D 23 -20.57 -32.15 -36.06
C SER D 23 -19.22 -32.37 -35.42
N VAL D 24 -19.01 -31.74 -34.26
CA VAL D 24 -17.81 -31.89 -33.43
C VAL D 24 -18.25 -31.90 -31.93
N LYS D 25 -17.51 -32.62 -31.10
CA LYS D 25 -17.63 -32.57 -29.63
C LYS D 25 -16.26 -32.23 -29.05
N MET D 26 -16.16 -31.09 -28.40
CA MET D 26 -14.87 -30.70 -27.81
C MET D 26 -14.96 -30.87 -26.28
N SER D 27 -13.85 -31.18 -25.65
CA SER D 27 -13.88 -31.56 -24.25
C SER D 27 -13.00 -30.65 -23.42
N CYS D 28 -13.36 -30.53 -22.14
CA CYS D 28 -12.63 -29.80 -21.12
C CYS D 28 -12.57 -30.69 -19.85
N LYS D 29 -11.40 -31.28 -19.55
CA LYS D 29 -11.21 -32.11 -18.36
C LYS D 29 -10.69 -31.28 -17.18
N ALA D 30 -11.46 -31.25 -16.07
CA ALA D 30 -11.17 -30.44 -14.91
C ALA D 30 -10.51 -31.28 -13.82
N SER D 31 -9.51 -30.71 -13.13
CA SER D 31 -8.88 -31.34 -11.95
C SER D 31 -8.43 -30.26 -10.97
N GLY D 32 -8.20 -30.69 -9.72
CA GLY D 32 -7.58 -29.85 -8.70
C GLY D 32 -8.56 -29.05 -7.87
N TYR D 33 -9.87 -29.34 -8.02
CA TYR D 33 -10.95 -28.69 -7.26
C TYR D 33 -12.19 -29.60 -7.32
N SER D 34 -13.22 -29.27 -6.51
CA SER D 34 -14.48 -30.02 -6.49
C SER D 34 -15.33 -29.71 -7.72
N PHE D 35 -15.35 -30.64 -8.67
CA PHE D 35 -15.89 -30.45 -10.02
C PHE D 35 -17.35 -29.97 -10.04
N THR D 36 -18.18 -30.50 -9.13
CA THR D 36 -19.62 -30.18 -9.06
C THR D 36 -19.94 -28.90 -8.27
N SER D 37 -18.91 -28.22 -7.72
CA SER D 37 -19.10 -26.98 -6.96
C SER D 37 -19.04 -25.70 -7.80
N TYR D 38 -18.69 -25.81 -9.10
CA TYR D 38 -18.44 -24.64 -9.97
C TYR D 38 -19.04 -24.81 -11.35
N TRP D 39 -19.70 -23.75 -11.85
CA TRP D 39 -20.09 -23.66 -13.26
C TRP D 39 -18.87 -23.66 -14.19
N MET D 40 -19.06 -24.20 -15.40
CA MET D 40 -18.09 -24.13 -16.49
C MET D 40 -18.65 -23.33 -17.65
N ASN D 41 -17.89 -22.31 -18.09
CA ASN D 41 -18.21 -21.51 -19.28
C ASN D 41 -17.49 -21.99 -20.52
N TRP D 42 -18.08 -21.70 -21.68
CA TRP D 42 -17.39 -21.79 -22.95
C TRP D 42 -17.36 -20.45 -23.60
N VAL D 43 -16.22 -20.15 -24.24
CA VAL D 43 -15.91 -18.85 -24.86
C VAL D 43 -15.33 -19.14 -26.26
N LYS D 44 -15.85 -18.47 -27.28
CA LYS D 44 -15.37 -18.52 -28.67
C LYS D 44 -14.52 -17.30 -29.04
N GLN D 45 -13.34 -17.55 -29.65
CA GLN D 45 -12.47 -16.51 -30.19
C GLN D 45 -11.96 -16.84 -31.62
N ARG D 46 -12.47 -16.13 -32.61
CA ARG D 46 -11.90 -16.21 -33.97
C ARG D 46 -10.49 -15.60 -34.07
N PRO D 47 -9.71 -16.07 -35.09
CA PRO D 47 -8.41 -15.42 -35.41
C PRO D 47 -8.36 -13.90 -35.36
N GLY D 48 -7.48 -13.39 -34.49
CA GLY D 48 -7.26 -11.96 -34.24
C GLY D 48 -8.48 -11.12 -33.88
N ARG D 49 -9.56 -11.74 -33.36
CA ARG D 49 -10.80 -11.04 -33.04
C ARG D 49 -11.08 -11.11 -31.52
N GLY D 50 -12.23 -10.58 -31.09
CA GLY D 50 -12.66 -10.57 -29.70
C GLY D 50 -13.27 -11.86 -29.18
N LEU D 51 -13.81 -11.77 -27.99
CA LEU D 51 -14.29 -12.91 -27.22
C LEU D 51 -15.81 -12.89 -27.20
N GLU D 52 -16.39 -14.06 -27.44
CA GLU D 52 -17.83 -14.24 -27.34
C GLU D 52 -18.12 -15.34 -26.34
N TRP D 53 -18.99 -15.05 -25.37
CA TRP D 53 -19.38 -16.02 -24.38
C TRP D 53 -20.51 -16.86 -24.98
N ILE D 54 -20.35 -18.17 -24.95
CA ILE D 54 -21.33 -19.13 -25.53
C ILE D 54 -22.44 -19.51 -24.56
N GLY D 55 -22.05 -19.84 -23.35
CA GLY D 55 -22.93 -20.46 -22.36
C GLY D 55 -22.16 -21.03 -21.20
N ARG D 56 -22.87 -21.47 -20.18
CA ARG D 56 -22.31 -22.17 -19.01
C ARG D 56 -23.15 -23.37 -18.62
N ILE D 57 -22.50 -24.34 -17.99
CA ILE D 57 -23.16 -25.53 -17.49
C ILE D 57 -22.72 -25.79 -16.04
N ASP D 58 -23.69 -26.23 -15.18
CA ASP D 58 -23.44 -26.62 -13.79
C ASP D 58 -23.25 -28.11 -13.81
N PRO D 59 -22.03 -28.62 -13.56
CA PRO D 59 -21.82 -30.09 -13.59
C PRO D 59 -22.57 -30.93 -12.55
N SER D 60 -23.09 -30.29 -11.48
CA SER D 60 -23.86 -31.01 -10.44
C SER D 60 -25.24 -31.53 -10.91
N ASP D 61 -25.95 -30.76 -11.74
CA ASP D 61 -27.36 -31.05 -12.09
C ASP D 61 -27.66 -30.77 -13.59
N ASN D 62 -26.62 -30.40 -14.39
CA ASN D 62 -26.72 -30.16 -15.84
C ASN D 62 -27.51 -28.90 -16.21
N GLU D 63 -27.79 -28.00 -15.23
CA GLU D 63 -28.39 -26.70 -15.54
C GLU D 63 -27.50 -25.89 -16.51
N THR D 64 -28.12 -25.30 -17.56
CA THR D 64 -27.43 -24.57 -18.62
C THR D 64 -27.99 -23.17 -18.74
N HIS D 65 -27.13 -22.21 -19.06
CA HIS D 65 -27.54 -20.92 -19.60
C HIS D 65 -26.81 -20.73 -20.93
N TYR D 66 -27.53 -20.37 -21.98
CA TYR D 66 -26.96 -20.16 -23.31
C TYR D 66 -27.10 -18.75 -23.74
N ASN D 67 -26.08 -18.24 -24.41
CA ASN D 67 -26.18 -17.08 -25.29
C ASN D 67 -27.12 -17.49 -26.44
N GLN D 68 -28.20 -16.71 -26.64
CA GLN D 68 -29.23 -16.95 -27.64
C GLN D 68 -28.73 -17.06 -29.08
N ASP D 69 -27.62 -16.39 -29.40
CA ASP D 69 -26.92 -16.52 -30.69
C ASP D 69 -26.38 -17.94 -30.95
N PHE D 70 -26.19 -18.75 -29.87
CA PHE D 70 -25.60 -20.08 -30.01
C PHE D 70 -26.58 -21.22 -29.74
N LYS D 71 -27.84 -20.91 -29.35
CA LYS D 71 -28.85 -21.89 -28.95
C LYS D 71 -29.11 -23.06 -29.96
N ASP D 72 -29.07 -22.78 -31.26
CA ASP D 72 -29.32 -23.77 -32.32
C ASP D 72 -28.03 -24.47 -32.79
N LYS D 73 -26.88 -23.91 -32.43
CA LYS D 73 -25.57 -24.39 -32.85
C LYS D 73 -24.98 -25.36 -31.83
N VAL D 74 -25.28 -25.11 -30.53
CA VAL D 74 -24.47 -25.59 -29.41
C VAL D 74 -25.29 -26.36 -28.38
N THR D 75 -24.69 -27.43 -27.81
CA THR D 75 -25.21 -28.21 -26.68
C THR D 75 -24.10 -28.49 -25.70
N LEU D 76 -24.30 -28.08 -24.43
CA LEU D 76 -23.37 -28.36 -23.35
C LEU D 76 -23.80 -29.57 -22.59
N THR D 77 -22.86 -30.47 -22.28
CA THR D 77 -23.08 -31.65 -21.42
C THR D 77 -21.89 -31.83 -20.47
N VAL D 78 -22.06 -32.71 -19.46
CA VAL D 78 -20.97 -33.08 -18.54
C VAL D 78 -20.91 -34.60 -18.35
N ASP D 79 -19.72 -35.11 -18.06
CA ASP D 79 -19.51 -36.45 -17.52
C ASP D 79 -18.86 -36.29 -16.15
N LYS D 80 -19.64 -36.46 -15.06
CA LYS D 80 -19.17 -36.37 -13.68
C LYS D 80 -18.05 -37.34 -13.36
N SER D 81 -18.14 -38.57 -13.89
CA SER D 81 -17.17 -39.64 -13.61
C SER D 81 -15.78 -39.36 -14.19
N SER D 82 -15.70 -38.55 -15.27
CA SER D 82 -14.41 -38.23 -15.85
C SER D 82 -14.03 -36.76 -15.57
N SER D 83 -14.86 -36.03 -14.79
CA SER D 83 -14.72 -34.60 -14.52
C SER D 83 -14.60 -33.79 -15.83
N THR D 84 -15.43 -34.14 -16.85
CA THR D 84 -15.32 -33.58 -18.20
C THR D 84 -16.59 -32.79 -18.59
N VAL D 85 -16.38 -31.60 -19.16
CA VAL D 85 -17.41 -30.75 -19.74
C VAL D 85 -17.22 -30.81 -21.26
N TYR D 86 -18.32 -31.00 -21.98
CA TYR D 86 -18.32 -31.07 -23.44
C TYR D 86 -19.13 -29.96 -24.05
N ILE D 87 -18.71 -29.56 -25.25
CA ILE D 87 -19.51 -28.71 -26.10
C ILE D 87 -19.66 -29.42 -27.45
N GLN D 88 -20.90 -29.53 -27.90
CA GLN D 88 -21.21 -30.12 -29.20
C GLN D 88 -21.70 -29.04 -30.14
N LEU D 89 -21.15 -29.02 -31.37
CA LEU D 89 -21.55 -28.09 -32.44
C LEU D 89 -22.03 -28.89 -33.62
N SER D 90 -23.19 -28.49 -34.18
CA SER D 90 -23.78 -29.14 -35.37
C SER D 90 -23.61 -28.28 -36.64
N SER D 91 -23.84 -28.88 -37.83
CA SER D 91 -23.79 -28.29 -39.21
C SER D 91 -22.67 -27.30 -39.38
N LEU D 92 -21.44 -27.76 -39.23
CA LEU D 92 -20.27 -26.90 -39.17
C LEU D 92 -20.01 -26.17 -40.48
N THR D 93 -19.69 -24.85 -40.36
CA THR D 93 -19.28 -23.97 -41.48
C THR D 93 -17.95 -23.35 -41.10
N SER D 94 -17.29 -22.67 -42.06
CA SER D 94 -16.05 -21.94 -41.82
C SER D 94 -16.23 -20.81 -40.81
N GLU D 95 -17.47 -20.30 -40.63
CA GLU D 95 -17.83 -19.35 -39.55
C GLU D 95 -17.59 -19.89 -38.13
N ASP D 96 -17.55 -21.22 -38.01
CA ASP D 96 -17.37 -21.91 -36.73
C ASP D 96 -15.92 -22.12 -36.39
N SER D 97 -15.01 -22.02 -37.38
CA SER D 97 -13.57 -22.12 -37.12
C SER D 97 -13.12 -21.01 -36.17
N ALA D 98 -12.48 -21.39 -35.03
CA ALA D 98 -12.16 -20.53 -33.89
C ALA D 98 -11.41 -21.35 -32.84
N VAL D 99 -10.85 -20.64 -31.86
CA VAL D 99 -10.43 -21.24 -30.59
C VAL D 99 -11.64 -21.23 -29.64
N TYR D 100 -11.90 -22.38 -29.03
CA TYR D 100 -12.93 -22.57 -28.05
C TYR D 100 -12.29 -22.80 -26.71
N TYR D 101 -12.52 -21.87 -25.76
CA TYR D 101 -12.01 -21.96 -24.39
C TYR D 101 -13.08 -22.44 -23.44
N CYS D 102 -12.71 -23.35 -22.54
CA CYS D 102 -13.46 -23.50 -21.31
C CYS D 102 -12.85 -22.59 -20.18
N GLY D 103 -13.74 -22.02 -19.39
CA GLY D 103 -13.40 -21.12 -18.29
C GLY D 103 -14.26 -21.38 -17.08
N ARG D 104 -13.64 -21.70 -15.94
CA ARG D 104 -14.36 -21.94 -14.69
C ARG D 104 -14.97 -20.62 -14.15
N LEU D 105 -16.25 -20.65 -13.76
CA LEU D 105 -16.87 -19.53 -13.06
C LEU D 105 -16.45 -19.51 -11.57
N GLY D 106 -15.73 -18.47 -11.15
CA GLY D 106 -15.51 -18.23 -9.73
C GLY D 106 -16.80 -17.80 -9.05
N TYR D 107 -16.84 -17.87 -7.72
CA TYR D 107 -17.99 -17.41 -6.90
C TYR D 107 -18.19 -15.89 -6.96
N VAL D 108 -17.14 -15.14 -7.39
CA VAL D 108 -17.23 -13.70 -7.71
C VAL D 108 -17.86 -13.44 -9.11
N TYR D 109 -18.10 -14.51 -9.90
CA TYR D 109 -18.75 -14.48 -11.21
C TYR D 109 -17.90 -14.01 -12.39
N GLY D 110 -16.59 -13.98 -12.20
CA GLY D 110 -15.64 -13.84 -13.31
C GLY D 110 -15.04 -15.19 -13.63
N PHE D 111 -14.26 -15.27 -14.73
CA PHE D 111 -13.70 -16.53 -15.18
C PHE D 111 -12.29 -16.65 -14.66
N ASP D 112 -12.12 -17.44 -13.56
CA ASP D 112 -10.87 -17.40 -12.76
C ASP D 112 -9.80 -18.39 -13.27
N TYR D 113 -10.22 -19.47 -13.97
CA TYR D 113 -9.31 -20.46 -14.59
C TYR D 113 -9.75 -20.77 -15.98
N TRP D 114 -8.79 -20.96 -16.87
CA TRP D 114 -9.05 -21.15 -18.31
C TRP D 114 -8.27 -22.34 -18.83
N GLY D 115 -8.89 -23.10 -19.73
CA GLY D 115 -8.17 -24.03 -20.57
C GLY D 115 -7.32 -23.29 -21.60
N GLN D 116 -6.37 -24.01 -22.20
CA GLN D 116 -5.56 -23.48 -23.30
C GLN D 116 -6.34 -23.25 -24.62
N GLY D 117 -7.52 -23.86 -24.74
CA GLY D 117 -8.33 -23.72 -25.95
C GLY D 117 -8.07 -24.80 -26.96
N THR D 118 -9.14 -25.24 -27.62
CA THR D 118 -9.10 -26.11 -28.78
C THR D 118 -9.25 -25.25 -30.01
N THR D 119 -8.29 -25.36 -30.95
CA THR D 119 -8.45 -24.76 -32.29
C THR D 119 -9.30 -25.65 -33.17
N LEU D 120 -10.53 -25.23 -33.46
CA LEU D 120 -11.42 -25.91 -34.37
C LEU D 120 -11.21 -25.36 -35.79
N THR D 121 -10.83 -26.23 -36.71
CA THR D 121 -10.70 -25.87 -38.13
C THR D 121 -11.76 -26.60 -38.92
N VAL D 122 -12.69 -25.85 -39.51
CA VAL D 122 -13.71 -26.45 -40.37
C VAL D 122 -13.20 -26.39 -41.82
N SER D 123 -12.83 -27.57 -42.39
CA SER D 123 -12.12 -27.60 -43.67
C SER D 123 -12.19 -28.99 -44.31
N SER D 124 -12.22 -29.03 -45.66
CA SER D 124 -12.19 -30.33 -46.36
C SER D 124 -10.74 -30.79 -46.68
N ALA D 125 -9.74 -29.94 -46.38
CA ALA D 125 -8.31 -30.30 -46.51
C ALA D 125 -7.86 -31.32 -45.42
N LYS D 126 -6.81 -32.09 -45.72
CA LYS D 126 -6.36 -33.17 -44.81
C LYS D 126 -5.32 -32.67 -43.79
N THR D 127 -5.19 -33.38 -42.68
CA THR D 127 -4.14 -33.17 -41.70
C THR D 127 -2.78 -33.42 -42.38
N THR D 128 -1.81 -32.50 -42.16
CA THR D 128 -0.46 -32.65 -42.67
C THR D 128 0.50 -32.34 -41.52
N ALA D 129 1.30 -33.33 -41.11
CA ALA D 129 2.32 -33.14 -40.08
C ALA D 129 3.42 -32.20 -40.61
N PRO D 130 4.02 -31.32 -39.78
CA PRO D 130 5.07 -30.45 -40.31
C PRO D 130 6.37 -31.17 -40.64
N SER D 131 7.11 -30.61 -41.60
CA SER D 131 8.55 -30.90 -41.74
C SER D 131 9.28 -29.91 -40.81
N VAL D 132 10.19 -30.41 -39.97
CA VAL D 132 10.93 -29.59 -39.01
C VAL D 132 12.42 -29.56 -39.40
N TYR D 133 12.94 -28.36 -39.69
CA TYR D 133 14.32 -28.26 -40.16
C TYR D 133 15.20 -27.46 -39.21
N PRO D 134 16.37 -28.03 -38.82
CA PRO D 134 17.30 -27.26 -37.98
C PRO D 134 18.00 -26.17 -38.79
N LEU D 135 18.08 -24.95 -38.24
CA LEU D 135 18.79 -23.85 -38.90
C LEU D 135 20.01 -23.47 -38.11
N ALA D 136 21.17 -23.93 -38.61
CA ALA D 136 22.49 -23.69 -38.03
C ALA D 136 23.12 -22.50 -38.73
N PRO D 137 24.06 -21.75 -38.07
CA PRO D 137 24.70 -20.62 -38.73
C PRO D 137 25.50 -21.01 -39.97
N VAL D 138 25.76 -20.02 -40.85
CA VAL D 138 26.68 -20.10 -41.99
C VAL D 138 28.09 -20.48 -41.47
N CYS D 139 28.91 -21.16 -42.31
CA CYS D 139 30.30 -21.46 -41.99
C CYS D 139 31.12 -20.17 -41.97
N GLY D 140 31.84 -19.96 -40.86
CA GLY D 140 32.67 -18.77 -40.65
C GLY D 140 32.24 -17.95 -39.45
N THR D 143 32.37 -14.68 -36.44
CA THR D 143 31.91 -15.22 -35.16
C THR D 143 32.10 -14.22 -33.99
N GLY D 144 30.98 -13.77 -33.42
CA GLY D 144 30.97 -12.79 -32.33
C GLY D 144 30.72 -13.39 -30.95
N SER D 145 30.30 -12.54 -30.00
CA SER D 145 30.03 -12.92 -28.60
C SER D 145 28.73 -13.75 -28.46
N SER D 146 27.77 -13.58 -29.40
CA SER D 146 26.52 -14.36 -29.43
C SER D 146 26.28 -15.08 -30.77
N VAL D 147 25.39 -16.12 -30.75
CA VAL D 147 25.02 -16.98 -31.87
C VAL D 147 23.48 -17.05 -31.98
N THR D 148 22.93 -16.85 -33.19
CA THR D 148 21.51 -17.10 -33.48
C THR D 148 21.36 -18.43 -34.22
N LEU D 149 20.51 -19.29 -33.66
CA LEU D 149 20.07 -20.54 -34.26
C LEU D 149 18.57 -20.44 -34.59
N GLY D 150 18.12 -21.27 -35.51
CA GLY D 150 16.71 -21.26 -35.92
C GLY D 150 16.09 -22.63 -36.07
N CYS D 151 14.76 -22.63 -36.18
CA CYS D 151 13.98 -23.82 -36.42
C CYS D 151 12.87 -23.48 -37.39
N LEU D 152 12.83 -24.17 -38.52
CA LEU D 152 11.85 -23.98 -39.57
C LEU D 152 10.78 -25.09 -39.52
N VAL D 153 9.50 -24.68 -39.42
CA VAL D 153 8.35 -25.59 -39.27
C VAL D 153 7.47 -25.39 -40.51
N LYS D 154 7.62 -26.30 -41.48
CA LYS D 154 7.10 -26.08 -42.82
C LYS D 154 6.01 -27.09 -43.21
N GLY D 155 4.94 -26.57 -43.81
CA GLY D 155 3.96 -27.35 -44.54
C GLY D 155 3.04 -28.19 -43.67
N TYR D 156 2.47 -27.59 -42.63
CA TYR D 156 1.53 -28.27 -41.75
C TYR D 156 0.11 -27.74 -41.90
N PHE D 157 -0.86 -28.57 -41.49
CA PHE D 157 -2.28 -28.25 -41.48
C PHE D 157 -2.98 -29.22 -40.55
N PRO D 158 -3.95 -28.78 -39.72
CA PRO D 158 -4.34 -27.37 -39.44
C PRO D 158 -3.41 -26.75 -38.37
N GLU D 159 -3.73 -25.51 -37.95
CA GLU D 159 -3.18 -24.91 -36.73
C GLU D 159 -3.66 -25.69 -35.48
N PRO D 160 -2.94 -25.59 -34.33
CA PRO D 160 -1.65 -24.90 -34.11
C PRO D 160 -0.45 -25.87 -34.12
N VAL D 161 0.77 -25.31 -33.99
CA VAL D 161 1.92 -26.08 -33.50
C VAL D 161 2.40 -25.44 -32.20
N THR D 162 3.07 -26.22 -31.36
CA THR D 162 3.78 -25.70 -30.18
C THR D 162 5.25 -26.00 -30.39
N LEU D 163 6.08 -24.96 -30.35
CA LEU D 163 7.54 -25.06 -30.46
C LEU D 163 8.18 -24.66 -29.13
N THR D 164 9.13 -25.48 -28.67
CA THR D 164 9.96 -25.16 -27.50
C THR D 164 11.44 -25.39 -27.86
N TRP D 165 12.32 -24.81 -27.06
CA TRP D 165 13.74 -25.07 -27.15
C TRP D 165 14.19 -25.76 -25.86
N ASN D 166 14.95 -26.87 -26.01
CA ASN D 166 15.46 -27.70 -24.90
C ASN D 166 14.33 -28.05 -23.89
N SER D 167 13.21 -28.55 -24.44
CA SER D 167 11.99 -28.94 -23.73
C SER D 167 11.36 -27.84 -22.85
N GLY D 168 11.62 -26.58 -23.20
CA GLY D 168 11.09 -25.42 -22.49
C GLY D 168 12.07 -24.76 -21.55
N SER D 169 13.23 -25.39 -21.29
CA SER D 169 14.23 -24.89 -20.35
C SER D 169 15.02 -23.69 -20.91
N LEU D 170 15.09 -23.59 -22.25
CA LEU D 170 15.69 -22.47 -22.97
C LEU D 170 14.54 -21.59 -23.45
N SER D 171 14.21 -20.56 -22.66
CA SER D 171 13.08 -19.65 -22.91
C SER D 171 13.48 -18.20 -23.22
N SER D 172 14.64 -17.72 -22.74
CA SER D 172 15.09 -16.36 -23.05
C SER D 172 15.88 -16.30 -24.35
N GLY D 173 15.86 -15.13 -24.98
CA GLY D 173 16.46 -14.88 -26.29
C GLY D 173 15.74 -15.57 -27.44
N VAL D 174 14.44 -15.94 -27.23
CA VAL D 174 13.61 -16.72 -28.15
C VAL D 174 12.61 -15.83 -28.87
N HIS D 175 12.57 -15.90 -30.21
CA HIS D 175 11.49 -15.31 -31.02
C HIS D 175 10.79 -16.41 -31.84
N THR D 176 9.48 -16.57 -31.63
CA THR D 176 8.65 -17.53 -32.36
C THR D 176 7.71 -16.73 -33.22
N PHE D 177 7.86 -16.86 -34.55
CA PHE D 177 7.13 -16.05 -35.52
C PHE D 177 5.78 -16.67 -35.83
N PRO D 178 4.70 -15.86 -35.86
CA PRO D 178 3.37 -16.42 -36.18
C PRO D 178 3.35 -17.15 -37.53
N ALA D 179 2.53 -18.21 -37.60
CA ALA D 179 2.32 -19.02 -38.80
C ALA D 179 1.75 -18.17 -39.94
N VAL D 180 2.20 -18.43 -41.16
CA VAL D 180 1.66 -17.82 -42.36
C VAL D 180 1.06 -18.94 -43.20
N LEU D 181 -0.18 -18.74 -43.68
CA LEU D 181 -0.87 -19.67 -44.57
C LEU D 181 -0.53 -19.39 -46.01
N GLN D 182 0.08 -20.38 -46.67
CA GLN D 182 0.51 -20.28 -48.08
C GLN D 182 0.14 -21.57 -48.79
N SER D 183 -0.79 -21.45 -49.76
CA SER D 183 -1.31 -22.54 -50.59
C SER D 183 -1.82 -23.69 -49.73
N ASP D 184 -2.71 -23.34 -48.77
CA ASP D 184 -3.41 -24.31 -47.90
C ASP D 184 -2.51 -24.97 -46.83
N LEU D 185 -1.23 -24.56 -46.71
CA LEU D 185 -0.32 -25.07 -45.68
C LEU D 185 0.29 -23.93 -44.86
N TYR D 186 0.57 -24.18 -43.58
CA TYR D 186 1.20 -23.24 -42.67
C TYR D 186 2.69 -23.50 -42.56
N THR D 187 3.42 -22.39 -42.38
CA THR D 187 4.84 -22.36 -42.11
C THR D 187 5.04 -21.38 -40.96
N LEU D 188 5.82 -21.80 -39.97
CA LEU D 188 6.22 -21.05 -38.79
C LEU D 188 7.75 -21.21 -38.69
N SER D 189 8.40 -20.28 -38.00
CA SER D 189 9.80 -20.41 -37.63
C SER D 189 10.05 -19.87 -36.22
N SER D 190 11.19 -20.20 -35.66
CA SER D 190 11.64 -19.69 -34.38
C SER D 190 13.14 -19.45 -34.40
N SER D 191 13.60 -18.38 -33.75
CA SER D 191 15.01 -18.15 -33.50
C SER D 191 15.32 -18.21 -32.00
N VAL D 192 16.53 -18.59 -31.68
CA VAL D 192 17.07 -18.52 -30.32
C VAL D 192 18.50 -17.94 -30.39
N THR D 193 18.81 -16.99 -29.51
CA THR D 193 20.12 -16.34 -29.41
C THR D 193 20.76 -16.71 -28.08
N VAL D 194 21.95 -17.30 -28.12
CA VAL D 194 22.76 -17.68 -26.97
C VAL D 194 24.18 -17.09 -27.11
N THR D 195 24.98 -17.08 -26.03
CA THR D 195 26.40 -16.71 -26.07
C THR D 195 27.20 -17.77 -26.86
N SER D 196 28.30 -17.34 -27.54
CA SER D 196 29.21 -18.22 -28.29
C SER D 196 29.86 -19.33 -27.45
N SER D 197 30.05 -19.09 -26.14
CA SER D 197 30.56 -20.08 -25.18
C SER D 197 29.55 -21.19 -24.88
N THR D 198 28.24 -20.91 -25.07
CA THR D 198 27.12 -21.84 -24.83
C THR D 198 26.92 -22.85 -25.97
N TRP D 199 26.97 -22.41 -27.25
CA TRP D 199 26.75 -23.29 -28.39
C TRP D 199 27.95 -23.31 -29.38
N PRO D 200 28.40 -24.47 -29.89
CA PRO D 200 27.84 -25.84 -29.76
C PRO D 200 28.24 -26.67 -28.53
N SER D 201 28.99 -26.08 -27.56
CA SER D 201 29.47 -26.79 -26.37
C SER D 201 28.33 -27.46 -25.58
N GLN D 202 27.23 -26.72 -25.34
CA GLN D 202 25.98 -27.23 -24.77
C GLN D 202 24.93 -27.44 -25.89
N SER D 203 24.15 -28.51 -25.76
CA SER D 203 23.15 -28.95 -26.74
C SER D 203 21.94 -28.00 -26.82
N ILE D 204 21.56 -27.63 -28.06
CA ILE D 204 20.32 -26.88 -28.34
C ILE D 204 19.46 -27.69 -29.29
N THR D 205 18.24 -28.00 -28.84
CA THR D 205 17.28 -28.84 -29.54
C THR D 205 15.95 -28.09 -29.65
N CYS D 206 15.42 -28.08 -30.87
CA CYS D 206 14.10 -27.57 -31.23
C CYS D 206 13.06 -28.71 -31.05
N ASN D 207 11.97 -28.46 -30.30
CA ASN D 207 10.87 -29.43 -30.12
C ASN D 207 9.57 -28.87 -30.66
N VAL D 208 8.91 -29.63 -31.54
CA VAL D 208 7.71 -29.18 -32.26
C VAL D 208 6.61 -30.21 -32.06
N ALA D 209 5.49 -29.77 -31.48
CA ALA D 209 4.30 -30.60 -31.31
C ALA D 209 3.22 -30.08 -32.25
N HIS D 210 2.60 -30.99 -33.04
CA HIS D 210 1.45 -30.72 -33.90
C HIS D 210 0.28 -31.59 -33.42
N PRO D 211 -0.60 -31.07 -32.52
CA PRO D 211 -1.64 -31.93 -31.91
C PRO D 211 -2.58 -32.63 -32.90
N ALA D 212 -2.92 -31.97 -34.03
CA ALA D 212 -3.82 -32.56 -35.03
C ALA D 212 -3.28 -33.85 -35.67
N SER D 213 -1.95 -33.99 -35.80
CA SER D 213 -1.33 -35.21 -36.32
C SER D 213 -0.70 -36.06 -35.20
N SER D 214 -0.87 -35.64 -33.92
CA SER D 214 -0.33 -36.32 -32.74
C SER D 214 1.21 -36.56 -32.89
N THR D 215 1.91 -35.60 -33.51
CA THR D 215 3.36 -35.70 -33.72
C THR D 215 4.13 -34.80 -32.77
N LYS D 216 5.24 -35.31 -32.26
CA LYS D 216 6.20 -34.59 -31.44
C LYS D 216 7.59 -34.92 -31.98
N VAL D 217 8.26 -33.91 -32.54
CA VAL D 217 9.56 -34.09 -33.21
C VAL D 217 10.63 -33.19 -32.58
N ASP D 218 11.82 -33.77 -32.41
CA ASP D 218 13.01 -33.08 -31.91
C ASP D 218 14.06 -32.96 -33.01
N LYS D 219 14.61 -31.75 -33.16
CA LYS D 219 15.73 -31.49 -34.04
C LYS D 219 16.82 -30.77 -33.28
N LYS D 220 17.94 -31.47 -33.05
CA LYS D 220 19.18 -30.90 -32.51
C LYS D 220 19.82 -30.02 -33.59
N ILE D 221 20.20 -28.79 -33.21
CA ILE D 221 20.92 -27.90 -34.12
C ILE D 221 22.40 -28.31 -34.05
N GLU D 222 22.91 -28.86 -35.17
CA GLU D 222 24.31 -29.27 -35.30
C GLU D 222 25.06 -28.29 -36.22
N PRO D 223 26.34 -27.97 -35.93
CA PRO D 223 27.12 -27.14 -36.88
C PRO D 223 27.15 -27.72 -38.30
N ARG D 224 27.13 -26.83 -39.32
CA ARG D 224 27.11 -27.19 -40.74
C ARG D 224 28.44 -27.81 -41.17
N ASP E 3 -30.05 -6.94 -24.81
CA ASP E 3 -28.68 -7.38 -24.54
C ASP E 3 -27.82 -6.21 -24.11
N ILE E 4 -27.14 -6.34 -22.94
CA ILE E 4 -26.18 -5.35 -22.46
C ILE E 4 -24.97 -5.36 -23.40
N VAL E 5 -24.69 -4.19 -24.00
CA VAL E 5 -23.54 -3.97 -24.87
C VAL E 5 -22.47 -3.20 -24.07
N LEU E 6 -21.22 -3.70 -24.11
CA LEU E 6 -20.09 -3.02 -23.46
C LEU E 6 -19.25 -2.35 -24.52
N THR E 7 -19.02 -1.04 -24.37
CA THR E 7 -18.22 -0.27 -25.31
C THR E 7 -16.94 0.17 -24.62
N GLN E 8 -15.78 -0.28 -25.13
CA GLN E 8 -14.46 0.12 -24.67
C GLN E 8 -13.94 1.30 -25.46
N SER E 9 -13.23 2.20 -24.78
CA SER E 9 -12.46 3.25 -25.41
C SER E 9 -11.13 3.45 -24.67
N PRO E 10 -10.03 3.70 -25.43
CA PRO E 10 -9.91 3.68 -26.90
C PRO E 10 -9.83 2.25 -27.43
N ALA E 11 -9.88 2.06 -28.75
CA ALA E 11 -9.65 0.72 -29.36
C ALA E 11 -8.18 0.34 -29.20
N SER E 12 -7.32 1.34 -29.05
CA SER E 12 -5.87 1.15 -29.01
C SER E 12 -5.22 2.28 -28.25
N LEU E 13 -4.07 2.00 -27.65
CA LEU E 13 -3.36 2.89 -26.73
C LEU E 13 -1.89 2.63 -26.99
N ALA E 14 -1.08 3.69 -27.07
CA ALA E 14 0.37 3.59 -27.24
C ALA E 14 0.99 4.48 -26.19
N LEU E 15 1.77 3.90 -25.29
CA LEU E 15 2.35 4.62 -24.19
C LEU E 15 3.78 4.25 -23.94
N SER E 16 4.54 5.19 -23.40
CA SER E 16 5.90 5.01 -22.95
C SER E 16 5.90 4.36 -21.55
N LEU E 17 6.96 3.61 -21.20
CA LEU E 17 7.14 3.07 -19.84
C LEU E 17 7.01 4.17 -18.76
N GLY E 18 6.17 3.92 -17.76
CA GLY E 18 6.00 4.84 -16.64
C GLY E 18 4.77 5.72 -16.71
N GLN E 19 4.23 5.95 -17.92
CA GLN E 19 2.93 6.59 -18.13
C GLN E 19 1.75 5.75 -17.55
N ARG E 20 0.59 6.40 -17.39
CA ARG E 20 -0.65 5.81 -16.95
C ARG E 20 -1.47 5.35 -18.15
N ALA E 21 -1.91 4.08 -18.14
CA ALA E 21 -2.94 3.58 -19.06
C ALA E 21 -4.31 3.71 -18.42
N THR E 22 -5.21 4.46 -19.07
CA THR E 22 -6.62 4.51 -18.66
C THR E 22 -7.49 3.94 -19.76
N ILE E 23 -8.26 2.89 -19.42
CA ILE E 23 -9.14 2.17 -20.36
C ILE E 23 -10.57 2.24 -19.79
N SER E 24 -11.50 2.77 -20.57
CA SER E 24 -12.91 2.89 -20.15
C SER E 24 -13.75 1.75 -20.70
N CYS E 25 -14.81 1.40 -19.97
CA CYS E 25 -15.82 0.46 -20.41
C CYS E 25 -17.14 1.13 -20.07
N ARG E 26 -17.99 1.35 -21.08
CA ARG E 26 -19.36 1.81 -20.84
C ARG E 26 -20.37 0.69 -21.14
N ALA E 27 -21.26 0.41 -20.17
CA ALA E 27 -22.36 -0.55 -20.33
C ALA E 27 -23.62 0.18 -20.77
N SER E 28 -24.40 -0.43 -21.69
CA SER E 28 -25.65 0.12 -22.22
C SER E 28 -26.74 0.22 -21.14
N LYS E 29 -26.70 -0.67 -20.13
CA LYS E 29 -27.54 -0.65 -18.94
C LYS E 29 -26.62 -0.89 -17.74
N SER E 30 -27.09 -0.57 -16.53
CA SER E 30 -26.34 -0.78 -15.29
C SER E 30 -26.01 -2.27 -15.09
N VAL E 31 -24.74 -2.53 -14.73
CA VAL E 31 -24.31 -3.88 -14.32
C VAL E 31 -24.17 -4.00 -12.78
N SER E 32 -24.61 -2.97 -12.04
CA SER E 32 -24.59 -2.95 -10.59
C SER E 32 -25.97 -3.28 -9.98
N THR E 33 -26.02 -4.30 -9.09
CA THR E 33 -27.22 -4.71 -8.36
C THR E 33 -26.88 -5.22 -6.95
N SER E 34 -27.65 -4.75 -5.93
CA SER E 34 -27.55 -5.17 -4.53
C SER E 34 -26.11 -5.04 -3.96
N GLY E 35 -25.52 -3.86 -4.16
CA GLY E 35 -24.18 -3.54 -3.68
C GLY E 35 -23.00 -4.03 -4.50
N TYR E 36 -23.22 -4.92 -5.50
CA TYR E 36 -22.15 -5.46 -6.38
C TYR E 36 -22.21 -4.95 -7.81
N SER E 37 -21.03 -4.71 -8.43
CA SER E 37 -20.86 -4.39 -9.85
C SER E 37 -20.33 -5.62 -10.54
N TYR E 38 -21.15 -6.22 -11.43
CA TYR E 38 -20.76 -7.44 -12.14
C TYR E 38 -19.88 -7.12 -13.34
N MET E 39 -18.69 -6.51 -13.06
CA MET E 39 -17.71 -6.01 -14.02
C MET E 39 -16.36 -6.69 -13.78
N TYR E 40 -15.68 -7.09 -14.88
CA TYR E 40 -14.44 -7.89 -14.90
C TYR E 40 -13.53 -7.42 -16.00
N TRP E 41 -12.23 -7.39 -15.71
CA TRP E 41 -11.20 -7.06 -16.67
C TRP E 41 -10.24 -8.21 -16.86
N TYR E 42 -9.89 -8.46 -18.11
CA TYR E 42 -8.98 -9.55 -18.51
C TYR E 42 -7.87 -8.99 -19.34
N GLN E 43 -6.69 -9.61 -19.23
CA GLN E 43 -5.55 -9.36 -20.09
C GLN E 43 -5.43 -10.59 -21.01
N GLN E 44 -5.19 -10.36 -22.31
CA GLN E 44 -4.85 -11.47 -23.21
C GLN E 44 -3.63 -11.17 -24.10
N LYS E 45 -2.67 -12.08 -24.07
CA LYS E 45 -1.52 -12.04 -24.98
C LYS E 45 -1.72 -13.06 -26.11
N PRO E 46 -1.22 -12.81 -27.36
CA PRO E 46 -1.51 -13.75 -28.48
C PRO E 46 -1.07 -15.21 -28.22
N GLY E 47 -1.95 -16.17 -28.53
CA GLY E 47 -1.71 -17.60 -28.32
C GLY E 47 -1.96 -18.08 -26.88
N GLN E 48 -2.56 -17.22 -26.05
CA GLN E 48 -2.81 -17.56 -24.65
C GLN E 48 -4.25 -17.29 -24.31
N PRO E 49 -4.85 -18.02 -23.33
CA PRO E 49 -6.18 -17.60 -22.86
C PRO E 49 -6.18 -16.26 -22.15
N PRO E 50 -7.34 -15.55 -22.07
CA PRO E 50 -7.42 -14.36 -21.19
C PRO E 50 -7.11 -14.72 -19.73
N LYS E 51 -6.55 -13.76 -18.98
CA LYS E 51 -6.27 -13.88 -17.57
C LYS E 51 -7.08 -12.79 -16.84
N LEU E 52 -7.87 -13.20 -15.82
CA LEU E 52 -8.63 -12.28 -14.99
C LEU E 52 -7.71 -11.35 -14.19
N LEU E 53 -7.93 -10.06 -14.30
CA LEU E 53 -7.13 -9.08 -13.55
C LEU E 53 -7.91 -8.50 -12.37
N ILE E 54 -9.17 -8.10 -12.65
CA ILE E 54 -10.03 -7.34 -11.77
C ILE E 54 -11.38 -8.04 -11.76
N TYR E 55 -11.92 -8.30 -10.56
CA TYR E 55 -13.27 -8.87 -10.43
C TYR E 55 -14.16 -7.93 -9.62
N LEU E 56 -15.47 -7.95 -9.89
CA LEU E 56 -16.45 -7.08 -9.21
C LEU E 56 -16.02 -5.61 -9.22
N ALA E 57 -15.61 -5.10 -10.41
CA ALA E 57 -15.22 -3.71 -10.74
C ALA E 57 -13.90 -3.22 -10.15
N SER E 58 -13.56 -3.61 -8.90
CA SER E 58 -12.52 -2.92 -8.15
C SER E 58 -11.55 -3.80 -7.39
N ASN E 59 -11.70 -5.13 -7.48
CA ASN E 59 -10.86 -6.03 -6.67
C ASN E 59 -9.81 -6.67 -7.55
N LEU E 60 -8.54 -6.51 -7.15
CA LEU E 60 -7.37 -7.09 -7.81
C LEU E 60 -7.33 -8.59 -7.55
N GLU E 61 -7.25 -9.38 -8.63
CA GLU E 61 -7.12 -10.84 -8.54
C GLU E 61 -5.76 -11.20 -7.89
N SER E 62 -5.67 -12.35 -7.21
CA SER E 62 -4.42 -12.84 -6.60
C SER E 62 -3.33 -13.01 -7.66
N GLY E 63 -2.13 -12.53 -7.34
CA GLY E 63 -0.96 -12.62 -8.20
C GLY E 63 -0.94 -11.61 -9.34
N VAL E 64 -1.84 -10.61 -9.31
CA VAL E 64 -1.87 -9.52 -10.30
C VAL E 64 -1.11 -8.32 -9.69
N PRO E 65 -0.18 -7.66 -10.42
CA PRO E 65 0.60 -6.58 -9.82
C PRO E 65 -0.24 -5.39 -9.33
N ALA E 66 0.21 -4.73 -8.25
CA ALA E 66 -0.43 -3.56 -7.66
C ALA E 66 -0.57 -2.34 -8.61
N ARG E 67 0.20 -2.33 -9.74
CA ARG E 67 0.07 -1.30 -10.80
C ARG E 67 -1.33 -1.29 -11.47
N PHE E 68 -2.06 -2.44 -11.42
CA PHE E 68 -3.41 -2.59 -11.98
C PHE E 68 -4.44 -2.17 -10.95
N SER E 69 -5.48 -1.45 -11.39
CA SER E 69 -6.59 -1.06 -10.53
C SER E 69 -7.83 -0.90 -11.36
N GLY E 70 -8.98 -1.08 -10.74
CA GLY E 70 -10.25 -0.88 -11.41
C GLY E 70 -11.19 -0.05 -10.57
N SER E 71 -12.07 0.72 -11.20
CA SER E 71 -13.09 1.51 -10.51
C SER E 71 -14.33 1.65 -11.37
N GLY E 72 -15.40 2.14 -10.76
CA GLY E 72 -16.67 2.41 -11.41
C GLY E 72 -17.83 1.70 -10.75
N SER E 73 -19.05 2.05 -11.19
CA SER E 73 -20.35 1.52 -10.73
C SER E 73 -21.38 1.84 -11.81
N GLY E 74 -22.49 1.10 -11.84
CA GLY E 74 -23.58 1.34 -12.77
C GLY E 74 -23.22 1.05 -14.22
N THR E 75 -22.99 2.11 -15.01
CA THR E 75 -22.72 1.98 -16.45
C THR E 75 -21.26 2.33 -16.83
N ASP E 76 -20.50 2.95 -15.92
CA ASP E 76 -19.20 3.53 -16.28
C ASP E 76 -18.08 2.94 -15.44
N PHE E 77 -17.08 2.37 -16.12
CA PHE E 77 -16.02 1.59 -15.49
C PHE E 77 -14.67 1.93 -16.09
N THR E 78 -13.62 1.86 -15.29
CA THR E 78 -12.27 2.18 -15.72
C THR E 78 -11.27 1.13 -15.27
N LEU E 79 -10.31 0.78 -16.13
CA LEU E 79 -9.10 0.05 -15.78
C LEU E 79 -7.92 0.99 -15.91
N ASN E 80 -7.09 1.02 -14.86
CA ASN E 80 -5.86 1.79 -14.80
C ASN E 80 -4.67 0.87 -14.64
N ILE E 81 -3.60 1.17 -15.36
CA ILE E 81 -2.27 0.60 -15.21
C ILE E 81 -1.32 1.77 -15.03
N HIS E 82 -0.67 1.85 -13.86
CA HIS E 82 0.32 2.87 -13.57
C HIS E 82 1.29 2.38 -12.49
N PRO E 83 2.63 2.41 -12.75
CA PRO E 83 3.31 2.74 -14.01
C PRO E 83 3.31 1.57 -15.01
N VAL E 84 2.94 1.86 -16.27
CA VAL E 84 3.00 0.89 -17.40
C VAL E 84 4.43 0.33 -17.52
N GLU E 85 4.54 -0.98 -17.71
CA GLU E 85 5.79 -1.74 -17.85
C GLU E 85 5.75 -2.53 -19.17
N GLU E 86 6.89 -3.12 -19.58
CA GLU E 86 7.02 -3.81 -20.88
C GLU E 86 6.01 -4.94 -21.04
N GLU E 87 5.84 -5.75 -19.97
CA GLU E 87 4.98 -6.93 -19.98
C GLU E 87 3.50 -6.57 -20.02
N ASP E 88 3.19 -5.29 -19.87
CA ASP E 88 1.81 -4.82 -20.02
C ASP E 88 1.30 -4.75 -21.48
N ALA E 89 2.19 -4.90 -22.49
CA ALA E 89 1.76 -4.95 -23.91
C ALA E 89 0.89 -6.19 -24.10
N ALA E 90 -0.39 -5.97 -24.43
CA ALA E 90 -1.43 -6.98 -24.44
C ALA E 90 -2.73 -6.33 -24.92
N THR E 91 -3.79 -7.14 -25.16
CA THR E 91 -5.18 -6.66 -25.30
C THR E 91 -5.95 -6.83 -23.98
N TYR E 92 -6.78 -5.84 -23.64
CA TYR E 92 -7.54 -5.77 -22.41
C TYR E 92 -9.00 -5.77 -22.75
N TYR E 93 -9.78 -6.61 -22.03
CA TYR E 93 -11.23 -6.70 -22.22
C TYR E 93 -11.96 -6.48 -20.95
N CYS E 94 -13.02 -5.67 -21.00
CA CYS E 94 -14.05 -5.72 -19.96
C CYS E 94 -15.09 -6.83 -20.25
N GLN E 95 -15.82 -7.26 -19.21
CA GLN E 95 -16.82 -8.34 -19.32
C GLN E 95 -17.87 -8.10 -18.24
N HIS E 96 -19.15 -8.35 -18.51
CA HIS E 96 -20.14 -8.30 -17.44
C HIS E 96 -20.76 -9.68 -17.21
N SER E 97 -21.30 -9.91 -15.98
CA SER E 97 -22.06 -11.10 -15.60
C SER E 97 -23.41 -10.69 -14.99
N ARG E 98 -24.01 -9.57 -15.49
CA ARG E 98 -25.21 -8.99 -14.88
C ARG E 98 -26.47 -9.78 -15.24
N GLU E 99 -26.65 -10.05 -16.53
CA GLU E 99 -27.78 -10.81 -17.04
C GLU E 99 -27.43 -11.43 -18.39
N LEU E 100 -28.25 -12.40 -18.84
CA LEU E 100 -28.14 -13.07 -20.12
C LEU E 100 -28.34 -12.12 -21.31
N PRO E 101 -27.48 -12.14 -22.35
CA PRO E 101 -26.20 -12.88 -22.43
C PRO E 101 -25.07 -12.13 -21.71
N TRP E 102 -24.13 -12.87 -21.13
CA TRP E 102 -22.87 -12.25 -20.68
C TRP E 102 -22.06 -11.86 -21.90
N THR E 103 -21.42 -10.69 -21.86
CA THR E 103 -20.71 -10.16 -23.03
C THR E 103 -19.38 -9.58 -22.61
N PHE E 104 -18.44 -9.49 -23.58
CA PHE E 104 -17.17 -8.80 -23.41
C PHE E 104 -17.23 -7.46 -24.16
N GLY E 105 -16.42 -6.49 -23.71
CA GLY E 105 -16.13 -5.31 -24.52
C GLY E 105 -15.33 -5.71 -25.76
N GLY E 106 -15.15 -4.76 -26.67
CA GLY E 106 -14.47 -5.02 -27.95
C GLY E 106 -12.97 -5.18 -27.88
N GLY E 107 -12.35 -4.88 -26.74
CA GLY E 107 -10.89 -4.94 -26.60
C GLY E 107 -10.22 -3.60 -26.80
N THR E 108 -9.13 -3.41 -26.04
CA THR E 108 -8.19 -2.29 -26.13
C THR E 108 -6.79 -2.89 -26.22
N LYS E 109 -6.11 -2.66 -27.33
CA LYS E 109 -4.73 -3.10 -27.51
C LYS E 109 -3.82 -2.01 -26.97
N LEU E 110 -2.93 -2.38 -26.04
CA LEU E 110 -1.94 -1.48 -25.46
C LEU E 110 -0.58 -1.84 -26.03
N GLU E 111 0.07 -0.89 -26.70
CA GLU E 111 1.42 -1.07 -27.21
C GLU E 111 2.37 -0.15 -26.48
N ILE E 112 3.63 -0.56 -26.40
CA ILE E 112 4.64 0.25 -25.74
C ILE E 112 5.46 1.07 -26.77
N ASN E 113 5.57 2.40 -26.50
CA ASN E 113 6.50 3.31 -27.18
C ASN E 113 7.83 3.23 -26.48
N ARG E 114 8.93 3.13 -27.23
CA ARG E 114 10.29 3.06 -26.66
C ARG E 114 11.31 3.70 -27.62
N ALA E 115 12.62 3.71 -27.25
CA ALA E 115 13.68 4.17 -28.14
C ALA E 115 13.89 3.24 -29.32
N ASP E 116 14.21 3.85 -30.47
CA ASP E 116 14.64 3.19 -31.68
C ASP E 116 15.77 2.17 -31.47
N ALA E 117 15.70 1.04 -32.17
CA ALA E 117 16.74 0.02 -32.07
C ALA E 117 16.88 -0.62 -33.43
N ALA E 118 18.13 -0.77 -33.85
CA ALA E 118 18.52 -1.35 -35.14
C ALA E 118 18.36 -2.87 -35.09
N PRO E 119 17.95 -3.55 -36.19
CA PRO E 119 17.79 -5.02 -36.13
C PRO E 119 19.12 -5.77 -36.10
N THR E 120 19.11 -6.96 -35.47
CA THR E 120 20.20 -7.93 -35.56
C THR E 120 19.79 -8.90 -36.65
N VAL E 121 20.55 -8.92 -37.76
CA VAL E 121 20.26 -9.71 -38.95
C VAL E 121 21.09 -11.00 -38.97
N SER E 122 20.42 -12.16 -39.21
CA SER E 122 21.07 -13.47 -39.40
C SER E 122 20.49 -14.18 -40.63
N ILE E 123 21.34 -14.79 -41.44
CA ILE E 123 20.94 -15.55 -42.64
C ILE E 123 21.22 -17.05 -42.46
N PHE E 124 20.29 -17.90 -42.95
CA PHE E 124 20.35 -19.35 -42.84
C PHE E 124 20.15 -20.03 -44.20
N PRO E 125 21.19 -20.73 -44.71
CA PRO E 125 21.02 -21.53 -45.93
C PRO E 125 20.00 -22.66 -45.71
N PRO E 126 19.46 -23.30 -46.75
CA PRO E 126 18.63 -24.50 -46.52
C PRO E 126 19.37 -25.53 -45.68
N SER E 127 18.65 -26.20 -44.78
CA SER E 127 19.18 -27.36 -44.06
C SER E 127 19.41 -28.51 -45.06
N SER E 128 20.38 -29.38 -44.76
CA SER E 128 20.69 -30.53 -45.63
C SER E 128 19.53 -31.52 -45.71
N GLU E 129 18.76 -31.68 -44.60
CA GLU E 129 17.52 -32.45 -44.55
C GLU E 129 16.49 -31.95 -45.56
N GLN E 130 16.28 -30.60 -45.63
CA GLN E 130 15.32 -30.03 -46.59
C GLN E 130 15.76 -30.25 -48.04
N LEU E 131 17.06 -30.05 -48.32
CA LEU E 131 17.62 -30.24 -49.66
C LEU E 131 17.44 -31.67 -50.17
N THR E 132 17.64 -32.67 -49.27
CA THR E 132 17.34 -34.09 -49.49
C THR E 132 15.89 -34.31 -50.01
N SER E 133 14.91 -33.57 -49.46
CA SER E 133 13.49 -33.64 -49.86
C SER E 133 13.11 -32.88 -51.16
N GLY E 134 14.06 -32.15 -51.76
CA GLY E 134 13.84 -31.41 -53.01
C GLY E 134 13.48 -29.95 -52.86
N GLY E 135 13.39 -29.49 -51.60
CA GLY E 135 13.05 -28.11 -51.27
C GLY E 135 14.26 -27.31 -50.86
N ALA E 136 14.12 -25.98 -50.88
CA ALA E 136 15.19 -25.03 -50.48
C ALA E 136 14.60 -23.70 -50.00
N SER E 137 14.44 -23.55 -48.68
CA SER E 137 14.08 -22.28 -48.05
C SER E 137 15.33 -21.60 -47.51
N VAL E 138 15.50 -20.33 -47.84
CA VAL E 138 16.53 -19.47 -47.23
C VAL E 138 15.84 -18.57 -46.22
N VAL E 139 16.38 -18.48 -45.01
CA VAL E 139 15.71 -17.80 -43.90
C VAL E 139 16.55 -16.61 -43.42
N CYS E 140 15.89 -15.50 -43.18
CA CYS E 140 16.51 -14.34 -42.59
C CYS E 140 15.80 -13.91 -41.31
N PHE E 141 16.53 -13.74 -40.20
CA PHE E 141 15.94 -13.18 -38.99
C PHE E 141 16.36 -11.74 -38.79
N LEU E 142 15.36 -10.86 -38.56
CA LEU E 142 15.59 -9.43 -38.28
C LEU E 142 15.11 -9.22 -36.87
N ASN E 143 16.05 -9.18 -35.91
CA ASN E 143 15.72 -9.35 -34.49
C ASN E 143 15.93 -8.11 -33.64
N ASN E 144 14.96 -7.88 -32.72
CA ASN E 144 14.99 -6.86 -31.65
C ASN E 144 15.14 -5.43 -32.17
N PHE E 145 14.25 -5.03 -33.07
CA PHE E 145 14.31 -3.69 -33.62
C PHE E 145 13.11 -2.86 -33.12
N TYR E 146 13.18 -1.56 -33.31
CA TYR E 146 12.11 -0.63 -32.98
C TYR E 146 12.33 0.65 -33.82
N PRO E 147 11.28 1.24 -34.44
CA PRO E 147 9.88 0.78 -34.51
C PRO E 147 9.59 -0.47 -35.35
N LYS E 148 8.32 -0.90 -35.37
CA LYS E 148 7.83 -2.12 -36.05
C LYS E 148 8.07 -2.13 -37.59
N ASP E 149 7.85 -0.99 -38.28
CA ASP E 149 8.06 -0.94 -39.73
C ASP E 149 9.51 -1.28 -40.14
N ILE E 150 9.67 -2.20 -41.07
CA ILE E 150 10.97 -2.65 -41.61
C ILE E 150 10.72 -3.25 -42.99
N ASN E 151 11.75 -3.24 -43.84
CA ASN E 151 11.70 -3.88 -45.16
C ASN E 151 12.89 -4.77 -45.35
N VAL E 152 12.66 -5.85 -46.09
CA VAL E 152 13.69 -6.80 -46.45
C VAL E 152 13.74 -6.88 -47.97
N LYS E 153 14.94 -7.04 -48.50
CA LYS E 153 15.18 -7.27 -49.91
C LYS E 153 16.03 -8.53 -49.99
N TRP E 154 15.66 -9.46 -50.90
CA TRP E 154 16.45 -10.63 -51.24
C TRP E 154 17.16 -10.37 -52.53
N LYS E 155 18.47 -10.67 -52.56
CA LYS E 155 19.26 -10.66 -53.80
C LYS E 155 19.85 -12.04 -54.05
N ILE E 156 19.74 -12.50 -55.30
CA ILE E 156 20.33 -13.77 -55.74
C ILE E 156 21.29 -13.46 -56.88
N ASP E 157 22.61 -13.72 -56.67
CA ASP E 157 23.69 -13.33 -57.60
C ASP E 157 23.56 -11.85 -58.05
N GLY E 158 23.29 -10.97 -57.09
CA GLY E 158 23.14 -9.53 -57.30
C GLY E 158 21.87 -9.05 -58.00
N SER E 159 20.87 -9.94 -58.19
CA SER E 159 19.58 -9.59 -58.76
C SER E 159 18.50 -9.72 -57.71
N GLU E 160 17.66 -8.69 -57.60
CA GLU E 160 16.56 -8.62 -56.63
C GLU E 160 15.52 -9.71 -56.91
N ARG E 161 15.11 -10.41 -55.86
CA ARG E 161 14.11 -11.45 -55.94
C ARG E 161 12.88 -11.09 -55.09
N GLN E 162 11.71 -10.97 -55.72
CA GLN E 162 10.45 -10.63 -55.01
C GLN E 162 9.50 -11.80 -54.76
N ASN E 163 9.41 -12.72 -55.72
CA ASN E 163 8.52 -13.88 -55.68
C ASN E 163 9.05 -14.93 -54.72
N GLY E 164 8.14 -15.53 -53.97
CA GLY E 164 8.43 -16.65 -53.07
C GLY E 164 8.91 -16.22 -51.70
N VAL E 165 8.71 -14.93 -51.37
CA VAL E 165 9.14 -14.27 -50.12
C VAL E 165 7.97 -14.12 -49.17
N LEU E 166 8.06 -14.74 -47.97
CA LEU E 166 7.03 -14.54 -46.96
C LEU E 166 7.61 -14.01 -45.68
N ASN E 167 7.02 -12.93 -45.17
CA ASN E 167 7.48 -12.26 -43.96
C ASN E 167 6.51 -12.46 -42.82
N SER E 168 7.04 -12.64 -41.61
CA SER E 168 6.24 -12.72 -40.39
C SER E 168 6.83 -11.94 -39.22
N TRP E 169 6.03 -11.02 -38.64
CA TRP E 169 6.41 -10.15 -37.52
C TRP E 169 5.93 -10.80 -36.21
N THR E 170 6.76 -10.80 -35.19
CA THR E 170 6.32 -11.22 -33.85
C THR E 170 5.43 -10.11 -33.25
N ASP E 171 4.69 -10.48 -32.21
CA ASP E 171 4.04 -9.48 -31.35
C ASP E 171 5.11 -8.78 -30.52
N GLN E 172 4.85 -7.52 -30.15
CA GLN E 172 5.78 -6.75 -29.31
C GLN E 172 6.33 -7.60 -28.16
N ASP E 173 7.66 -7.60 -27.99
CA ASP E 173 8.32 -8.45 -27.00
C ASP E 173 7.96 -7.98 -25.56
N SER E 174 7.66 -8.96 -24.67
CA SER E 174 7.19 -8.67 -23.30
C SER E 174 8.29 -8.18 -22.36
N LYS E 175 9.57 -8.39 -22.73
CA LYS E 175 10.71 -8.00 -21.92
C LYS E 175 11.37 -6.67 -22.35
N ASP E 176 11.48 -6.41 -23.67
CA ASP E 176 12.24 -5.22 -24.12
C ASP E 176 11.45 -4.29 -25.04
N SER E 177 10.19 -4.67 -25.37
CA SER E 177 9.25 -3.90 -26.19
C SER E 177 9.69 -3.77 -27.68
N THR E 178 10.67 -4.57 -28.13
CA THR E 178 11.04 -4.64 -29.55
C THR E 178 10.15 -5.57 -30.40
N TYR E 179 10.30 -5.45 -31.72
CA TYR E 179 9.76 -6.38 -32.71
C TYR E 179 10.89 -7.16 -33.35
N SER E 180 10.56 -8.34 -33.86
CA SER E 180 11.38 -9.19 -34.70
C SER E 180 10.55 -9.60 -35.90
N MET E 181 11.24 -9.87 -37.00
CA MET E 181 10.63 -10.35 -38.23
C MET E 181 11.46 -11.47 -38.87
N SER E 182 10.76 -12.49 -39.36
CA SER E 182 11.27 -13.61 -40.15
C SER E 182 11.00 -13.31 -41.65
N SER E 183 12.00 -13.52 -42.51
CA SER E 183 11.78 -13.48 -43.96
C SER E 183 12.24 -14.79 -44.54
N THR E 184 11.34 -15.48 -45.25
CA THR E 184 11.64 -16.80 -45.84
C THR E 184 11.51 -16.74 -47.34
N LEU E 185 12.60 -17.04 -48.04
CA LEU E 185 12.61 -17.18 -49.49
C LEU E 185 12.51 -18.66 -49.86
N THR E 186 11.40 -19.09 -50.46
CA THR E 186 11.24 -20.49 -50.86
C THR E 186 11.51 -20.72 -52.34
N LEU E 187 12.48 -21.59 -52.64
CA LEU E 187 12.89 -22.02 -53.98
C LEU E 187 12.81 -23.53 -54.08
N THR E 188 12.83 -24.07 -55.31
CA THR E 188 13.08 -25.51 -55.50
C THR E 188 14.57 -25.77 -55.28
N LYS E 189 14.97 -27.03 -54.97
CA LYS E 189 16.38 -27.43 -54.91
C LYS E 189 17.11 -27.06 -56.21
N ASP E 190 16.44 -27.26 -57.37
CA ASP E 190 16.97 -26.96 -58.70
C ASP E 190 17.29 -25.48 -58.90
N GLU E 191 16.34 -24.56 -58.59
CA GLU E 191 16.58 -23.11 -58.64
C GLU E 191 17.75 -22.71 -57.75
N TYR E 192 17.73 -23.21 -56.50
CA TYR E 192 18.73 -22.93 -55.47
C TYR E 192 20.15 -23.24 -55.96
N GLU E 193 20.34 -24.42 -56.55
CA GLU E 193 21.62 -24.93 -57.02
C GLU E 193 22.11 -24.28 -58.32
N ARG E 194 21.25 -23.45 -58.96
CA ARG E 194 21.58 -22.72 -60.20
CA ARG E 194 21.59 -22.73 -60.19
C ARG E 194 22.30 -21.40 -59.89
N HIS E 195 22.40 -21.03 -58.60
CA HIS E 195 22.98 -19.76 -58.14
C HIS E 195 23.95 -19.93 -56.99
N ASN E 196 24.80 -18.92 -56.78
CA ASN E 196 25.89 -18.99 -55.79
C ASN E 196 25.68 -18.09 -54.57
N SER E 197 25.44 -16.80 -54.80
CA SER E 197 25.39 -15.79 -53.75
C SER E 197 23.95 -15.50 -53.39
N TYR E 198 23.65 -15.55 -52.10
CA TYR E 198 22.34 -15.27 -51.50
C TYR E 198 22.46 -14.19 -50.45
N THR E 199 21.68 -13.12 -50.61
CA THR E 199 21.74 -11.95 -49.74
C THR E 199 20.37 -11.55 -49.19
N CYS E 200 20.37 -11.25 -47.91
CA CYS E 200 19.29 -10.66 -47.17
C CYS E 200 19.67 -9.21 -46.79
N GLU E 201 18.88 -8.19 -47.21
CA GLU E 201 19.16 -6.81 -46.81
C GLU E 201 17.99 -6.21 -46.02
N ALA E 202 18.27 -5.67 -44.81
CA ALA E 202 17.25 -5.06 -43.95
C ALA E 202 17.31 -3.52 -44.04
N THR E 203 16.17 -2.87 -44.34
CA THR E 203 16.06 -1.41 -44.36
C THR E 203 15.15 -0.98 -43.23
N HIS E 204 15.64 -0.06 -42.38
CA HIS E 204 15.00 0.36 -41.13
C HIS E 204 15.35 1.80 -40.90
N LYS E 205 14.51 2.57 -40.16
CA LYS E 205 14.77 4.01 -39.98
C LYS E 205 16.04 4.32 -39.19
N THR E 206 16.56 3.35 -38.41
CA THR E 206 17.76 3.55 -37.58
C THR E 206 19.04 3.75 -38.40
N SER E 207 19.02 3.47 -39.71
CA SER E 207 20.19 3.68 -40.57
C SER E 207 19.79 4.04 -42.00
N THR E 208 20.56 4.94 -42.57
CA THR E 208 20.53 5.37 -43.96
C THR E 208 20.98 4.21 -44.87
N SER E 209 21.85 3.33 -44.35
CA SER E 209 22.36 2.21 -45.13
C SER E 209 21.74 0.90 -44.67
N PRO E 210 21.36 0.00 -45.62
CA PRO E 210 20.86 -1.32 -45.21
C PRO E 210 21.88 -2.20 -44.48
N ILE E 211 21.38 -3.07 -43.59
CA ILE E 211 22.18 -4.14 -42.99
C ILE E 211 22.12 -5.35 -43.94
N VAL E 212 23.28 -5.80 -44.43
CA VAL E 212 23.46 -6.85 -45.43
C VAL E 212 24.07 -8.12 -44.80
N LYS E 213 23.37 -9.26 -44.95
CA LYS E 213 23.91 -10.58 -44.59
C LYS E 213 23.83 -11.46 -45.81
N SER E 214 24.92 -12.16 -46.09
CA SER E 214 25.11 -12.97 -47.29
C SER E 214 25.82 -14.28 -46.99
N PHE E 215 25.64 -15.25 -47.89
CA PHE E 215 26.43 -16.47 -47.95
C PHE E 215 26.61 -16.88 -49.39
N ASN E 216 27.68 -17.63 -49.65
CA ASN E 216 27.90 -18.33 -50.92
C ASN E 216 27.56 -19.81 -50.73
N ARG E 217 26.69 -20.33 -51.60
CA ARG E 217 26.21 -21.72 -51.58
C ARG E 217 27.39 -22.68 -51.73
N ASN E 218 28.27 -22.41 -52.71
CA ASN E 218 29.43 -23.24 -53.04
C ASN E 218 30.45 -23.28 -51.88
N GLU E 219 30.88 -22.09 -51.42
CA GLU E 219 31.83 -21.91 -50.32
C GLU E 219 31.24 -22.35 -48.96
N CYS E 220 32.12 -22.70 -48.00
CA CYS E 220 31.83 -22.96 -46.58
C CYS E 220 33.15 -22.92 -45.77
N ASP F 3 -14.43 38.96 -7.05
CA ASP F 3 -13.07 38.45 -6.77
C ASP F 3 -12.12 39.57 -6.37
N ILE F 4 -11.29 39.31 -5.33
CA ILE F 4 -10.24 40.25 -4.96
C ILE F 4 -9.09 40.14 -5.97
N VAL F 5 -8.74 41.28 -6.60
CA VAL F 5 -7.59 41.43 -7.49
C VAL F 5 -6.46 42.10 -6.70
N LEU F 6 -5.25 41.50 -6.75
CA LEU F 6 -4.07 42.08 -6.11
C LEU F 6 -3.19 42.68 -7.18
N THR F 7 -2.86 43.98 -7.06
CA THR F 7 -2.01 44.67 -8.04
C THR F 7 -0.68 45.02 -7.35
N GLN F 8 0.43 44.50 -7.87
CA GLN F 8 1.79 44.80 -7.41
C GLN F 8 2.37 45.93 -8.22
N SER F 9 3.17 46.76 -7.57
CA SER F 9 4.01 47.75 -8.21
C SER F 9 5.36 47.86 -7.50
N PRO F 10 6.47 48.02 -8.26
CA PRO F 10 6.56 47.98 -9.74
C PRO F 10 6.54 46.53 -10.25
N ALA F 11 6.45 46.32 -11.56
CA ALA F 11 6.57 44.98 -12.15
C ALA F 11 8.02 44.50 -12.03
N SER F 12 8.98 45.44 -12.05
CA SER F 12 10.39 45.12 -11.92
C SER F 12 11.13 46.22 -11.14
N LEU F 13 12.11 45.82 -10.33
CA LEU F 13 12.89 46.71 -9.48
C LEU F 13 14.37 46.37 -9.70
N ALA F 14 15.21 47.38 -9.97
CA ALA F 14 16.66 47.18 -10.04
C ALA F 14 17.29 48.07 -9.00
N LEU F 15 18.14 47.49 -8.13
CA LEU F 15 18.72 48.22 -7.00
C LEU F 15 20.13 47.78 -6.77
N SER F 16 20.95 48.64 -6.18
CA SER F 16 22.31 48.26 -5.81
C SER F 16 22.31 47.56 -4.44
N LEU F 17 23.31 46.68 -4.20
CA LEU F 17 23.51 46.09 -2.85
C LEU F 17 23.54 47.17 -1.77
N GLY F 18 22.87 46.90 -0.65
CA GLY F 18 22.86 47.83 0.46
C GLY F 18 21.69 48.80 0.46
N GLN F 19 20.92 48.87 -0.66
CA GLN F 19 19.80 49.81 -0.78
C GLN F 19 18.45 49.19 -0.29
N ARG F 20 17.40 50.03 -0.18
CA ARG F 20 16.07 49.62 0.26
C ARG F 20 15.17 49.22 -0.91
N ALA F 21 14.64 47.97 -0.90
CA ALA F 21 13.60 47.61 -1.87
C ALA F 21 12.23 47.75 -1.24
N THR F 22 11.34 48.51 -1.91
CA THR F 22 9.94 48.68 -1.48
C THR F 22 9.04 48.12 -2.59
N ILE F 23 8.22 47.13 -2.24
CA ILE F 23 7.29 46.49 -3.17
C ILE F 23 5.89 46.67 -2.60
N SER F 24 4.98 47.25 -3.38
CA SER F 24 3.60 47.51 -2.94
C SER F 24 2.66 46.43 -3.49
N CYS F 25 1.61 46.15 -2.72
CA CYS F 25 0.51 45.29 -3.15
C CYS F 25 -0.76 46.06 -2.81
N ARG F 26 -1.58 46.33 -3.82
CA ARG F 26 -2.90 46.91 -3.60
C ARG F 26 -4.00 45.87 -3.86
N ALA F 27 -4.89 45.68 -2.87
CA ALA F 27 -6.07 44.81 -2.99
C ALA F 27 -7.27 45.64 -3.45
N SER F 28 -8.11 45.07 -4.33
CA SER F 28 -9.32 45.71 -4.87
C SER F 28 -10.39 45.94 -3.77
N LYS F 29 -10.39 45.08 -2.76
CA LYS F 29 -11.24 45.18 -1.56
C LYS F 29 -10.32 44.91 -0.35
N SER F 30 -10.75 45.29 0.86
CA SER F 30 -9.99 45.03 2.08
C SER F 30 -9.81 43.53 2.32
N VAL F 31 -8.60 43.16 2.80
CA VAL F 31 -8.28 41.78 3.18
C VAL F 31 -8.14 41.65 4.70
N SER F 32 -8.46 42.76 5.40
CA SER F 32 -8.47 42.84 6.85
C SER F 32 -9.85 42.56 7.41
N THR F 33 -9.92 41.69 8.44
CA THR F 33 -11.12 41.35 9.21
C THR F 33 -10.77 40.91 10.64
N SER F 34 -11.47 41.50 11.63
CA SER F 34 -11.37 41.17 13.06
C SER F 34 -9.92 41.25 13.61
N GLY F 35 -9.27 42.37 13.32
CA GLY F 35 -7.90 42.63 13.76
C GLY F 35 -6.75 42.00 12.97
N TYR F 36 -7.06 41.07 12.01
CA TYR F 36 -6.04 40.42 11.14
C TYR F 36 -6.12 40.87 9.68
N SER F 37 -4.95 41.03 9.02
CA SER F 37 -4.87 41.21 7.57
C SER F 37 -4.38 39.90 6.94
N TYR F 38 -5.20 39.33 6.04
CA TYR F 38 -4.94 38.05 5.40
C TYR F 38 -4.10 38.24 4.16
N MET F 39 -2.85 38.73 4.39
CA MET F 39 -1.85 39.13 3.41
C MET F 39 -0.58 38.35 3.67
N TYR F 40 0.04 37.84 2.60
CA TYR F 40 1.21 36.96 2.63
C TYR F 40 2.18 37.38 1.49
N TRP F 41 3.50 37.27 1.73
CA TRP F 41 4.51 37.55 0.72
C TRP F 41 5.36 36.33 0.53
N TYR F 42 5.66 36.02 -0.74
CA TYR F 42 6.51 34.87 -1.11
C TYR F 42 7.65 35.33 -1.98
N GLN F 43 8.77 34.62 -1.88
CA GLN F 43 9.93 34.77 -2.75
C GLN F 43 9.95 33.52 -3.65
N GLN F 44 10.18 33.72 -4.97
CA GLN F 44 10.43 32.58 -5.87
C GLN F 44 11.66 32.76 -6.77
N LYS F 45 12.54 31.77 -6.76
CA LYS F 45 13.69 31.72 -7.66
C LYS F 45 13.41 30.65 -8.75
N PRO F 46 13.91 30.82 -10.01
CA PRO F 46 13.60 29.83 -11.07
C PRO F 46 13.94 28.39 -10.73
N GLY F 47 12.99 27.47 -11.02
CA GLY F 47 13.12 26.02 -10.76
C GLY F 47 12.80 25.63 -9.31
N GLN F 48 12.29 26.57 -8.52
CA GLN F 48 12.00 26.32 -7.10
C GLN F 48 10.56 26.69 -6.82
N PRO F 49 9.89 26.05 -5.82
CA PRO F 49 8.60 26.57 -5.38
C PRO F 49 8.72 27.94 -4.69
N PRO F 50 7.63 28.73 -4.62
CA PRO F 50 7.65 29.92 -3.77
C PRO F 50 7.95 29.58 -2.29
N LYS F 51 8.59 30.50 -1.57
CA LYS F 51 8.88 30.39 -0.15
C LYS F 51 8.17 31.53 0.59
N LEU F 52 7.37 31.20 1.63
CA LEU F 52 6.69 32.17 2.45
C LEU F 52 7.68 33.05 3.23
N LEU F 53 7.56 34.35 3.09
CA LEU F 53 8.43 35.29 3.83
C LEU F 53 7.72 35.93 4.99
N ILE F 54 6.49 36.41 4.73
CA ILE F 54 5.69 37.24 5.62
C ILE F 54 4.31 36.65 5.65
N TYR F 55 3.75 36.45 6.86
CA TYR F 55 2.37 36.02 7.02
C TYR F 55 1.57 37.03 7.83
N LEU F 56 0.27 37.12 7.58
CA LEU F 56 -0.64 38.08 8.23
C LEU F 56 -0.08 39.51 8.21
N ALA F 57 0.34 39.97 7.00
CA ALA F 57 0.83 41.32 6.65
C ALA F 57 2.20 41.70 7.21
N SER F 58 2.53 41.30 8.44
CA SER F 58 3.65 41.91 9.16
C SER F 58 4.54 40.97 9.93
N ASN F 59 4.27 39.66 9.89
CA ASN F 59 5.04 38.71 10.69
C ASN F 59 6.03 37.97 9.81
N LEU F 60 7.31 38.04 10.20
CA LEU F 60 8.42 37.36 9.55
C LEU F 60 8.34 35.85 9.84
N GLU F 61 8.34 35.04 8.75
CA GLU F 61 8.35 33.59 8.87
C GLU F 61 9.69 33.12 9.50
N SER F 62 9.68 31.98 10.20
CA SER F 62 10.91 31.39 10.79
C SER F 62 11.99 31.15 9.74
N GLY F 63 13.21 31.56 10.05
CA GLY F 63 14.36 31.36 9.18
C GLY F 63 14.47 32.37 8.06
N VAL F 64 13.64 33.44 8.09
CA VAL F 64 13.68 34.51 7.07
C VAL F 64 14.55 35.65 7.69
N PRO F 65 15.60 36.14 6.96
CA PRO F 65 16.45 37.22 7.56
C PRO F 65 15.67 38.47 7.92
N ALA F 66 16.15 39.19 8.93
CA ALA F 66 15.53 40.38 9.51
C ALA F 66 15.52 41.60 8.55
N ARG F 67 16.32 41.55 7.47
CA ARG F 67 16.24 42.56 6.41
C ARG F 67 14.86 42.62 5.72
N PHE F 68 14.05 41.53 5.81
CA PHE F 68 12.68 41.49 5.26
C PHE F 68 11.68 42.00 6.28
N SER F 69 10.75 42.85 5.83
CA SER F 69 9.65 43.31 6.69
C SER F 69 8.41 43.55 5.86
N GLY F 70 7.26 43.39 6.49
CA GLY F 70 6.00 43.70 5.84
C GLY F 70 5.16 44.63 6.69
N SER F 71 4.34 45.45 6.05
CA SER F 71 3.39 46.33 6.74
C SER F 71 2.17 46.57 5.87
N GLY F 72 1.16 47.19 6.47
CA GLY F 72 -0.08 47.56 5.82
C GLY F 72 -1.29 46.95 6.48
N SER F 73 -2.48 47.40 6.06
CA SER F 73 -3.80 46.97 6.53
C SER F 73 -4.83 47.37 5.44
N GLY F 74 -5.99 46.72 5.46
CA GLY F 74 -7.06 46.99 4.52
C GLY F 74 -6.73 46.64 3.08
N THR F 75 -6.42 47.65 2.26
CA THR F 75 -6.18 47.47 0.82
C THR F 75 -4.72 47.68 0.42
N ASP F 76 -3.90 48.27 1.30
CA ASP F 76 -2.55 48.73 0.91
C ASP F 76 -1.48 48.08 1.76
N PHE F 77 -0.53 47.43 1.09
CA PHE F 77 0.47 46.56 1.74
C PHE F 77 1.83 46.78 1.14
N THR F 78 2.87 46.64 1.95
CA THR F 78 4.25 46.84 1.50
C THR F 78 5.14 45.71 1.96
N LEU F 79 6.04 45.27 1.08
CA LEU F 79 7.20 44.46 1.47
C LEU F 79 8.46 45.32 1.34
N ASN F 80 9.24 45.36 2.44
CA ASN F 80 10.55 46.03 2.46
C ASN F 80 11.67 45.04 2.58
N ILE F 81 12.74 45.33 1.85
CA ILE F 81 14.03 44.64 1.93
C ILE F 81 15.13 45.70 2.12
N HIS F 82 15.77 45.67 3.27
CA HIS F 82 16.81 46.64 3.63
C HIS F 82 17.77 46.09 4.68
N PRO F 83 19.09 46.00 4.38
CA PRO F 83 19.75 46.25 3.08
C PRO F 83 19.56 45.07 2.15
N VAL F 84 19.39 45.35 0.85
CA VAL F 84 19.29 44.31 -0.17
C VAL F 84 20.63 43.61 -0.28
N GLU F 85 20.62 42.31 -0.49
CA GLU F 85 21.82 41.49 -0.68
C GLU F 85 21.72 40.73 -2.01
N GLU F 86 22.82 40.10 -2.48
CA GLU F 86 22.86 39.40 -3.78
C GLU F 86 21.76 38.31 -3.91
N GLU F 87 21.58 37.52 -2.86
CA GLU F 87 20.61 36.40 -2.85
C GLU F 87 19.14 36.89 -2.85
N ASP F 88 18.91 38.20 -2.72
CA ASP F 88 17.55 38.75 -2.83
C ASP F 88 17.02 38.87 -4.27
N ALA F 89 17.90 38.69 -5.31
CA ALA F 89 17.49 38.68 -6.72
C ALA F 89 16.57 37.46 -6.89
N ALA F 90 15.29 37.74 -7.20
CA ALA F 90 14.19 36.79 -7.16
C ALA F 90 12.93 37.51 -7.64
N THR F 91 11.83 36.77 -7.84
CA THR F 91 10.47 37.36 -8.00
C THR F 91 9.69 37.26 -6.67
N TYR F 92 8.93 38.28 -6.35
CA TYR F 92 8.20 38.44 -5.10
C TYR F 92 6.74 38.55 -5.44
N TYR F 93 5.90 37.79 -4.70
CA TYR F 93 4.44 37.78 -4.89
C TYR F 93 3.74 38.08 -3.62
N CYS F 94 2.74 38.95 -3.68
CA CYS F 94 1.77 39.03 -2.62
C CYS F 94 0.62 38.03 -2.84
N GLN F 95 -0.12 37.72 -1.77
CA GLN F 95 -1.19 36.73 -1.80
C GLN F 95 -2.21 37.04 -0.68
N HIS F 96 -3.50 36.82 -0.93
CA HIS F 96 -4.54 36.95 0.10
C HIS F 96 -5.27 35.61 0.36
N SER F 97 -5.72 35.41 1.62
CA SER F 97 -6.61 34.33 2.05
C SER F 97 -7.87 34.93 2.72
N ARG F 98 -8.39 36.06 2.21
CA ARG F 98 -9.52 36.75 2.83
C ARG F 98 -10.86 36.08 2.52
N GLU F 99 -11.07 35.70 1.23
CA GLU F 99 -12.29 35.05 0.77
C GLU F 99 -12.05 34.37 -0.59
N LEU F 100 -12.95 33.44 -0.97
CA LEU F 100 -12.91 32.73 -2.24
C LEU F 100 -13.10 33.65 -3.46
N PRO F 101 -12.25 33.57 -4.51
CA PRO F 101 -11.02 32.75 -4.60
C PRO F 101 -9.83 33.42 -3.93
N TRP F 102 -8.91 32.60 -3.42
CA TRP F 102 -7.64 33.11 -2.97
C TRP F 102 -6.80 33.44 -4.18
N THR F 103 -6.12 34.60 -4.18
CA THR F 103 -5.36 35.06 -5.35
C THR F 103 -3.99 35.59 -4.97
N PHE F 104 -3.10 35.66 -5.97
CA PHE F 104 -1.74 36.17 -5.91
C PHE F 104 -1.65 37.46 -6.73
N GLY F 105 -0.73 38.37 -6.35
CA GLY F 105 -0.34 39.48 -7.19
C GLY F 105 0.42 39.01 -8.42
N GLY F 106 0.68 39.93 -9.34
CA GLY F 106 1.32 39.62 -10.62
C GLY F 106 2.81 39.36 -10.56
N GLY F 107 3.45 39.62 -9.42
CA GLY F 107 4.90 39.45 -9.30
C GLY F 107 5.68 40.74 -9.52
N THR F 108 6.78 40.87 -8.77
CA THR F 108 7.80 41.91 -8.89
C THR F 108 9.15 41.21 -8.96
N LYS F 109 9.83 41.38 -10.10
CA LYS F 109 11.19 40.85 -10.26
C LYS F 109 12.18 41.86 -9.73
N LEU F 110 13.02 41.44 -8.79
CA LEU F 110 14.07 42.27 -8.23
C LEU F 110 15.40 41.86 -8.86
N GLU F 111 16.13 42.83 -9.42
CA GLU F 111 17.46 42.63 -10.01
C GLU F 111 18.47 43.52 -9.32
N ILE F 112 19.71 43.04 -9.23
CA ILE F 112 20.78 43.76 -8.59
C ILE F 112 21.64 44.51 -9.63
N ASN F 113 21.87 45.82 -9.39
CA ASN F 113 22.79 46.68 -10.12
C ASN F 113 24.16 46.54 -9.45
N ARG F 114 25.21 46.29 -10.22
CA ARG F 114 26.55 46.03 -9.66
C ARG F 114 27.60 46.60 -10.62
N ALA F 115 28.90 46.38 -10.36
CA ALA F 115 29.99 46.76 -11.31
C ALA F 115 30.01 45.93 -12.61
N ASP F 116 30.42 46.56 -13.73
CA ASP F 116 30.73 45.86 -14.98
C ASP F 116 31.70 44.69 -14.80
N ALA F 117 31.49 43.61 -15.56
CA ALA F 117 32.30 42.40 -15.50
C ALA F 117 32.34 41.74 -16.88
N ALA F 118 33.56 41.45 -17.37
CA ALA F 118 33.79 40.81 -18.66
C ALA F 118 33.37 39.36 -18.61
N PRO F 119 32.78 38.79 -19.68
CA PRO F 119 32.45 37.34 -19.65
C PRO F 119 33.73 36.47 -19.67
N THR F 120 33.70 35.33 -18.98
CA THR F 120 34.72 34.31 -19.19
C THR F 120 34.18 33.37 -20.29
N VAL F 121 34.93 33.25 -21.41
CA VAL F 121 34.49 32.50 -22.60
C VAL F 121 35.18 31.13 -22.69
N SER F 122 34.41 30.05 -22.88
CA SER F 122 34.92 28.69 -23.06
C SER F 122 34.23 28.01 -24.23
N ILE F 123 35.02 27.40 -25.13
CA ILE F 123 34.53 26.65 -26.31
C ILE F 123 34.74 25.13 -26.13
N PHE F 124 33.73 24.33 -26.57
CA PHE F 124 33.75 22.87 -26.45
C PHE F 124 33.43 22.20 -27.77
N PRO F 125 34.40 21.44 -28.35
CA PRO F 125 34.11 20.64 -29.54
C PRO F 125 33.07 19.56 -29.26
N PRO F 126 32.43 18.95 -30.28
CA PRO F 126 31.55 17.79 -29.99
C PRO F 126 32.27 16.72 -29.18
N SER F 127 31.55 16.12 -28.24
CA SER F 127 32.04 14.92 -27.55
C SER F 127 32.15 13.76 -28.54
N SER F 128 33.08 12.82 -28.26
CA SER F 128 33.27 11.65 -29.13
C SER F 128 32.04 10.74 -29.14
N GLU F 129 31.32 10.64 -28.00
CA GLU F 129 30.02 9.95 -27.88
C GLU F 129 28.99 10.52 -28.86
N GLN F 130 28.85 11.87 -28.92
CA GLN F 130 27.91 12.49 -29.85
C GLN F 130 28.27 12.25 -31.31
N LEU F 131 29.56 12.38 -31.65
CA LEU F 131 30.05 12.14 -33.02
C LEU F 131 29.75 10.71 -33.50
N THR F 132 29.92 9.71 -32.60
CA THR F 132 29.53 8.31 -32.81
C THR F 132 28.04 8.18 -33.26
N SER F 133 27.13 9.00 -32.67
CA SER F 133 25.70 9.00 -32.99
C SER F 133 25.30 9.78 -34.27
N GLY F 134 26.26 10.46 -34.91
CA GLY F 134 26.05 11.19 -36.16
C GLY F 134 25.77 12.67 -36.01
N GLY F 135 25.78 13.15 -34.76
CA GLY F 135 25.55 14.54 -34.42
C GLY F 135 26.83 15.28 -34.09
N ALA F 136 26.77 16.61 -34.12
CA ALA F 136 27.89 17.49 -33.78
C ALA F 136 27.41 18.86 -33.28
N SER F 137 27.33 19.01 -31.94
CA SER F 137 27.08 20.31 -31.31
C SER F 137 28.38 20.91 -30.85
N VAL F 138 28.57 22.21 -31.14
CA VAL F 138 29.68 23.02 -30.62
C VAL F 138 29.14 23.96 -29.57
N VAL F 139 29.70 23.88 -28.35
CA VAL F 139 29.16 24.59 -27.19
C VAL F 139 30.09 25.72 -26.78
N CYS F 140 29.50 26.91 -26.56
CA CYS F 140 30.21 28.07 -26.07
C CYS F 140 29.53 28.68 -24.82
N PHE F 141 30.27 28.77 -23.70
CA PHE F 141 29.82 29.41 -22.46
C PHE F 141 30.43 30.80 -22.33
N LEU F 142 29.59 31.80 -22.00
CA LEU F 142 29.99 33.18 -21.72
C LEU F 142 29.52 33.41 -20.28
N ASN F 143 30.45 33.27 -19.33
CA ASN F 143 30.06 33.20 -17.92
C ASN F 143 30.45 34.43 -17.14
N ASN F 144 29.54 34.84 -16.23
CA ASN F 144 29.76 35.77 -15.12
C ASN F 144 30.06 37.17 -15.61
N PHE F 145 29.17 37.68 -16.45
CA PHE F 145 29.32 39.00 -17.01
C PHE F 145 28.25 39.93 -16.45
N TYR F 146 28.55 41.21 -16.50
CA TYR F 146 27.61 42.24 -16.15
C TYR F 146 27.97 43.49 -16.94
N PRO F 147 26.99 44.24 -17.50
CA PRO F 147 25.53 43.98 -17.54
C PRO F 147 25.12 42.84 -18.47
N LYS F 148 23.84 42.44 -18.41
CA LYS F 148 23.30 41.29 -19.14
C LYS F 148 23.39 41.44 -20.68
N ASP F 149 23.45 42.67 -21.22
CA ASP F 149 23.56 42.92 -22.68
C ASP F 149 24.87 42.40 -23.23
N ILE F 150 24.75 41.53 -24.21
CA ILE F 150 25.90 40.85 -24.85
C ILE F 150 25.48 40.34 -26.22
N ASN F 151 26.46 40.20 -27.12
CA ASN F 151 26.25 39.55 -28.41
C ASN F 151 27.28 38.44 -28.62
N VAL F 152 26.86 37.34 -29.25
CA VAL F 152 27.72 36.21 -29.57
C VAL F 152 27.66 35.96 -31.08
N LYS F 153 28.81 35.64 -31.68
CA LYS F 153 28.95 35.39 -33.13
C LYS F 153 29.70 34.09 -33.28
N TRP F 154 29.22 33.22 -34.15
CA TRP F 154 29.93 32.01 -34.52
C TRP F 154 30.58 32.24 -35.87
N LYS F 155 31.80 31.72 -36.02
CA LYS F 155 32.53 31.67 -37.29
C LYS F 155 33.01 30.24 -37.59
N ILE F 156 32.80 29.79 -38.84
CA ILE F 156 33.28 28.50 -39.31
C ILE F 156 34.19 28.77 -40.51
N ASP F 157 35.50 28.42 -40.39
CA ASP F 157 36.54 28.74 -41.37
C ASP F 157 36.46 30.23 -41.82
N GLY F 158 36.33 31.11 -40.82
CA GLY F 158 36.28 32.56 -41.01
C GLY F 158 35.01 33.14 -41.62
N SER F 159 33.94 32.32 -41.76
CA SER F 159 32.64 32.78 -42.25
C SER F 159 31.63 32.72 -41.12
N GLU F 160 30.86 33.81 -40.95
CA GLU F 160 29.81 33.91 -39.94
C GLU F 160 28.70 32.89 -40.17
N ARG F 161 28.31 32.18 -39.12
CA ARG F 161 27.27 31.18 -39.16
C ARG F 161 26.11 31.58 -38.23
N GLN F 162 24.90 31.76 -38.79
CA GLN F 162 23.71 32.16 -38.03
C GLN F 162 22.72 31.02 -37.79
N ASN F 163 22.54 30.13 -38.79
CA ASN F 163 21.60 29.02 -38.73
C ASN F 163 22.11 27.91 -37.83
N GLY F 164 21.20 27.27 -37.09
CA GLY F 164 21.53 26.20 -36.16
C GLY F 164 22.11 26.65 -34.83
N VAL F 165 22.02 27.97 -34.51
CA VAL F 165 22.50 28.54 -33.24
C VAL F 165 21.39 28.71 -32.23
N LEU F 166 21.50 28.04 -31.08
CA LEU F 166 20.55 28.24 -29.98
C LEU F 166 21.16 28.80 -28.71
N ASN F 167 20.55 29.88 -28.24
CA ASN F 167 21.06 30.61 -27.08
C ASN F 167 20.20 30.39 -25.85
N SER F 168 20.83 30.28 -24.70
CA SER F 168 20.08 30.24 -23.43
C SER F 168 20.76 31.14 -22.38
N TRP F 169 19.98 31.78 -21.50
CA TRP F 169 20.47 32.74 -20.50
C TRP F 169 20.02 32.35 -19.08
N THR F 170 20.94 32.32 -18.14
CA THR F 170 20.63 32.16 -16.72
C THR F 170 19.93 33.41 -16.17
N ASP F 171 19.20 33.25 -15.06
CA ASP F 171 18.73 34.40 -14.29
C ASP F 171 19.92 34.94 -13.50
N GLN F 172 19.82 36.16 -13.01
CA GLN F 172 20.93 36.78 -12.26
C GLN F 172 21.45 35.85 -11.13
N ASP F 173 22.77 35.65 -11.03
CA ASP F 173 23.43 34.78 -10.07
C ASP F 173 23.20 35.24 -8.61
N SER F 174 22.89 34.30 -7.70
CA SER F 174 22.52 34.61 -6.32
C SER F 174 23.72 35.00 -5.45
N LYS F 175 24.94 34.71 -5.90
CA LYS F 175 26.18 35.00 -5.17
C LYS F 175 26.89 36.24 -5.65
N ASP F 176 26.98 36.46 -6.97
CA ASP F 176 27.80 37.57 -7.44
C ASP F 176 27.04 38.54 -8.35
N SER F 177 25.71 38.27 -8.58
CA SER F 177 24.81 39.15 -9.35
C SER F 177 25.16 39.29 -10.84
N THR F 178 26.00 38.36 -11.37
CA THR F 178 26.32 38.34 -12.79
C THR F 178 25.25 37.52 -13.54
N TYR F 179 25.36 37.54 -14.88
CA TYR F 179 24.61 36.76 -15.88
C TYR F 179 25.55 35.80 -16.63
N SER F 180 25.00 34.69 -17.09
CA SER F 180 25.70 33.73 -17.96
C SER F 180 24.84 33.39 -19.19
N MET F 181 25.49 32.88 -20.21
CA MET F 181 24.89 32.56 -21.51
C MET F 181 25.57 31.32 -22.05
N SER F 182 24.75 30.41 -22.58
CA SER F 182 25.17 29.28 -23.40
C SER F 182 24.81 29.58 -24.85
N SER F 183 25.74 29.35 -25.75
CA SER F 183 25.45 29.37 -27.18
C SER F 183 25.88 28.04 -27.79
N THR F 184 24.94 27.37 -28.49
CA THR F 184 25.15 26.03 -29.04
C THR F 184 24.89 26.01 -30.53
N LEU F 185 25.91 25.66 -31.30
CA LEU F 185 25.82 25.48 -32.74
C LEU F 185 25.65 24.00 -33.08
N THR F 186 24.47 23.63 -33.59
CA THR F 186 24.20 22.24 -33.98
C THR F 186 24.35 21.99 -35.48
N LEU F 187 25.26 21.07 -35.83
CA LEU F 187 25.57 20.61 -37.20
C LEU F 187 25.42 19.10 -37.28
N THR F 188 25.34 18.54 -38.49
CA THR F 188 25.49 17.10 -38.67
C THR F 188 26.99 16.75 -38.53
N LYS F 189 27.32 15.46 -38.24
CA LYS F 189 28.70 14.98 -38.23
C LYS F 189 29.40 15.29 -39.57
N ASP F 190 28.64 15.11 -40.69
CA ASP F 190 29.12 15.37 -42.04
C ASP F 190 29.51 16.83 -42.29
N GLU F 191 28.64 17.80 -41.96
CA GLU F 191 28.94 19.23 -42.03
C GLU F 191 30.16 19.58 -41.20
N TYR F 192 30.20 19.11 -39.93
CA TYR F 192 31.26 19.34 -38.97
C TYR F 192 32.63 18.95 -39.53
N GLU F 193 32.72 17.75 -40.10
CA GLU F 193 33.95 17.19 -40.66
C GLU F 193 34.39 17.81 -41.99
N ARG F 194 33.57 18.70 -42.58
CA ARG F 194 33.88 19.41 -43.82
C ARG F 194 34.63 20.72 -43.57
N HIS F 195 34.80 21.08 -42.27
CA HIS F 195 35.45 22.33 -41.87
C HIS F 195 36.49 22.10 -40.77
N ASN F 196 37.41 23.07 -40.62
CA ASN F 196 38.57 22.96 -39.73
C ASN F 196 38.42 23.86 -38.52
N SER F 197 38.21 25.14 -38.75
CA SER F 197 38.28 26.16 -37.72
C SER F 197 36.88 26.58 -37.21
N TYR F 198 36.67 26.45 -35.88
CA TYR F 198 35.43 26.82 -35.21
C TYR F 198 35.68 27.90 -34.19
N THR F 199 34.94 29.01 -34.28
CA THR F 199 35.12 30.18 -33.40
C THR F 199 33.82 30.68 -32.77
N CYS F 200 33.88 30.98 -31.47
CA CYS F 200 32.86 31.69 -30.71
C CYS F 200 33.44 33.08 -30.32
N GLU F 201 32.77 34.19 -30.72
CA GLU F 201 33.18 35.56 -30.34
C GLU F 201 32.12 36.26 -29.49
N ALA F 202 32.52 36.73 -28.30
CA ALA F 202 31.67 37.50 -27.38
C ALA F 202 31.98 39.01 -27.48
N THR F 203 30.96 39.82 -27.82
CA THR F 203 31.06 41.28 -27.76
C THR F 203 30.22 41.89 -26.61
N HIS F 204 30.92 42.56 -25.72
CA HIS F 204 30.40 43.09 -24.45
C HIS F 204 31.04 44.44 -24.23
N LYS F 205 30.31 45.36 -23.57
CA LYS F 205 30.74 46.74 -23.35
C LYS F 205 32.02 46.89 -22.54
N THR F 206 32.43 45.85 -21.77
CA THR F 206 33.69 45.89 -20.99
C THR F 206 34.98 45.95 -21.85
N SER F 207 34.88 45.66 -23.15
CA SER F 207 36.02 45.74 -24.05
C SER F 207 35.61 46.14 -25.46
N THR F 208 36.47 46.97 -26.06
CA THR F 208 36.40 47.41 -27.45
C THR F 208 36.61 46.22 -28.38
N SER F 209 37.39 45.24 -27.95
CA SER F 209 37.67 44.06 -28.77
C SER F 209 36.88 42.83 -28.28
N PRO F 210 36.28 42.04 -29.20
CA PRO F 210 35.59 40.81 -28.77
C PRO F 210 36.50 39.79 -28.09
N ILE F 211 35.93 38.96 -27.21
CA ILE F 211 36.65 37.79 -26.68
C ILE F 211 36.46 36.60 -27.64
N VAL F 212 37.57 36.12 -28.25
CA VAL F 212 37.59 35.09 -29.28
C VAL F 212 38.14 33.78 -28.68
N LYS F 213 37.34 32.71 -28.76
CA LYS F 213 37.79 31.34 -28.46
C LYS F 213 37.55 30.48 -29.66
N SER F 214 38.60 29.74 -30.04
CA SER F 214 38.63 28.92 -31.24
C SER F 214 39.26 27.57 -30.96
N PHE F 215 38.96 26.62 -31.85
CA PHE F 215 39.67 25.35 -31.97
C PHE F 215 39.72 24.93 -33.42
N ASN F 216 40.73 24.13 -33.77
CA ASN F 216 40.82 23.47 -35.06
C ASN F 216 40.45 22.04 -34.86
N ARG F 217 39.45 21.56 -35.62
CA ARG F 217 38.94 20.18 -35.59
C ARG F 217 40.09 19.16 -35.73
N ASN F 218 41.06 19.47 -36.60
CA ASN F 218 42.21 18.59 -36.82
C ASN F 218 43.18 18.62 -35.62
N GLU F 219 44.01 19.68 -35.52
CA GLU F 219 45.17 19.79 -34.63
C GLU F 219 44.89 19.92 -33.12
N CYS F 220 43.92 19.11 -32.60
CA CYS F 220 43.47 19.05 -31.21
C CYS F 220 43.17 20.43 -30.58
#